data_9CXA
#
_entry.id   9CXA
#
_cell.length_a   1.00
_cell.length_b   1.00
_cell.length_c   1.00
_cell.angle_alpha   90.00
_cell.angle_beta   90.00
_cell.angle_gamma   90.00
#
_symmetry.space_group_name_H-M   'P 1'
#
loop_
_entity.id
_entity.type
_entity.pdbx_description
1 polymer 'Gamma-aminobutyric acid receptor subunit beta-2'
2 polymer 'Gamma-aminobutyric acid receptor subunit alpha-1'
3 polymer 'Gamma-aminobutyric acid receptor subunit beta-3'
4 polymer 'Gamma-aminobutyric acid receptor subunit gamma-2'
5 polymer 'Kappa Fab_1F4 Light Chain'
6 polymer 'IgG2b Fab_1F4 Heavy Chain'
7 branched beta-D-mannopyranose-(1-4)-2-acetamido-2-deoxy-beta-D-glucopyranose-(1-4)-2-acetamido-2-deoxy-beta-D-glucopyranose
8 branched 2-acetamido-2-deoxy-beta-D-glucopyranose-(1-4)-2-acetamido-2-deoxy-beta-D-glucopyranose
9 branched alpha-D-mannopyranose-(1-2)-alpha-D-mannopyranose-(1-3)-[alpha-D-mannopyranose-(1-3)-alpha-D-mannopyranose-(1-6)]beta-D-mannopyranose-(1-4)-2-acetamido-2-deoxy-beta-D-glucopyranose-(1-4)-2-acetamido-2-deoxy-beta-D-glucopyranose
10 non-polymer 'GAMMA-AMINO-BUTANOIC ACID'
11 non-polymer '[(2R)-2-octanoyloxy-3-[oxidanyl-[(1R,2R,3S,4R,5R,6S)-2,3,6-tris(oxidanyl)-4,5-diphosphonooxy-cyclohexyl]oxy-phosphoryl]oxy-propyl] octanoate'
12 non-polymer '(2S)-3-(hexadecanoyloxy)-2-[(9Z)-octadec-9-enoyloxy]propyl 2-(trimethylammonio)ethyl phosphate'
13 non-polymer 2-acetamido-2-deoxy-beta-D-glucopyranose
#
loop_
_entity_poly.entity_id
_entity_poly.type
_entity_poly.pdbx_seq_one_letter_code
_entity_poly.pdbx_strand_id
1 'polypeptide(L)'
;MWRVRKRGYFGIWSFPLIIAAVCAQSVNDPSNMSLVKETVDRLLKGYDIRLRPDFGGPPVAVGMNIDIASIDMVSEVNMD
YTLTMYFQQAWRDKRLSYNVIPLNLTLDNRVADQLWVPDTYFLNDKKSFVHGVTVKNRMIRLHPDGTVLYGLRITTTAAC
MMDLRRYPLDEQNCTLEIESYGYTTDDIEFYWRGDDNAVTGVTKIELPQFSIVDYKLITKKVVFSTGSYPRLSLSFKLKR
NIGYFILQTYMPSILITILSWVSFWINYDASAARVALGITTVLTMTTINTHLRETLPKIPYVKAIDMYLMGCFVFVFMAL
LEYALVNYIFFGRGPQRQKKAAEKAASANNEKMRLDVNKIFYKDIKQNGTQYRSLWDPTGNLSPTRRTTNYDFSLYTMDP
HENILLSTLEIKNEMATSEAVMGLGDPRSTMLAYDASSIQYRKAGLPRHSFGRNALERHVAQKKSRLRRRASQLKITIPD
LTDVNAIDRWSRIFFPVVFSFFNIVYWLYYVN
;
A
2 'polypeptide(L)'
;MRKSPGLSDCLWAWILLLSTLTGRSYGQPSLQDELKDNTTVFTRILDRLLDGYDNRLRPGLGERVTEVKTDIFVTSFGPV
SDHDMEYTIDVFFRQSWKDERLKFKGPMTVLRLNNLMASKIWTPDTFFHNGKKSVAHNMTMPNKLLRITEDGTLLYTMRL
TVRAECPMHLEDFPMDAHACPLKFGSYAYTRAEVVYEWTREPARSVVVAEDGSRLNQYDLLGQTVDSGIVQSSTGEYVVM
TTHFHLKRKIGYFVIQTYLPCIMTVILSQVSFWLNRESVPARTVFGVTTVLTMTTLSISARNSLPKVAYATAMDWFIAVC
YAFVFSALIEFATVNYFTKRGYAWDGKSVVPEKPKKVKDPLIKKNNTYAPTATSYTPNLARGDPGLATIAKSATIEPKEV
KPETKPPEPKKTFNSVSKIDRLSRIAFPLLFGIFNLVYWATYLNREPQLKAPTPHQ
;
B,D
3 'polypeptide(L)'
;MWGLAGGRLFGIFSAPVLVAVVCCAQSVNDPGNMSFVKETVDKLLKGYDIRLRPDFGGPPVCVGMNIDIASIDMVSEVNM
DYTLTMYFQQYWRDKRLAYSGIPLNLTLDNRVADQLWVPDTYFLNDKKSFVHGVTVKNRMIRLHPDGTVLYGLRITTTAA
CMMDLRRYPLDEQNCTLEIESYGYTTDDIEFYWRGGDKAVTGVERIELPQFSIVEHRLVSRNVVFATGAYPRLSLSFRLK
RNIGYFILQTYMPSILITILSWVSFWINYDASAARVALGITTVLTMTTINTHLRETLPKIPYVKAIDMYLMGCFVFVFLA
LLEYAFVNYIFFGRGPQRQKKLAEKTAKAKNDRSKSESNRVDAHGNILLTSLEVHNEMNEVSGGIGDTRNSAISFDNSGI
QYRKQSMPREGHGRFLGDRSLPHKKTHLRRRSSQLKIKIPDLTDVNAIDRWSRIVFPFTFSLFNLVYWLYYVN
;
C
4 'polypeptide(L)'
;MSSPNIWSTGSSVYSTPVFSQKMTVWILLLLSLYPGFTSQKSDDDYEDYASNKTWVLTPKVPEGDVTVILNNLLEGYDNK
LRPDIGVKPTLIHTDMYVNSIGPVNAINMEYTIDIFFAQTWYDRRLKFNSTIKVLRLNSNMVGKIWIPDTFFRNSKKADA
HWITTPNRMLRIWNDGRVLYTLRLTIDAECQLQLHNFPMDEHSCPLEFSSYGYPREEIVYQWKRSSVEVGDTRSWRLYQF
SFVGLRNTTEVVKTTSGDYVVMSVYFDLSRRMGYFTIQTYIPCTLIVVLSWVSFWINKDAVPARTSLGITTVLTMTTLST
IARKSLPKVSYVTAMDLFVSVCFIFVFSALVEYGTLHYFVSNRKPSKDKDKKKKNPLLRMFSFKAPTIDIRPRSATIQMN
NATHLQERDEEYGYECLDGKDCASFFCCFEDCRTGAWRHGRIHIRIAKMDSYARIFFPTAFCLFNLVYWVSYLYL
;
E
5 'polypeptide(L)'
;MGWSCIILFLVATATGVHSNIVMTQSPKSMSMSVGERVTLSCKASEYVGTYVSWYQQKPEQSPKLLIYGASNRYTGVPDR
FTGSGSATDFTLTIGSVQAEDLADYHCGQSYSYPTFGAGTKLELKLEIKRTVAAPSVFIFPPSDEQLKSGTASVVCLLNN
FYPREAKVQWKVDNALQSGNSQESVTEQDSKDSTYSLSSTLTLSKADYEKHKVYACEVTHQGLSSPVTKSFNRGECDYKD
HDGDYKDHDIDYKDDDDK
;
I,L
6 'polypeptide(L)'
;EVQLQQSGAELVKPGASVKLSCTASGFNIKDTYMYWVKQRPEQGLEWIGRIDPANGDTKYDPKFQGKATITTDTFSNTAY
LQLSSLTSEDTAVYYCARKGLRWAMDYWGQGTSVTVSTAKTTPPSVYPLAPGCGDTTGSSVTLGCLVKGYFPESVTVTWN
SGSLSSSVHTFPALLQSGLYTMSSSVTVPSSTWPSQTVTCSVAHPASSTTVDKKLEPSGPISTINPCPPCKECHKCPAPN
LEGGPSVFIFPPNIKDVLMISLTPKVTCVVVDVSEDDPDVQISWFVNNVEVHTAQTQTHREDYNSTIRVVSTLPIQHQDW
MSGKEFKCKVNNKDLPSPIERTISKIKGLVRAPQVYILPPPAEQLSRKDVSLTCLVVGFNPGDISVEWTSNGHTEENYKD
TAPVLDSDGSYFIYSKLNMKTSKWEKTDSFSCNVRHEGLKNYYLKKTISRSPGK
;
J,K
#
# COMPACT_ATOMS: atom_id res chain seq x y z
N ASN A 32 -38.32 -15.42 -31.97
CA ASN A 32 -36.97 -15.20 -32.48
C ASN A 32 -35.94 -15.39 -31.38
N MET A 33 -36.37 -15.17 -30.13
CA MET A 33 -35.48 -15.35 -28.99
C MET A 33 -35.07 -16.80 -28.82
N SER A 34 -35.99 -17.74 -29.09
CA SER A 34 -35.64 -19.15 -29.04
C SER A 34 -34.65 -19.54 -30.13
N LEU A 35 -34.79 -18.95 -31.33
CA LEU A 35 -33.82 -19.18 -32.41
C LEU A 35 -32.45 -18.64 -32.06
N VAL A 36 -32.39 -17.45 -31.47
CA VAL A 36 -31.12 -16.88 -31.03
C VAL A 36 -30.50 -17.71 -29.92
N LYS A 37 -31.34 -18.20 -28.99
CA LYS A 37 -30.87 -19.03 -27.88
C LYS A 37 -30.28 -20.35 -28.38
N GLU A 38 -30.97 -21.03 -29.30
CA GLU A 38 -30.45 -22.30 -29.80
C GLU A 38 -29.24 -22.09 -30.70
N THR A 39 -29.13 -20.94 -31.38
CA THR A 39 -27.95 -20.67 -32.20
C THR A 39 -26.72 -20.41 -31.34
N VAL A 40 -26.86 -19.60 -30.28
CA VAL A 40 -25.76 -19.32 -29.36
C VAL A 40 -25.38 -20.60 -28.61
N ASP A 41 -26.37 -21.42 -28.26
CA ASP A 41 -26.09 -22.73 -27.67
C ASP A 41 -25.37 -23.68 -28.61
N ARG A 42 -25.65 -23.63 -29.92
CA ARG A 42 -24.92 -24.46 -30.86
C ARG A 42 -23.50 -23.95 -31.07
N LEU A 43 -23.31 -22.62 -31.04
CA LEU A 43 -21.99 -22.06 -31.27
C LEU A 43 -21.01 -22.34 -30.14
N LEU A 44 -21.50 -22.46 -28.91
CA LEU A 44 -20.64 -22.66 -27.76
C LEU A 44 -20.60 -24.11 -27.30
N LYS A 45 -21.15 -25.03 -28.10
CA LYS A 45 -21.12 -26.45 -27.80
C LYS A 45 -20.07 -27.10 -28.68
N GLY A 46 -19.12 -27.79 -28.06
CA GLY A 46 -17.99 -28.34 -28.78
C GLY A 46 -16.88 -27.35 -29.04
N TYR A 47 -17.00 -26.12 -28.57
CA TYR A 47 -15.96 -25.12 -28.76
C TYR A 47 -14.77 -25.42 -27.86
N ASP A 48 -13.58 -25.40 -28.43
CA ASP A 48 -12.35 -25.65 -27.68
C ASP A 48 -11.68 -24.31 -27.39
N ILE A 49 -11.65 -23.94 -26.10
CA ILE A 49 -11.04 -22.70 -25.66
C ILE A 49 -9.53 -22.70 -25.88
N ARG A 50 -8.89 -23.87 -25.87
CA ARG A 50 -7.44 -23.94 -25.89
C ARG A 50 -6.85 -23.80 -27.28
N LEU A 51 -7.68 -24.01 -28.31
CA LEU A 51 -7.16 -24.00 -29.70
C LEU A 51 -7.48 -22.66 -30.37
N ARG A 52 -6.47 -22.01 -30.96
CA ARG A 52 -6.69 -20.71 -31.67
C ARG A 52 -7.42 -20.98 -32.98
N PRO A 53 -8.17 -20.02 -33.54
CA PRO A 53 -8.82 -20.20 -34.84
C PRO A 53 -7.79 -20.76 -35.83
N ASP A 54 -8.04 -21.93 -36.40
CA ASP A 54 -7.12 -22.55 -37.37
C ASP A 54 -5.83 -22.98 -36.69
N PHE A 55 -5.96 -23.91 -35.74
CA PHE A 55 -4.84 -24.33 -34.90
C PHE A 55 -3.74 -25.05 -35.68
N GLY A 56 -4.05 -25.64 -36.83
CA GLY A 56 -3.04 -26.30 -37.61
C GLY A 56 -2.82 -25.61 -38.94
N GLY A 57 -3.73 -24.71 -39.29
CA GLY A 57 -3.71 -24.06 -40.58
C GLY A 57 -2.99 -22.72 -40.57
N PRO A 58 -3.48 -21.69 -41.30
CA PRO A 58 -2.76 -20.42 -41.39
C PRO A 58 -2.89 -19.56 -40.12
N PRO A 59 -1.99 -18.58 -39.88
CA PRO A 59 -2.11 -17.69 -38.73
C PRO A 59 -3.36 -16.80 -38.82
N VAL A 60 -4.00 -16.54 -37.68
CA VAL A 60 -5.25 -15.71 -37.67
C VAL A 60 -4.87 -14.23 -37.75
N ALA A 61 -5.55 -13.45 -38.60
CA ALA A 61 -5.25 -12.03 -38.71
C ALA A 61 -6.12 -11.27 -37.72
N VAL A 62 -5.49 -10.45 -36.89
CA VAL A 62 -6.17 -9.68 -35.85
C VAL A 62 -5.96 -8.20 -36.16
N GLY A 63 -7.04 -7.50 -36.50
CA GLY A 63 -6.97 -6.08 -36.75
C GLY A 63 -7.31 -5.29 -35.50
N MET A 64 -6.66 -4.13 -35.34
CA MET A 64 -6.68 -3.41 -34.08
C MET A 64 -7.12 -1.97 -34.29
N ASN A 65 -8.07 -1.53 -33.46
CA ASN A 65 -8.49 -0.14 -33.39
C ASN A 65 -8.27 0.36 -31.97
N ILE A 66 -7.80 1.60 -31.85
CA ILE A 66 -7.61 2.24 -30.56
C ILE A 66 -8.28 3.61 -30.62
N ASP A 67 -9.13 3.89 -29.64
CA ASP A 67 -9.74 5.21 -29.50
C ASP A 67 -9.18 5.83 -28.23
N ILE A 68 -8.28 6.80 -28.39
CA ILE A 68 -7.67 7.45 -27.24
C ILE A 68 -8.68 8.33 -26.54
N ALA A 69 -8.98 8.00 -25.29
CA ALA A 69 -9.92 8.78 -24.50
C ALA A 69 -9.23 9.81 -23.62
N SER A 70 -8.02 9.53 -23.14
CA SER A 70 -7.32 10.43 -22.24
C SER A 70 -5.83 10.14 -22.21
N ILE A 71 -5.01 11.18 -22.02
CA ILE A 71 -3.62 11.04 -21.61
C ILE A 71 -3.45 11.90 -20.37
N ASP A 72 -3.13 11.27 -19.24
CA ASP A 72 -3.30 11.91 -17.95
C ASP A 72 -2.00 12.46 -17.37
N MET A 73 -1.00 11.61 -17.18
CA MET A 73 0.06 11.85 -16.19
C MET A 73 1.43 11.60 -16.81
N VAL A 74 1.71 12.26 -17.93
CA VAL A 74 3.05 12.27 -18.50
C VAL A 74 4.02 12.84 -17.47
N SER A 75 4.91 11.99 -16.98
CA SER A 75 5.69 12.27 -15.78
C SER A 75 7.16 11.98 -16.02
N GLU A 76 8.01 12.88 -15.50
CA GLU A 76 9.45 12.74 -15.64
C GLU A 76 10.11 12.09 -14.44
N VAL A 77 9.56 12.25 -13.23
CA VAL A 77 10.14 11.63 -12.05
C VAL A 77 9.98 10.11 -12.04
N ASN A 78 8.89 9.60 -12.61
CA ASN A 78 8.66 8.16 -12.67
C ASN A 78 8.86 7.59 -14.08
N MET A 79 9.10 8.45 -15.07
CA MET A 79 9.42 8.08 -16.45
C MET A 79 8.33 7.24 -17.10
N ASP A 80 7.08 7.67 -16.94
CA ASP A 80 5.95 6.94 -17.51
C ASP A 80 4.82 7.91 -17.81
N TYR A 81 3.87 7.44 -18.62
CA TYR A 81 2.66 8.20 -18.93
C TYR A 81 1.46 7.28 -18.81
N THR A 82 0.35 7.83 -18.34
CA THR A 82 -0.88 7.07 -18.14
C THR A 82 -1.80 7.32 -19.33
N LEU A 83 -2.30 6.23 -19.92
CA LEU A 83 -3.10 6.31 -21.13
C LEU A 83 -4.38 5.50 -20.96
N THR A 84 -5.52 6.13 -21.23
CA THR A 84 -6.82 5.47 -21.20
C THR A 84 -7.36 5.41 -22.62
N MET A 85 -7.80 4.23 -23.04
CA MET A 85 -8.16 4.01 -24.43
C MET A 85 -9.27 2.99 -24.54
N TYR A 86 -9.95 3.00 -25.68
CA TYR A 86 -10.94 1.98 -26.02
C TYR A 86 -10.27 1.00 -26.98
N PHE A 87 -9.51 0.07 -26.40
CA PHE A 87 -8.78 -0.91 -27.18
C PHE A 87 -9.75 -1.90 -27.81
N GLN A 88 -9.50 -2.28 -29.06
CA GLN A 88 -10.45 -3.10 -29.79
C GLN A 88 -9.71 -3.99 -30.78
N GLN A 89 -10.07 -5.27 -30.82
CA GLN A 89 -9.46 -6.25 -31.70
C GLN A 89 -10.53 -6.94 -32.54
N ALA A 90 -10.18 -7.33 -33.75
CA ALA A 90 -11.14 -7.97 -34.64
C ALA A 90 -10.46 -9.05 -35.46
N TRP A 91 -10.93 -10.28 -35.34
CA TRP A 91 -10.41 -11.42 -36.09
C TRP A 91 -11.59 -12.21 -36.63
N ARG A 92 -11.30 -13.32 -37.29
CA ARG A 92 -12.32 -14.17 -37.88
C ARG A 92 -12.20 -15.57 -37.28
N ASP A 93 -13.29 -16.07 -36.73
CA ASP A 93 -13.38 -17.43 -36.21
C ASP A 93 -14.49 -18.16 -36.95
N LYS A 94 -14.12 -19.18 -37.73
CA LYS A 94 -15.08 -19.90 -38.55
C LYS A 94 -15.98 -20.82 -37.74
N ARG A 95 -15.62 -21.09 -36.48
CA ARG A 95 -16.49 -21.89 -35.62
C ARG A 95 -17.69 -21.07 -35.14
N LEU A 96 -17.53 -19.77 -34.99
CA LEU A 96 -18.60 -18.88 -34.54
C LEU A 96 -19.30 -18.21 -35.73
N SER A 97 -19.85 -19.03 -36.61
CA SER A 97 -20.55 -18.55 -37.79
C SER A 97 -21.97 -19.08 -37.81
N TYR A 98 -22.91 -18.23 -38.21
CA TYR A 98 -24.32 -18.58 -38.26
C TYR A 98 -24.92 -17.98 -39.52
N ASN A 99 -26.03 -18.54 -39.97
CA ASN A 99 -26.57 -18.18 -41.29
C ASN A 99 -28.02 -17.70 -41.24
N VAL A 100 -28.80 -18.19 -40.28
CA VAL A 100 -30.23 -17.87 -40.24
C VAL A 100 -30.45 -16.43 -39.80
N ILE A 101 -29.75 -16.02 -38.73
CA ILE A 101 -29.99 -14.71 -38.12
C ILE A 101 -29.39 -13.62 -38.99
N PRO A 102 -30.13 -12.56 -39.34
CA PRO A 102 -29.61 -11.55 -40.26
C PRO A 102 -28.97 -10.33 -39.59
N LEU A 103 -28.81 -10.33 -38.27
CA LEU A 103 -28.20 -9.19 -37.60
C LEU A 103 -27.03 -9.63 -36.75
N ASN A 104 -26.32 -8.64 -36.20
CA ASN A 104 -25.11 -8.87 -35.42
C ASN A 104 -25.47 -9.03 -33.96
N LEU A 105 -24.96 -10.08 -33.32
CA LEU A 105 -25.32 -10.41 -31.94
C LEU A 105 -24.28 -9.82 -30.99
N THR A 106 -24.67 -8.78 -30.27
CA THR A 106 -23.86 -8.28 -29.16
C THR A 106 -24.24 -9.10 -27.94
N LEU A 107 -23.37 -10.05 -27.58
CA LEU A 107 -23.60 -10.86 -26.40
C LEU A 107 -23.14 -10.11 -25.15
N ASP A 108 -23.31 -10.74 -24.00
CA ASP A 108 -22.87 -10.15 -22.75
C ASP A 108 -21.35 -10.14 -22.67
N ASN A 109 -20.82 -9.37 -21.73
CA ASN A 109 -19.38 -9.26 -21.60
C ASN A 109 -18.74 -10.45 -20.91
N ARG A 110 -19.54 -11.39 -20.41
CA ARG A 110 -19.05 -12.55 -19.68
C ARG A 110 -18.85 -13.77 -20.57
N VAL A 111 -19.11 -13.67 -21.87
CA VAL A 111 -18.88 -14.79 -22.77
C VAL A 111 -17.43 -14.83 -23.24
N ALA A 112 -16.63 -13.81 -22.88
CA ALA A 112 -15.21 -13.82 -23.20
C ALA A 112 -14.45 -14.91 -22.46
N ASP A 113 -15.00 -15.42 -21.36
CA ASP A 113 -14.42 -16.56 -20.66
C ASP A 113 -14.71 -17.87 -21.36
N GLN A 114 -15.55 -17.86 -22.41
CA GLN A 114 -15.90 -19.06 -23.16
C GLN A 114 -15.38 -19.05 -24.58
N LEU A 115 -14.99 -17.89 -25.11
CA LEU A 115 -14.47 -17.77 -26.47
C LEU A 115 -12.97 -17.52 -26.45
N TRP A 116 -12.30 -17.96 -27.50
CA TRP A 116 -10.88 -17.68 -27.65
C TRP A 116 -10.67 -16.22 -27.97
N VAL A 117 -9.79 -15.55 -27.23
CA VAL A 117 -9.38 -14.19 -27.52
C VAL A 117 -7.85 -14.20 -27.62
N PRO A 118 -7.25 -13.28 -28.37
CA PRO A 118 -5.79 -13.25 -28.45
C PRO A 118 -5.15 -12.81 -27.13
N ASP A 119 -3.89 -13.18 -26.97
CA ASP A 119 -3.12 -12.96 -25.74
C ASP A 119 -2.27 -11.71 -25.85
N THR A 120 -2.83 -10.68 -26.47
CA THR A 120 -2.14 -9.42 -26.70
C THR A 120 -1.75 -8.75 -25.38
N TYR A 121 -0.51 -8.29 -25.31
CA TYR A 121 0.01 -7.60 -24.15
C TYR A 121 0.78 -6.36 -24.60
N PHE A 122 1.15 -5.54 -23.63
CA PHE A 122 1.94 -4.34 -23.88
C PHE A 122 3.29 -4.52 -23.21
N LEU A 123 4.36 -4.37 -23.99
CA LEU A 123 5.70 -4.65 -23.47
C LEU A 123 6.18 -3.56 -22.53
N ASN A 124 5.92 -2.29 -22.85
CA ASN A 124 6.41 -1.17 -22.05
C ASN A 124 5.42 -0.77 -20.98
N ASP A 125 4.63 -1.73 -20.51
CA ASP A 125 3.59 -1.53 -19.52
C ASP A 125 4.15 -1.64 -18.12
N LYS A 126 3.51 -0.95 -17.18
CA LYS A 126 3.85 -1.06 -15.77
C LYS A 126 2.68 -1.49 -14.90
N LYS A 127 1.49 -0.94 -15.14
CA LYS A 127 0.33 -1.22 -14.30
C LYS A 127 -0.92 -0.91 -15.11
N SER A 128 -1.77 -1.91 -15.32
CA SER A 128 -2.96 -1.74 -16.15
C SER A 128 -4.14 -2.45 -15.52
N PHE A 129 -5.33 -2.01 -15.92
CA PHE A 129 -6.58 -2.63 -15.50
C PHE A 129 -7.65 -2.35 -16.53
N VAL A 130 -8.67 -3.20 -16.52
CA VAL A 130 -9.90 -2.97 -17.27
C VAL A 130 -10.92 -2.45 -16.27
N HIS A 131 -11.63 -1.38 -16.64
CA HIS A 131 -12.56 -0.74 -15.72
C HIS A 131 -13.75 -1.64 -15.42
N GLY A 132 -14.19 -1.64 -14.17
CA GLY A 132 -15.19 -2.59 -13.73
C GLY A 132 -16.42 -2.00 -13.08
N VAL A 133 -16.90 -0.86 -13.57
CA VAL A 133 -18.12 -0.23 -13.10
C VAL A 133 -19.00 0.07 -14.30
N THR A 134 -20.24 -0.42 -14.30
CA THR A 134 -20.89 -1.23 -13.27
C THR A 134 -20.61 -2.71 -13.47
N VAL A 135 -20.20 -3.07 -14.69
CA VAL A 135 -19.68 -4.40 -14.98
C VAL A 135 -18.28 -4.21 -15.53
N LYS A 136 -17.60 -5.32 -15.85
CA LYS A 136 -16.30 -5.24 -16.51
C LYS A 136 -16.46 -4.69 -17.91
N ASN A 137 -15.72 -3.63 -18.23
CA ASN A 137 -15.92 -2.87 -19.46
C ASN A 137 -15.23 -3.60 -20.60
N ARG A 138 -15.86 -4.67 -21.05
CA ARG A 138 -15.46 -5.34 -22.28
C ARG A 138 -16.71 -5.65 -23.08
N MET A 139 -16.51 -6.20 -24.28
CA MET A 139 -17.57 -6.27 -25.27
C MET A 139 -17.22 -7.31 -26.32
N ILE A 140 -18.18 -8.14 -26.70
CA ILE A 140 -18.07 -9.02 -27.86
C ILE A 140 -19.32 -8.86 -28.71
N ARG A 141 -19.12 -8.64 -30.02
CA ARG A 141 -20.22 -8.57 -30.99
C ARG A 141 -19.89 -9.55 -32.12
N LEU A 142 -20.53 -10.72 -32.09
CA LEU A 142 -20.33 -11.68 -33.17
C LEU A 142 -21.03 -11.23 -34.44
N HIS A 143 -20.53 -11.72 -35.56
CA HIS A 143 -21.02 -11.39 -36.89
C HIS A 143 -21.36 -12.68 -37.63
N PRO A 144 -22.29 -12.64 -38.60
CA PRO A 144 -22.69 -13.89 -39.28
C PRO A 144 -21.60 -14.55 -40.10
N ASP A 145 -20.63 -13.82 -40.61
CA ASP A 145 -19.54 -14.47 -41.34
C ASP A 145 -18.56 -15.15 -40.39
N GLY A 146 -18.45 -14.66 -39.16
CA GLY A 146 -17.58 -15.27 -38.17
C GLY A 146 -16.73 -14.27 -37.44
N THR A 147 -16.84 -13.00 -37.82
CA THR A 147 -15.98 -11.96 -37.26
C THR A 147 -16.38 -11.64 -35.83
N VAL A 148 -15.39 -11.68 -34.93
CA VAL A 148 -15.66 -11.39 -33.49
C VAL A 148 -15.18 -9.97 -33.17
N LEU A 149 -16.11 -9.07 -32.87
CA LEU A 149 -15.76 -7.67 -32.54
C LEU A 149 -15.47 -7.57 -31.03
N TYR A 150 -14.24 -7.87 -30.62
CA TYR A 150 -13.87 -7.82 -29.17
C TYR A 150 -13.27 -6.45 -28.84
N GLY A 151 -13.57 -5.92 -27.66
CA GLY A 151 -13.09 -4.60 -27.29
C GLY A 151 -13.00 -4.43 -25.80
N LEU A 152 -12.12 -3.54 -25.33
CA LEU A 152 -11.91 -3.34 -23.90
C LEU A 152 -11.68 -1.85 -23.65
N ARG A 153 -11.90 -1.44 -22.40
CA ARG A 153 -11.59 -0.09 -21.95
C ARG A 153 -10.46 -0.19 -20.94
N ILE A 154 -9.25 0.17 -21.35
CA ILE A 154 -8.04 -0.13 -20.62
C ILE A 154 -7.37 1.16 -20.22
N THR A 155 -7.07 1.30 -18.93
CA THR A 155 -6.18 2.35 -18.44
C THR A 155 -4.82 1.74 -18.19
N THR A 156 -3.82 2.19 -18.92
CA THR A 156 -2.47 1.64 -18.83
C THR A 156 -1.49 2.74 -18.43
N THR A 157 -0.47 2.35 -17.66
CA THR A 157 0.60 3.25 -17.27
C THR A 157 1.85 2.76 -17.99
N ALA A 158 2.02 3.22 -19.23
CA ALA A 158 3.10 2.72 -20.06
C ALA A 158 4.40 3.45 -19.75
N ALA A 159 5.50 2.70 -19.76
CA ALA A 159 6.80 3.30 -19.51
C ALA A 159 7.28 4.08 -20.72
N CYS A 160 7.88 5.23 -20.47
CA CYS A 160 8.42 6.07 -21.55
C CYS A 160 9.67 6.75 -20.99
N MET A 161 10.83 6.27 -21.40
CA MET A 161 12.08 6.88 -20.97
C MET A 161 12.27 8.21 -21.68
N MET A 162 12.60 9.24 -20.90
CA MET A 162 12.62 10.61 -21.39
C MET A 162 14.05 11.13 -21.46
N ASP A 163 14.40 11.69 -22.61
CA ASP A 163 15.74 12.19 -22.87
C ASP A 163 15.76 13.68 -22.54
N LEU A 164 16.24 14.02 -21.34
CA LEU A 164 16.12 15.35 -20.78
C LEU A 164 17.41 16.16 -20.85
N ARG A 165 18.21 16.06 -21.91
CA ARG A 165 19.37 16.95 -22.03
C ARG A 165 18.93 18.39 -22.26
N ARG A 166 17.86 18.58 -23.01
CA ARG A 166 17.39 19.88 -23.46
C ARG A 166 16.20 20.38 -22.69
N TYR A 167 15.99 19.88 -21.48
CA TYR A 167 14.88 20.31 -20.65
C TYR A 167 15.04 21.77 -20.25
N PRO A 168 13.99 22.59 -20.34
CA PRO A 168 12.61 22.28 -20.73
C PRO A 168 12.28 22.56 -22.19
N LEU A 169 13.24 22.80 -23.07
CA LEU A 169 12.95 22.95 -24.50
C LEU A 169 13.13 21.63 -25.24
N ASP A 170 12.52 20.56 -24.73
CA ASP A 170 12.77 19.22 -25.24
C ASP A 170 11.59 18.74 -26.08
N GLU A 171 11.68 17.49 -26.51
CA GLU A 171 10.59 16.88 -27.32
C GLU A 171 10.58 15.38 -26.99
N GLN A 172 9.54 14.89 -26.32
CA GLN A 172 9.56 13.47 -25.85
C GLN A 172 8.85 12.53 -26.82
N ASN A 173 9.47 11.42 -27.17
CA ASN A 173 8.83 10.41 -28.03
C ASN A 173 8.39 9.28 -27.12
N CYS A 174 7.12 9.28 -26.75
CA CYS A 174 6.57 8.20 -25.88
C CYS A 174 5.89 7.16 -26.77
N THR A 175 6.03 5.87 -26.43
CA THR A 175 5.50 4.81 -27.31
C THR A 175 4.63 3.80 -26.56
N LEU A 176 3.92 2.94 -27.29
CA LEU A 176 3.09 1.89 -26.70
C LEU A 176 3.24 0.67 -27.59
N GLU A 177 4.03 -0.30 -27.13
CA GLU A 177 4.35 -1.48 -27.94
C GLU A 177 3.31 -2.56 -27.72
N ILE A 178 2.60 -2.91 -28.79
CA ILE A 178 1.52 -3.90 -28.75
C ILE A 178 2.03 -5.19 -29.36
N GLU A 179 2.05 -6.26 -28.58
CA GLU A 179 2.66 -7.50 -29.03
C GLU A 179 1.80 -8.68 -28.59
N SER A 180 1.89 -9.77 -29.34
CA SER A 180 1.37 -11.05 -28.90
C SER A 180 2.41 -11.78 -28.06
N TYR A 181 1.94 -12.55 -27.08
CA TYR A 181 2.87 -13.21 -26.17
C TYR A 181 3.21 -14.64 -26.60
N GLY A 182 2.21 -15.51 -26.66
CA GLY A 182 2.48 -16.92 -26.84
C GLY A 182 2.48 -17.41 -28.26
N TYR A 183 1.93 -16.61 -29.18
CA TYR A 183 1.75 -17.03 -30.56
C TYR A 183 2.74 -16.31 -31.46
N THR A 184 3.46 -17.06 -32.27
CA THR A 184 4.53 -16.53 -33.10
C THR A 184 3.96 -15.94 -34.38
N THR A 185 4.83 -15.64 -35.34
CA THR A 185 4.40 -15.07 -36.61
C THR A 185 3.62 -16.08 -37.44
N ASP A 186 4.01 -17.36 -37.37
CA ASP A 186 3.27 -18.41 -38.07
C ASP A 186 2.09 -18.94 -37.26
N ASP A 187 1.63 -18.19 -36.26
CA ASP A 187 0.41 -18.49 -35.53
C ASP A 187 -0.57 -17.34 -35.47
N ILE A 188 -0.11 -16.10 -35.61
CA ILE A 188 -0.97 -14.92 -35.55
C ILE A 188 -0.26 -13.82 -36.33
N GLU A 189 -1.03 -12.85 -36.82
CA GLU A 189 -0.47 -11.67 -37.44
C GLU A 189 -1.31 -10.46 -37.09
N PHE A 190 -0.64 -9.32 -36.90
CA PHE A 190 -1.24 -8.11 -36.39
C PHE A 190 -1.27 -7.06 -37.49
N TYR A 191 -2.35 -6.28 -37.55
CA TYR A 191 -2.40 -5.15 -38.44
C TYR A 191 -3.28 -4.07 -37.84
N TRP A 192 -3.12 -2.83 -38.31
CA TRP A 192 -4.00 -1.72 -37.85
C TRP A 192 -5.27 -1.71 -38.70
N ARG A 193 -6.44 -1.66 -38.07
CA ARG A 193 -7.73 -1.68 -38.84
C ARG A 193 -7.92 -0.30 -39.49
N GLY A 194 -7.23 -0.05 -40.60
CA GLY A 194 -7.27 1.20 -41.34
C GLY A 194 -5.90 1.78 -41.64
N ASP A 195 -4.94 1.58 -40.73
CA ASP A 195 -3.50 1.87 -40.81
C ASP A 195 -3.16 3.36 -40.73
N ASP A 196 -4.16 4.23 -40.84
CA ASP A 196 -3.99 5.65 -40.56
C ASP A 196 -5.12 6.23 -39.73
N ASN A 197 -6.31 5.62 -39.81
CA ASN A 197 -7.45 6.07 -38.98
C ASN A 197 -7.74 5.00 -37.91
N ALA A 198 -6.85 4.00 -37.80
CA ALA A 198 -7.03 2.93 -36.79
C ALA A 198 -6.98 3.55 -35.39
N VAL A 199 -6.04 4.48 -35.16
CA VAL A 199 -5.95 5.17 -33.84
C VAL A 199 -6.42 6.62 -34.03
N THR A 200 -7.49 7.01 -33.32
CA THR A 200 -8.04 8.39 -33.46
C THR A 200 -8.17 9.03 -32.08
N GLY A 201 -8.91 10.13 -31.98
CA GLY A 201 -9.07 10.81 -30.71
C GLY A 201 -7.82 11.48 -30.18
N VAL A 202 -6.71 11.35 -30.90
CA VAL A 202 -5.45 11.95 -30.45
C VAL A 202 -5.49 13.47 -30.61
N THR A 203 -6.16 13.98 -31.65
CA THR A 203 -6.11 15.40 -31.96
C THR A 203 -6.91 16.23 -30.98
N LYS A 204 -7.78 15.60 -30.20
CA LYS A 204 -8.56 16.29 -29.17
C LYS A 204 -8.00 16.06 -27.76
N ILE A 205 -6.79 15.54 -27.65
CA ILE A 205 -6.14 15.39 -26.36
C ILE A 205 -5.44 16.68 -25.99
N GLU A 206 -5.72 17.19 -24.79
CA GLU A 206 -5.07 18.38 -24.28
C GLU A 206 -4.30 18.02 -23.02
N LEU A 207 -3.00 18.23 -23.05
CA LEU A 207 -2.10 18.00 -21.93
C LEU A 207 -1.78 19.32 -21.23
N PRO A 208 -1.45 19.29 -19.93
CA PRO A 208 -1.14 20.54 -19.22
C PRO A 208 0.09 21.27 -19.72
N GLN A 209 1.24 20.61 -19.75
CA GLN A 209 2.50 21.25 -20.14
C GLN A 209 3.14 20.57 -21.34
N PHE A 210 2.38 19.79 -22.09
CA PHE A 210 2.89 19.16 -23.31
C PHE A 210 1.94 19.50 -24.45
N SER A 211 2.33 19.10 -25.66
CA SER A 211 1.51 19.31 -26.85
C SER A 211 1.86 18.25 -27.88
N ILE A 212 0.90 17.39 -28.21
CA ILE A 212 1.15 16.27 -29.12
C ILE A 212 1.29 16.80 -30.53
N VAL A 213 2.47 16.62 -31.11
CA VAL A 213 2.76 17.15 -32.44
C VAL A 213 2.45 16.14 -33.52
N ASP A 214 2.97 14.92 -33.39
CA ASP A 214 2.75 13.88 -34.37
C ASP A 214 2.51 12.55 -33.67
N TYR A 215 1.78 11.67 -34.34
CA TYR A 215 1.64 10.29 -33.90
C TYR A 215 1.80 9.37 -35.11
N LYS A 216 2.51 8.26 -34.93
CA LYS A 216 2.82 7.33 -36.00
C LYS A 216 2.39 5.92 -35.62
N LEU A 217 2.05 5.12 -36.62
CA LEU A 217 1.68 3.73 -36.43
C LEU A 217 2.66 2.86 -37.20
N ILE A 218 3.38 2.00 -36.48
CA ILE A 218 4.43 1.17 -37.06
C ILE A 218 4.11 -0.28 -36.77
N THR A 219 4.13 -1.11 -37.82
CA THR A 219 3.97 -2.54 -37.68
C THR A 219 5.26 -3.25 -38.09
N LYS A 220 5.68 -4.23 -37.29
CA LYS A 220 6.94 -4.93 -37.52
C LYS A 220 6.88 -6.26 -36.80
N LYS A 221 8.02 -6.97 -36.80
CA LYS A 221 8.18 -8.23 -36.08
C LYS A 221 9.41 -8.14 -35.20
N VAL A 222 9.27 -8.56 -33.96
CA VAL A 222 10.41 -8.70 -33.04
C VAL A 222 10.77 -10.17 -32.94
N VAL A 223 12.06 -10.44 -32.77
CA VAL A 223 12.57 -11.81 -32.73
C VAL A 223 13.18 -12.03 -31.35
N PHE A 224 12.66 -13.02 -30.63
CA PHE A 224 13.20 -13.45 -29.35
C PHE A 224 13.82 -14.84 -29.51
N SER A 225 14.34 -15.38 -28.41
CA SER A 225 14.95 -16.70 -28.45
C SER A 225 13.92 -17.81 -28.56
N THR A 226 12.66 -17.53 -28.22
CA THR A 226 11.59 -18.51 -28.34
C THR A 226 10.87 -18.46 -29.68
N GLY A 227 11.06 -17.41 -30.46
CA GLY A 227 10.41 -17.31 -31.74
C GLY A 227 10.37 -15.87 -32.21
N SER A 228 9.65 -15.65 -33.30
CA SER A 228 9.47 -14.34 -33.90
C SER A 228 8.01 -13.92 -33.77
N TYR A 229 7.79 -12.75 -33.18
CA TYR A 229 6.44 -12.36 -32.80
C TYR A 229 6.01 -11.09 -33.50
N PRO A 230 4.73 -10.97 -33.88
CA PRO A 230 4.26 -9.74 -34.52
C PRO A 230 4.15 -8.61 -33.51
N ARG A 231 4.24 -7.38 -34.02
CA ARG A 231 4.27 -6.23 -33.14
C ARG A 231 3.64 -5.02 -33.84
N LEU A 232 2.76 -4.33 -33.12
CA LEU A 232 2.34 -2.98 -33.46
C LEU A 232 2.89 -2.02 -32.42
N SER A 233 3.23 -0.80 -32.84
CA SER A 233 3.72 0.19 -31.91
C SER A 233 3.06 1.53 -32.23
N LEU A 234 2.41 2.12 -31.23
CA LEU A 234 1.80 3.43 -31.33
C LEU A 234 2.65 4.41 -30.53
N SER A 235 3.11 5.47 -31.18
CA SER A 235 4.04 6.42 -30.58
C SER A 235 3.53 7.84 -30.78
N PHE A 236 3.83 8.70 -29.81
CA PHE A 236 3.47 10.10 -29.87
C PHE A 236 4.73 10.95 -29.74
N LYS A 237 4.74 12.10 -30.41
CA LYS A 237 5.85 13.04 -30.31
C LYS A 237 5.40 14.22 -29.45
N LEU A 238 5.62 14.09 -28.15
CA LEU A 238 5.28 15.17 -27.23
C LEU A 238 6.27 16.32 -27.37
N LYS A 239 5.77 17.54 -27.15
CA LYS A 239 6.62 18.74 -27.16
C LYS A 239 6.24 19.58 -25.95
N ARG A 240 7.24 20.00 -25.19
CA ARG A 240 7.00 20.76 -23.96
C ARG A 240 6.69 22.21 -24.29
N ASN A 241 5.73 22.78 -23.55
CA ASN A 241 5.37 24.18 -23.68
C ASN A 241 6.36 25.03 -22.90
N ILE A 242 6.91 26.05 -23.55
CA ILE A 242 8.00 26.84 -22.99
C ILE A 242 7.52 27.93 -22.05
N GLY A 243 6.29 28.41 -22.23
CA GLY A 243 5.77 29.60 -21.56
C GLY A 243 5.72 29.61 -20.04
N TYR A 244 5.26 28.50 -19.45
CA TYR A 244 5.26 28.33 -18.00
C TYR A 244 6.68 28.39 -17.45
N PHE A 245 7.60 27.68 -18.10
CA PHE A 245 8.99 27.69 -17.68
C PHE A 245 9.66 29.03 -17.97
N ILE A 246 9.28 29.70 -19.07
CA ILE A 246 9.88 30.99 -19.37
C ILE A 246 9.33 32.09 -18.47
N LEU A 247 8.21 31.85 -17.77
CA LEU A 247 7.77 32.82 -16.78
C LEU A 247 8.18 32.50 -15.35
N GLN A 248 8.42 31.24 -14.98
CA GLN A 248 8.78 30.96 -13.59
C GLN A 248 10.15 30.35 -13.37
N THR A 249 10.96 30.14 -14.41
CA THR A 249 12.34 29.69 -14.22
C THR A 249 13.34 30.60 -14.91
N TYR A 250 13.03 31.09 -16.11
CA TYR A 250 13.99 31.89 -16.87
C TYR A 250 13.98 33.35 -16.42
N MET A 251 12.81 34.01 -16.54
CA MET A 251 12.63 35.41 -16.18
C MET A 251 12.98 35.80 -14.74
N PRO A 252 12.65 34.98 -13.67
CA PRO A 252 13.21 35.30 -12.35
C PRO A 252 14.73 35.32 -12.29
N SER A 253 15.38 34.39 -12.99
CA SER A 253 16.84 34.36 -13.03
C SER A 253 17.40 35.57 -13.78
N ILE A 254 16.72 35.97 -14.87
CA ILE A 254 17.14 37.12 -15.65
C ILE A 254 17.01 38.40 -14.82
N LEU A 255 15.89 38.57 -14.12
CA LEU A 255 15.68 39.76 -13.30
C LEU A 255 16.63 39.79 -12.11
N ILE A 256 16.96 38.62 -11.56
CA ILE A 256 17.93 38.54 -10.48
C ILE A 256 19.33 38.90 -10.97
N THR A 257 19.70 38.52 -12.20
CA THR A 257 20.99 38.92 -12.74
C THR A 257 21.03 40.41 -13.08
N ILE A 258 19.89 40.98 -13.48
CA ILE A 258 19.82 42.44 -13.67
C ILE A 258 19.96 43.16 -12.33
N LEU A 259 19.38 42.58 -11.27
CA LEU A 259 19.45 43.18 -9.94
C LEU A 259 20.86 43.13 -9.36
N SER A 260 21.71 42.23 -9.86
CA SER A 260 23.08 42.14 -9.39
C SER A 260 23.90 43.34 -9.85
N TRP A 261 23.56 43.90 -11.02
CA TRP A 261 24.36 44.99 -11.58
C TRP A 261 23.99 46.34 -10.99
N VAL A 262 22.96 46.42 -10.14
CA VAL A 262 22.62 47.65 -9.43
C VAL A 262 23.74 48.03 -8.46
N SER A 263 24.52 47.04 -8.01
CA SER A 263 25.65 47.29 -7.11
C SER A 263 26.74 48.14 -7.76
N PHE A 264 26.84 48.10 -9.09
CA PHE A 264 27.83 48.92 -9.78
C PHE A 264 27.51 50.41 -9.73
N TRP A 265 26.24 50.79 -9.59
CA TRP A 265 25.87 52.19 -9.48
C TRP A 265 25.90 52.71 -8.05
N ILE A 266 25.91 51.82 -7.06
CA ILE A 266 26.03 52.24 -5.67
C ILE A 266 27.47 52.64 -5.39
N ASN A 267 27.65 53.69 -4.58
CA ASN A 267 28.97 54.22 -4.26
C ASN A 267 29.78 53.22 -3.46
N TYR A 268 31.11 53.28 -3.65
CA TYR A 268 32.01 52.27 -3.12
C TYR A 268 32.19 52.35 -1.61
N ASP A 269 31.90 53.50 -0.99
CA ASP A 269 32.10 53.62 0.44
C ASP A 269 31.07 52.82 1.23
N ALA A 270 29.84 52.75 0.72
CA ALA A 270 28.81 51.93 1.36
C ALA A 270 29.05 50.47 1.06
N SER A 271 29.80 49.80 1.93
CA SER A 271 30.12 48.39 1.70
C SER A 271 28.92 47.50 1.97
N ALA A 272 28.10 47.87 2.96
CA ALA A 272 27.02 46.99 3.43
C ALA A 272 25.95 46.80 2.37
N ALA A 273 25.62 47.86 1.63
CA ALA A 273 24.57 47.78 0.61
C ALA A 273 24.99 46.88 -0.55
N ARG A 274 26.21 47.05 -1.05
CA ARG A 274 26.68 46.25 -2.18
C ARG A 274 26.91 44.80 -1.78
N VAL A 275 27.48 44.58 -0.59
CA VAL A 275 27.69 43.22 -0.09
C VAL A 275 26.36 42.51 0.15
N ALA A 276 25.38 43.21 0.72
CA ALA A 276 24.06 42.62 0.94
C ALA A 276 23.34 42.31 -0.37
N LEU A 277 23.43 43.22 -1.35
CA LEU A 277 22.80 43.00 -2.64
C LEU A 277 23.43 41.79 -3.36
N GLY A 278 24.75 41.73 -3.38
CA GLY A 278 25.42 40.61 -4.04
C GLY A 278 25.18 39.28 -3.35
N ILE A 279 25.17 39.29 -2.00
CA ILE A 279 24.98 38.05 -1.25
C ILE A 279 23.56 37.52 -1.42
N THR A 280 22.56 38.42 -1.35
CA THR A 280 21.18 37.97 -1.55
C THR A 280 20.93 37.56 -2.99
N THR A 281 21.66 38.17 -3.94
CA THR A 281 21.56 37.73 -5.34
C THR A 281 22.11 36.32 -5.52
N VAL A 282 23.27 36.03 -4.90
CA VAL A 282 23.84 34.68 -4.93
C VAL A 282 22.89 33.69 -4.26
N LEU A 283 22.31 34.09 -3.12
CA LEU A 283 21.43 33.21 -2.35
C LEU A 283 20.16 32.88 -3.11
N THR A 284 19.56 33.87 -3.78
CA THR A 284 18.37 33.60 -4.58
C THR A 284 18.70 32.77 -5.82
N MET A 285 19.89 32.96 -6.39
CA MET A 285 20.30 32.10 -7.51
C MET A 285 20.49 30.65 -7.07
N THR A 286 21.11 30.44 -5.91
CA THR A 286 21.30 29.08 -5.39
C THR A 286 19.96 28.44 -5.02
N THR A 287 18.98 29.25 -4.69
CA THR A 287 17.70 28.64 -4.27
C THR A 287 16.86 28.28 -5.50
N ILE A 288 16.77 29.14 -6.51
CA ILE A 288 15.82 28.85 -7.65
C ILE A 288 16.15 27.50 -8.29
N ASN A 289 17.41 27.28 -8.64
CA ASN A 289 17.79 25.96 -9.21
C ASN A 289 17.31 24.86 -8.27
N THR A 290 17.64 24.95 -6.98
CA THR A 290 17.27 23.86 -6.04
C THR A 290 15.75 23.76 -5.89
N HIS A 291 15.01 24.71 -6.48
CA HIS A 291 13.54 24.67 -6.35
C HIS A 291 12.93 23.90 -7.53
N LEU A 292 13.77 23.51 -8.50
CA LEU A 292 13.24 22.82 -9.71
C LEU A 292 13.75 21.38 -9.74
N ARG A 293 15.06 21.19 -9.59
CA ARG A 293 15.65 19.82 -9.75
C ARG A 293 14.91 18.79 -8.91
N GLU A 294 14.30 19.17 -7.77
CA GLU A 294 13.64 18.17 -6.89
C GLU A 294 12.30 17.78 -7.52
N THR A 295 11.91 18.46 -8.60
CA THR A 295 10.66 18.12 -9.31
C THR A 295 11.00 17.33 -10.57
N LEU A 296 12.21 16.80 -10.63
CA LEU A 296 12.67 16.03 -11.81
C LEU A 296 13.55 14.87 -11.31
N PRO A 297 13.95 13.91 -12.16
CA PRO A 297 14.72 12.77 -11.69
C PRO A 297 16.13 13.10 -11.21
N LYS A 298 16.88 12.09 -10.74
CA LYS A 298 18.22 12.27 -10.23
C LYS A 298 19.25 12.03 -11.32
N ILE A 299 18.91 12.59 -12.48
CA ILE A 299 19.71 12.37 -13.71
C ILE A 299 21.14 12.85 -13.50
N PRO A 300 22.15 12.22 -14.13
CA PRO A 300 23.55 12.61 -13.92
C PRO A 300 24.13 13.53 -14.99
N TYR A 301 23.22 14.17 -15.71
CA TYR A 301 23.66 15.05 -16.81
C TYR A 301 23.19 16.47 -16.53
N VAL A 302 23.65 17.39 -17.37
CA VAL A 302 23.27 18.78 -17.19
C VAL A 302 22.21 19.15 -18.23
N LYS A 303 21.12 19.74 -17.75
CA LYS A 303 19.98 20.13 -18.61
C LYS A 303 20.10 21.60 -19.01
N ALA A 304 19.37 22.07 -20.01
CA ALA A 304 19.50 23.41 -20.59
C ALA A 304 19.18 24.48 -19.56
N ILE A 305 18.15 24.25 -18.75
CA ILE A 305 17.81 25.18 -17.68
C ILE A 305 18.92 25.20 -16.62
N ASP A 306 19.57 24.07 -16.41
CA ASP A 306 20.68 24.03 -15.43
C ASP A 306 21.90 24.74 -16.00
N MET A 307 22.13 24.64 -17.30
CA MET A 307 23.22 25.38 -17.91
C MET A 307 22.98 26.89 -17.85
N TYR A 308 21.75 27.32 -18.09
CA TYR A 308 21.42 28.74 -17.99
C TYR A 308 21.57 29.27 -16.58
N LEU A 309 21.10 28.52 -15.59
CA LEU A 309 21.24 28.95 -14.20
C LEU A 309 22.64 28.73 -13.65
N MET A 310 23.51 28.00 -14.36
CA MET A 310 24.92 28.00 -14.00
C MET A 310 25.63 29.22 -14.57
N GLY A 311 25.30 29.61 -15.80
CA GLY A 311 25.88 30.82 -16.37
C GLY A 311 25.45 32.07 -15.64
N CYS A 312 24.18 32.12 -15.22
CA CYS A 312 23.69 33.24 -14.41
C CYS A 312 24.39 33.31 -13.06
N PHE A 313 24.65 32.16 -12.45
CA PHE A 313 25.38 32.12 -11.18
C PHE A 313 26.81 32.59 -11.37
N VAL A 314 27.43 32.24 -12.51
CA VAL A 314 28.79 32.71 -12.80
C VAL A 314 28.81 34.23 -12.95
N PHE A 315 27.79 34.80 -13.63
CA PHE A 315 27.73 36.25 -13.80
C PHE A 315 27.54 36.97 -12.46
N VAL A 316 26.66 36.44 -11.61
CA VAL A 316 26.40 37.05 -10.30
C VAL A 316 27.64 36.95 -9.39
N PHE A 317 28.29 35.79 -9.40
CA PHE A 317 29.49 35.58 -8.61
C PHE A 317 30.63 36.48 -9.09
N MET A 318 30.73 36.72 -10.40
CA MET A 318 31.75 37.64 -10.90
C MET A 318 31.40 39.08 -10.55
N ALA A 319 30.12 39.43 -10.43
CA ALA A 319 29.76 40.76 -9.95
C ALA A 319 30.20 40.95 -8.49
N LEU A 320 29.96 39.95 -7.65
CA LEU A 320 30.38 40.03 -6.24
C LEU A 320 31.91 40.06 -6.13
N LEU A 321 32.61 39.29 -6.96
CA LEU A 321 34.06 39.33 -6.95
C LEU A 321 34.60 40.63 -7.54
N GLU A 322 33.84 41.28 -8.42
CA GLU A 322 34.21 42.60 -8.92
C GLU A 322 34.16 43.63 -7.80
N TYR A 323 33.12 43.54 -6.95
CA TYR A 323 33.09 44.43 -5.79
C TYR A 323 34.22 44.10 -4.82
N ALA A 324 34.55 42.82 -4.68
CA ALA A 324 35.68 42.43 -3.84
C ALA A 324 36.99 43.01 -4.36
N LEU A 325 37.16 43.04 -5.69
CA LEU A 325 38.33 43.66 -6.30
C LEU A 325 38.35 45.17 -6.08
N VAL A 326 37.17 45.81 -6.14
CA VAL A 326 37.08 47.26 -5.91
C VAL A 326 37.45 47.59 -4.46
N ASN A 327 36.97 46.79 -3.52
CA ASN A 327 37.31 47.00 -2.12
C ASN A 327 38.79 46.72 -1.86
N TYR A 328 39.36 45.71 -2.52
CA TYR A 328 40.79 45.45 -2.37
C TYR A 328 41.65 46.54 -2.99
N ILE A 329 41.20 47.15 -4.09
CA ILE A 329 42.02 48.17 -4.73
C ILE A 329 41.86 49.51 -4.06
N PHE A 330 40.82 49.72 -3.24
CA PHE A 330 40.81 50.97 -2.49
C PHE A 330 41.10 50.81 -1.00
N PHE A 331 40.27 50.05 -0.27
CA PHE A 331 40.44 49.96 1.17
C PHE A 331 41.42 48.86 1.55
N GLY A 332 41.85 48.08 0.58
CA GLY A 332 42.74 46.96 0.81
C GLY A 332 44.19 47.36 0.62
N ARG A 333 44.78 46.96 -0.50
CA ARG A 333 46.16 47.33 -0.82
C ARG A 333 46.25 48.83 -1.04
N GLY A 334 46.74 49.55 -0.02
CA GLY A 334 46.79 50.99 -0.06
C GLY A 334 48.19 51.51 0.23
N PRO A 335 48.33 52.29 1.31
CA PRO A 335 49.62 52.86 1.68
C PRO A 335 50.51 51.89 2.44
N VAL A 484 39.63 53.82 -8.94
CA VAL A 484 38.61 52.96 -8.36
C VAL A 484 37.25 53.27 -8.97
N ASN A 485 37.18 54.39 -9.69
CA ASN A 485 35.98 54.76 -10.43
C ASN A 485 36.00 54.26 -11.86
N ALA A 486 37.04 53.53 -12.26
CA ALA A 486 37.14 52.99 -13.61
C ALA A 486 36.79 51.52 -13.69
N ILE A 487 36.99 50.75 -12.61
CA ILE A 487 36.62 49.34 -12.62
C ILE A 487 35.11 49.18 -12.67
N ASP A 488 34.38 49.93 -11.84
CA ASP A 488 32.92 49.89 -11.90
C ASP A 488 32.36 50.70 -13.07
N ARG A 489 33.16 51.53 -13.72
CA ARG A 489 32.73 52.14 -14.98
C ARG A 489 32.80 51.13 -16.12
N TRP A 490 33.86 50.31 -16.14
CA TRP A 490 33.97 49.25 -17.15
C TRP A 490 32.92 48.18 -16.93
N SER A 491 32.62 47.84 -15.67
CA SER A 491 31.64 46.81 -15.37
C SER A 491 30.21 47.26 -15.63
N ARG A 492 29.96 48.56 -15.73
CA ARG A 492 28.63 49.04 -16.13
C ARG A 492 28.36 48.81 -17.60
N ILE A 493 29.40 48.62 -18.40
CA ILE A 493 29.26 48.42 -19.84
C ILE A 493 29.52 46.97 -20.22
N PHE A 494 30.57 46.37 -19.65
CA PHE A 494 30.99 45.03 -20.04
C PHE A 494 29.98 43.96 -19.60
N PHE A 495 29.46 44.09 -18.38
CA PHE A 495 28.50 43.11 -17.86
C PHE A 495 27.16 43.07 -18.60
N PRO A 496 26.51 44.18 -19.01
CA PRO A 496 25.33 44.04 -19.86
C PRO A 496 25.62 43.50 -21.26
N VAL A 497 26.85 43.61 -21.74
CA VAL A 497 27.15 43.15 -23.10
C VAL A 497 27.30 41.63 -23.14
N VAL A 498 28.09 41.07 -22.22
CA VAL A 498 28.39 39.64 -22.26
C VAL A 498 27.16 38.82 -21.87
N PHE A 499 26.35 39.31 -20.93
CA PHE A 499 25.11 38.61 -20.59
C PHE A 499 24.09 38.68 -21.72
N SER A 500 24.05 39.78 -22.47
CA SER A 500 23.27 39.79 -23.69
C SER A 500 23.91 38.91 -24.76
N PHE A 501 25.24 38.83 -24.77
CA PHE A 501 25.93 37.90 -25.67
C PHE A 501 25.69 36.45 -25.27
N PHE A 502 25.64 36.16 -23.97
CA PHE A 502 25.39 34.80 -23.50
C PHE A 502 23.95 34.38 -23.81
N ASN A 503 23.00 35.32 -23.79
CA ASN A 503 21.64 35.00 -24.17
C ASN A 503 21.52 34.72 -25.66
N ILE A 504 22.36 35.35 -26.48
CA ILE A 504 22.37 35.06 -27.91
C ILE A 504 22.88 33.64 -28.17
N VAL A 505 23.94 33.24 -27.47
CA VAL A 505 24.53 31.93 -27.67
C VAL A 505 23.61 30.83 -27.14
N TYR A 506 22.98 31.06 -25.99
CA TYR A 506 22.12 30.04 -25.38
C TYR A 506 20.85 29.81 -26.18
N TRP A 507 20.20 30.87 -26.64
CA TRP A 507 18.93 30.74 -27.35
C TRP A 507 19.10 30.41 -28.83
N LEU A 508 20.33 30.38 -29.33
CA LEU A 508 20.59 29.91 -30.69
C LEU A 508 20.89 28.41 -30.70
N TYR A 509 21.43 27.89 -29.60
CA TYR A 509 21.65 26.45 -29.50
C TYR A 509 20.37 25.71 -29.18
N TYR A 510 19.71 26.08 -28.08
CA TYR A 510 18.52 25.39 -27.61
C TYR A 510 17.29 26.07 -28.21
N VAL A 511 17.04 25.80 -29.48
CA VAL A 511 15.84 26.28 -30.15
C VAL A 511 15.41 25.28 -31.21
N ASP B 37 -14.21 -33.07 -36.78
CA ASP B 37 -13.87 -31.91 -37.59
C ASP B 37 -12.37 -31.84 -37.84
N ASN B 38 -11.93 -30.73 -38.45
CA ASN B 38 -10.51 -30.55 -38.72
C ASN B 38 -9.72 -30.25 -37.45
N THR B 39 -10.34 -29.59 -36.48
CA THR B 39 -9.68 -29.23 -35.22
C THR B 39 -9.97 -30.21 -34.09
N THR B 40 -10.76 -31.26 -34.36
CA THR B 40 -11.11 -32.22 -33.31
C THR B 40 -9.91 -33.12 -33.00
N VAL B 41 -8.97 -33.25 -33.94
CA VAL B 41 -7.78 -34.07 -33.81
C VAL B 41 -6.91 -33.57 -32.68
N PHE B 42 -6.71 -32.25 -32.59
CA PHE B 42 -5.99 -31.68 -31.46
C PHE B 42 -6.80 -31.67 -30.18
N THR B 43 -8.13 -31.57 -30.31
CA THR B 43 -9.02 -31.62 -29.13
C THR B 43 -8.95 -32.97 -28.44
N ARG B 44 -8.98 -34.06 -29.23
CA ARG B 44 -8.87 -35.38 -28.63
C ARG B 44 -7.46 -35.69 -28.14
N ILE B 45 -6.43 -35.08 -28.74
CA ILE B 45 -5.07 -35.20 -28.20
C ILE B 45 -4.97 -34.55 -26.83
N LEU B 46 -5.54 -33.35 -26.69
CA LEU B 46 -5.52 -32.67 -25.39
C LEU B 46 -6.37 -33.40 -24.35
N ASP B 47 -7.52 -33.92 -24.76
CA ASP B 47 -8.38 -34.65 -23.83
C ASP B 47 -7.79 -36.01 -23.46
N ARG B 48 -6.96 -36.59 -24.34
CA ARG B 48 -6.24 -37.80 -23.98
C ARG B 48 -5.06 -37.51 -23.07
N LEU B 49 -4.43 -36.33 -23.24
CA LEU B 49 -3.35 -35.93 -22.35
C LEU B 49 -3.85 -35.67 -20.94
N LEU B 50 -4.99 -35.00 -20.80
CA LEU B 50 -5.49 -34.64 -19.49
C LEU B 50 -6.32 -35.73 -18.83
N ASP B 51 -6.55 -36.86 -19.51
CA ASP B 51 -7.35 -37.94 -18.93
C ASP B 51 -6.48 -38.74 -17.96
N GLY B 52 -6.90 -38.78 -16.70
CA GLY B 52 -6.11 -39.45 -15.70
C GLY B 52 -4.86 -38.72 -15.29
N TYR B 53 -4.82 -37.41 -15.46
CA TYR B 53 -3.67 -36.60 -15.10
C TYR B 53 -3.88 -36.03 -13.69
N ASP B 54 -2.87 -36.17 -12.84
CA ASP B 54 -2.90 -35.63 -11.49
C ASP B 54 -1.91 -34.47 -11.43
N ASN B 55 -2.42 -33.24 -11.37
CA ASN B 55 -1.56 -32.07 -11.34
C ASN B 55 -1.04 -31.75 -9.95
N ARG B 56 -1.47 -32.49 -8.92
CA ARG B 56 -0.93 -32.32 -7.58
C ARG B 56 0.42 -32.99 -7.41
N LEU B 57 0.82 -33.86 -8.33
CA LEU B 57 2.05 -34.64 -8.21
C LEU B 57 3.03 -34.22 -9.29
N ARG B 58 4.27 -33.95 -8.89
CA ARG B 58 5.32 -33.62 -9.82
C ARG B 58 5.71 -34.85 -10.64
N PRO B 59 6.26 -34.67 -11.85
CA PRO B 59 6.70 -35.83 -12.63
C PRO B 59 7.86 -36.55 -11.98
N GLY B 60 7.70 -37.85 -11.77
CA GLY B 60 8.67 -38.62 -11.03
C GLY B 60 8.67 -38.27 -9.56
N LEU B 61 7.50 -38.33 -8.92
CA LEU B 61 7.40 -38.00 -7.51
C LEU B 61 8.09 -39.05 -6.64
N GLY B 62 7.96 -40.32 -7.01
CA GLY B 62 8.58 -41.40 -6.28
C GLY B 62 9.71 -42.11 -7.01
N GLU B 63 10.21 -41.56 -8.11
CA GLU B 63 11.17 -42.27 -8.94
C GLU B 63 12.47 -41.50 -9.18
N ARG B 64 12.39 -40.20 -9.40
CA ARG B 64 13.58 -39.43 -9.76
C ARG B 64 13.41 -38.00 -9.26
N VAL B 65 14.25 -37.11 -9.77
CA VAL B 65 14.26 -35.71 -9.38
C VAL B 65 13.83 -34.88 -10.59
N THR B 66 12.90 -33.97 -10.38
CA THR B 66 12.40 -33.10 -11.45
C THR B 66 13.41 -31.97 -11.66
N GLU B 67 14.23 -32.10 -12.71
CA GLU B 67 15.14 -31.02 -13.05
C GLU B 67 14.41 -29.98 -13.91
N VAL B 68 14.63 -28.71 -13.57
CA VAL B 68 13.97 -27.59 -14.24
C VAL B 68 15.05 -26.67 -14.78
N LYS B 69 15.01 -26.38 -16.07
CA LYS B 69 16.01 -25.55 -16.73
C LYS B 69 15.45 -24.14 -16.87
N THR B 70 16.22 -23.16 -16.44
CA THR B 70 15.73 -21.80 -16.27
C THR B 70 16.64 -20.82 -17.00
N ASP B 71 16.04 -19.81 -17.63
CA ASP B 71 16.80 -18.65 -18.09
C ASP B 71 15.91 -17.42 -17.98
N ILE B 72 16.56 -16.26 -17.97
CA ILE B 72 15.90 -14.98 -17.73
C ILE B 72 16.27 -14.04 -18.87
N PHE B 73 15.27 -13.39 -19.46
CA PHE B 73 15.50 -12.32 -20.42
C PHE B 73 15.02 -11.02 -19.81
N VAL B 74 15.97 -10.19 -19.36
CA VAL B 74 15.65 -8.93 -18.70
C VAL B 74 15.26 -7.92 -19.78
N THR B 75 13.96 -7.69 -19.94
CA THR B 75 13.50 -6.71 -20.93
C THR B 75 13.78 -5.28 -20.52
N SER B 76 13.83 -4.98 -19.22
CA SER B 76 14.17 -3.64 -18.75
C SER B 76 14.60 -3.71 -17.30
N PHE B 77 15.80 -3.22 -16.99
CA PHE B 77 16.27 -3.11 -15.62
C PHE B 77 15.76 -1.79 -15.05
N GLY B 78 14.74 -1.85 -14.20
CA GLY B 78 14.04 -0.66 -13.79
C GLY B 78 14.80 0.14 -12.77
N PRO B 79 14.15 1.19 -12.26
CA PRO B 79 14.86 2.15 -11.41
C PRO B 79 15.18 1.59 -10.04
N VAL B 80 16.35 1.96 -9.54
CA VAL B 80 16.81 1.52 -8.22
C VAL B 80 16.39 2.57 -7.21
N SER B 81 15.60 2.16 -6.23
CA SER B 81 15.15 3.05 -5.16
C SER B 81 16.19 3.02 -4.06
N ASP B 82 16.84 4.17 -3.82
CA ASP B 82 17.84 4.24 -2.76
C ASP B 82 17.19 4.22 -1.37
N HIS B 83 16.03 4.87 -1.23
CA HIS B 83 15.38 5.01 0.07
C HIS B 83 14.92 3.65 0.61
N ASP B 84 14.34 2.82 -0.23
CA ASP B 84 13.81 1.54 0.20
C ASP B 84 14.81 0.40 0.09
N MET B 85 16.01 0.68 -0.45
CA MET B 85 17.07 -0.31 -0.72
C MET B 85 16.55 -1.46 -1.57
N GLU B 86 15.90 -1.12 -2.67
CA GLU B 86 15.29 -2.08 -3.56
C GLU B 86 15.54 -1.69 -5.02
N TYR B 87 15.23 -2.59 -5.92
CA TYR B 87 15.29 -2.32 -7.35
C TYR B 87 14.18 -3.07 -8.05
N THR B 88 13.82 -2.58 -9.24
CA THR B 88 12.77 -3.17 -10.06
C THR B 88 13.39 -3.79 -11.30
N ILE B 89 12.85 -4.94 -11.73
CA ILE B 89 13.36 -5.62 -12.91
C ILE B 89 12.21 -6.28 -13.65
N ASP B 90 12.14 -6.08 -14.96
CA ASP B 90 11.13 -6.69 -15.82
C ASP B 90 11.76 -7.84 -16.57
N VAL B 91 11.12 -9.01 -16.55
CA VAL B 91 11.72 -10.22 -17.08
C VAL B 91 10.77 -10.95 -18.02
N PHE B 92 11.33 -11.95 -18.70
CA PHE B 92 10.70 -13.07 -19.40
C PHE B 92 11.21 -14.36 -18.78
N PHE B 93 10.97 -14.55 -17.48
CA PHE B 93 11.30 -15.78 -16.77
C PHE B 93 10.80 -17.04 -17.46
N ARG B 94 11.71 -17.87 -17.96
CA ARG B 94 11.37 -19.11 -18.65
C ARG B 94 11.79 -20.30 -17.80
N GLN B 95 10.94 -21.34 -17.77
CA GLN B 95 11.27 -22.61 -17.13
C GLN B 95 10.93 -23.74 -18.09
N SER B 96 11.72 -24.80 -18.04
CA SER B 96 11.52 -25.96 -18.90
C SER B 96 11.81 -27.22 -18.10
N TRP B 97 10.95 -28.23 -18.25
CA TRP B 97 11.11 -29.47 -17.52
C TRP B 97 10.52 -30.61 -18.32
N LYS B 98 10.89 -31.83 -17.95
CA LYS B 98 10.44 -33.04 -18.63
C LYS B 98 9.27 -33.63 -17.87
N ASP B 99 8.15 -33.84 -18.55
CA ASP B 99 6.99 -34.53 -18.01
C ASP B 99 6.64 -35.67 -18.95
N GLU B 100 6.63 -36.89 -18.43
CA GLU B 100 6.42 -38.07 -19.26
C GLU B 100 4.95 -38.38 -19.50
N ARG B 101 4.04 -37.73 -18.80
CA ARG B 101 2.61 -37.94 -18.99
C ARG B 101 2.04 -37.09 -20.12
N LEU B 102 2.81 -36.15 -20.64
CA LEU B 102 2.35 -35.26 -21.72
C LEU B 102 3.00 -35.62 -23.05
N LYS B 103 3.31 -36.91 -23.22
CA LYS B 103 3.78 -37.42 -24.50
C LYS B 103 2.60 -37.63 -25.44
N PHE B 104 2.76 -37.23 -26.69
CA PHE B 104 1.70 -37.40 -27.67
C PHE B 104 2.31 -37.70 -29.03
N LYS B 105 1.49 -38.27 -29.90
CA LYS B 105 1.83 -38.51 -31.29
C LYS B 105 0.75 -37.87 -32.14
N GLY B 106 1.12 -36.87 -32.94
CA GLY B 106 0.17 -36.17 -33.77
C GLY B 106 0.82 -35.56 -35.00
N PRO B 107 0.02 -34.84 -35.80
CA PRO B 107 0.59 -34.20 -36.99
C PRO B 107 1.47 -33.00 -36.69
N MET B 108 1.39 -32.44 -35.48
CA MET B 108 2.15 -31.27 -35.09
C MET B 108 3.12 -31.67 -33.99
N THR B 109 4.39 -31.30 -34.14
CA THR B 109 5.40 -31.71 -33.16
C THR B 109 5.31 -30.91 -31.87
N VAL B 110 5.01 -29.61 -31.97
CA VAL B 110 4.94 -28.73 -30.81
C VAL B 110 3.53 -28.19 -30.70
N LEU B 111 2.93 -28.31 -29.52
CA LEU B 111 1.60 -27.79 -29.25
C LEU B 111 1.75 -26.43 -28.56
N ARG B 112 1.70 -25.37 -29.35
CA ARG B 112 1.75 -24.01 -28.82
C ARG B 112 0.36 -23.67 -28.29
N LEU B 113 0.18 -23.78 -26.98
CA LEU B 113 -1.11 -23.61 -26.33
C LEU B 113 -1.15 -22.30 -25.54
N ASN B 114 -2.32 -22.01 -24.99
CA ASN B 114 -2.54 -20.77 -24.27
C ASN B 114 -2.39 -20.98 -22.76
N ASN B 115 -2.75 -19.98 -21.99
CA ASN B 115 -2.52 -19.97 -20.55
C ASN B 115 -3.48 -20.85 -19.78
N LEU B 116 -4.63 -21.19 -20.39
CA LEU B 116 -5.63 -21.98 -19.71
C LEU B 116 -5.17 -23.42 -19.52
N MET B 117 -4.28 -23.89 -20.39
CA MET B 117 -3.72 -25.24 -20.26
C MET B 117 -2.70 -25.33 -19.14
N ALA B 118 -2.03 -24.23 -18.79
CA ALA B 118 -0.99 -24.27 -17.78
C ALA B 118 -1.54 -24.43 -16.36
N SER B 119 -2.83 -24.21 -16.16
CA SER B 119 -3.47 -24.40 -14.86
C SER B 119 -3.94 -25.83 -14.65
N LYS B 120 -3.79 -26.68 -15.66
CA LYS B 120 -4.22 -28.07 -15.56
C LYS B 120 -3.07 -29.05 -15.56
N ILE B 121 -1.83 -28.59 -15.73
CA ILE B 121 -0.65 -29.45 -15.67
C ILE B 121 0.18 -29.01 -14.48
N TRP B 122 1.12 -29.86 -14.06
CA TRP B 122 2.02 -29.49 -12.98
C TRP B 122 3.02 -28.46 -13.47
N THR B 123 3.14 -27.37 -12.71
CA THR B 123 4.14 -26.35 -12.96
C THR B 123 4.92 -26.11 -11.68
N PRO B 124 6.22 -25.84 -11.78
CA PRO B 124 7.04 -25.66 -10.57
C PRO B 124 6.68 -24.39 -9.82
N ASP B 125 6.85 -24.46 -8.50
CA ASP B 125 6.45 -23.38 -7.61
C ASP B 125 7.62 -22.44 -7.31
N THR B 126 8.18 -21.88 -8.37
CA THR B 126 9.34 -21.01 -8.25
C THR B 126 8.92 -19.67 -7.66
N PHE B 127 9.65 -19.23 -6.64
CA PHE B 127 9.42 -17.94 -6.01
C PHE B 127 10.76 -17.25 -5.85
N PHE B 128 10.71 -15.93 -5.70
CA PHE B 128 11.92 -15.13 -5.54
C PHE B 128 12.20 -14.90 -4.07
N HIS B 129 13.39 -15.30 -3.63
CA HIS B 129 13.72 -15.33 -2.20
C HIS B 129 13.78 -13.93 -1.60
N ASN B 130 14.33 -12.98 -2.33
CA ASN B 130 14.49 -11.62 -1.84
C ASN B 130 13.50 -10.65 -2.46
N GLY B 131 12.42 -11.15 -3.07
CA GLY B 131 11.41 -10.25 -3.62
C GLY B 131 10.56 -9.66 -2.52
N LYS B 132 10.01 -8.47 -2.80
CA LYS B 132 9.12 -7.77 -1.88
C LYS B 132 7.69 -7.74 -2.38
N LYS B 133 7.47 -7.31 -3.61
CA LYS B 133 6.15 -7.30 -4.22
C LYS B 133 6.36 -7.32 -5.73
N SER B 134 5.99 -8.42 -6.36
CA SER B 134 6.15 -8.58 -7.79
C SER B 134 4.81 -8.93 -8.42
N VAL B 135 4.59 -8.45 -9.63
CA VAL B 135 3.31 -8.61 -10.32
C VAL B 135 3.55 -9.45 -11.56
N ALA B 136 2.77 -10.53 -11.69
CA ALA B 136 2.68 -11.26 -12.94
C ALA B 136 1.60 -10.62 -13.78
N HIS B 137 2.00 -10.02 -14.90
CA HIS B 137 1.08 -9.21 -15.69
C HIS B 137 0.03 -10.07 -16.38
N ASN B 138 -1.20 -9.56 -16.44
CA ASN B 138 -2.28 -10.28 -17.08
C ASN B 138 -3.15 -9.36 -17.92
N MET B 139 -2.53 -8.40 -18.60
CA MET B 139 -3.22 -7.51 -19.52
C MET B 139 -2.71 -7.78 -20.93
N THR B 140 -3.60 -8.11 -21.86
CA THR B 140 -5.05 -8.27 -21.73
C THR B 140 -5.44 -9.67 -21.30
N MET B 141 -4.68 -10.65 -21.72
CA MET B 141 -4.73 -12.02 -21.22
C MET B 141 -3.56 -12.24 -20.29
N PRO B 142 -3.56 -13.31 -19.49
CA PRO B 142 -2.37 -13.64 -18.69
C PRO B 142 -1.12 -13.82 -19.54
N ASN B 143 -0.06 -13.12 -19.17
CA ASN B 143 1.17 -13.11 -19.96
C ASN B 143 1.96 -14.36 -19.63
N LYS B 144 1.51 -15.47 -20.20
CA LYS B 144 2.15 -16.76 -19.99
C LYS B 144 2.28 -17.46 -21.32
N LEU B 145 3.04 -18.56 -21.32
CA LEU B 145 3.33 -19.32 -22.52
C LEU B 145 3.37 -20.79 -22.15
N LEU B 146 2.93 -21.65 -23.06
CA LEU B 146 3.01 -23.09 -22.82
C LEU B 146 3.16 -23.79 -24.15
N ARG B 147 4.24 -24.54 -24.31
CA ARG B 147 4.54 -25.28 -25.53
C ARG B 147 4.91 -26.70 -25.15
N ILE B 148 4.09 -27.66 -25.53
CA ILE B 148 4.30 -29.07 -25.21
C ILE B 148 4.83 -29.76 -26.45
N THR B 149 6.12 -30.12 -26.44
CA THR B 149 6.66 -30.90 -27.54
C THR B 149 6.26 -32.36 -27.41
N GLU B 150 6.54 -33.14 -28.45
CA GLU B 150 6.03 -34.50 -28.52
C GLU B 150 6.74 -35.48 -27.60
N ASP B 151 7.96 -35.15 -27.14
CA ASP B 151 8.66 -35.99 -26.19
C ASP B 151 8.32 -35.64 -24.74
N GLY B 152 7.44 -34.68 -24.52
CA GLY B 152 7.04 -34.28 -23.19
C GLY B 152 7.75 -33.07 -22.65
N THR B 153 8.71 -32.52 -23.38
CA THR B 153 9.44 -31.35 -22.91
C THR B 153 8.54 -30.12 -22.95
N LEU B 154 8.52 -29.37 -21.85
CA LEU B 154 7.64 -28.22 -21.70
C LEU B 154 8.45 -26.93 -21.70
N LEU B 155 7.73 -25.82 -21.82
CA LEU B 155 8.34 -24.50 -21.73
C LEU B 155 7.28 -23.55 -21.20
N TYR B 156 7.66 -22.74 -20.21
CA TYR B 156 6.70 -21.97 -19.43
C TYR B 156 7.31 -20.60 -19.16
N THR B 157 6.94 -19.61 -19.97
CA THR B 157 7.48 -18.26 -19.89
C THR B 157 6.46 -17.35 -19.22
N MET B 158 6.94 -16.38 -18.44
CA MET B 158 6.09 -15.45 -17.72
C MET B 158 6.66 -14.05 -17.81
N ARG B 159 5.77 -13.06 -17.70
CA ARG B 159 6.16 -11.65 -17.55
C ARG B 159 6.00 -11.25 -16.10
N LEU B 160 7.08 -10.82 -15.48
CA LEU B 160 7.08 -10.44 -14.08
C LEU B 160 7.75 -9.07 -13.94
N THR B 161 7.44 -8.39 -12.83
CA THR B 161 8.10 -7.13 -12.47
C THR B 161 8.55 -7.21 -11.01
N VAL B 162 9.74 -7.77 -10.81
CA VAL B 162 10.20 -8.13 -9.49
C VAL B 162 10.79 -6.91 -8.79
N ARG B 163 10.26 -6.59 -7.61
CA ARG B 163 10.84 -5.58 -6.73
C ARG B 163 11.65 -6.30 -5.67
N ALA B 164 12.88 -6.66 -6.01
CA ALA B 164 13.74 -7.42 -5.11
C ALA B 164 14.44 -6.49 -4.15
N GLU B 165 15.04 -7.07 -3.11
CA GLU B 165 15.83 -6.33 -2.14
C GLU B 165 17.27 -6.23 -2.62
N CYS B 166 17.85 -5.04 -2.50
CA CYS B 166 19.28 -4.83 -2.73
C CYS B 166 19.84 -4.21 -1.45
N PRO B 167 20.44 -5.03 -0.57
CA PRO B 167 21.08 -4.49 0.63
C PRO B 167 22.29 -3.63 0.28
N MET B 168 22.29 -2.39 0.74
CA MET B 168 23.29 -1.41 0.34
C MET B 168 24.14 -1.00 1.53
N HIS B 169 25.38 -0.64 1.23
CA HIS B 169 26.31 -0.06 2.19
C HIS B 169 26.67 1.32 1.67
N LEU B 170 25.94 2.33 2.13
CA LEU B 170 26.22 3.71 1.75
C LEU B 170 27.33 4.30 2.61
N GLU B 171 28.54 3.77 2.50
CA GLU B 171 29.69 4.33 3.20
C GLU B 171 30.58 5.12 2.25
N ASP B 172 30.54 4.76 0.96
CA ASP B 172 31.31 5.47 -0.05
C ASP B 172 30.39 6.33 -0.91
N PHE B 173 29.24 6.71 -0.37
CA PHE B 173 28.24 7.46 -1.12
C PHE B 173 28.77 8.84 -1.48
N PRO B 174 28.52 9.34 -2.71
CA PRO B 174 27.81 8.71 -3.83
C PRO B 174 28.71 7.97 -4.81
N MET B 175 29.96 7.74 -4.43
CA MET B 175 30.94 7.08 -5.29
C MET B 175 31.04 5.60 -4.99
N ASP B 176 29.92 4.90 -4.99
CA ASP B 176 29.84 3.51 -4.54
C ASP B 176 29.28 2.61 -5.64
N ALA B 177 29.58 1.32 -5.52
CA ALA B 177 29.14 0.31 -6.45
C ALA B 177 28.38 -0.78 -5.70
N HIS B 178 27.45 -1.42 -6.40
CA HIS B 178 26.56 -2.40 -5.78
C HIS B 178 26.56 -3.74 -6.51
N ALA B 179 26.00 -4.75 -5.86
CA ALA B 179 25.94 -6.12 -6.36
C ALA B 179 24.53 -6.66 -6.12
N CYS B 180 23.52 -5.92 -6.57
CA CYS B 180 22.11 -6.21 -6.29
C CYS B 180 21.69 -7.60 -6.79
N PRO B 181 21.22 -8.47 -5.91
CA PRO B 181 20.98 -9.87 -6.29
C PRO B 181 19.54 -10.13 -6.72
N LEU B 182 19.34 -11.31 -7.29
CA LEU B 182 18.01 -11.81 -7.64
C LEU B 182 18.04 -13.32 -7.41
N LYS B 183 17.58 -13.75 -6.25
CA LYS B 183 17.64 -15.14 -5.85
C LYS B 183 16.27 -15.78 -5.99
N PHE B 184 16.19 -16.88 -6.72
CA PHE B 184 14.94 -17.60 -6.88
C PHE B 184 15.15 -19.09 -6.67
N GLY B 185 14.06 -19.79 -6.37
CA GLY B 185 14.10 -21.22 -6.16
C GLY B 185 12.72 -21.72 -5.89
N SER B 186 12.61 -23.03 -5.68
CA SER B 186 11.32 -23.61 -5.38
C SER B 186 10.91 -23.30 -3.94
N TYR B 187 9.60 -23.31 -3.69
CA TYR B 187 9.09 -23.02 -2.36
C TYR B 187 8.86 -24.27 -1.53
N ALA B 188 8.25 -25.31 -2.10
CA ALA B 188 7.86 -26.48 -1.32
C ALA B 188 8.73 -27.70 -1.56
N TYR B 189 9.36 -27.82 -2.72
CA TYR B 189 10.10 -29.02 -3.06
C TYR B 189 11.57 -28.81 -2.73
N THR B 190 12.14 -29.76 -1.99
CA THR B 190 13.49 -29.62 -1.46
C THR B 190 14.52 -30.00 -2.52
N ARG B 191 15.77 -30.16 -2.08
CA ARG B 191 16.87 -30.51 -2.98
C ARG B 191 16.71 -31.92 -3.55
N ALA B 192 16.10 -32.82 -2.79
CA ALA B 192 15.92 -34.20 -3.22
C ALA B 192 14.73 -34.38 -4.16
N GLU B 193 13.95 -33.32 -4.39
CA GLU B 193 12.74 -33.41 -5.20
C GLU B 193 12.85 -32.62 -6.50
N VAL B 194 13.14 -31.32 -6.42
CA VAL B 194 13.19 -30.46 -7.59
C VAL B 194 14.51 -29.69 -7.55
N VAL B 195 15.31 -29.82 -8.60
CA VAL B 195 16.54 -29.06 -8.74
C VAL B 195 16.41 -28.12 -9.92
N TYR B 196 17.19 -27.04 -9.89
CA TYR B 196 17.13 -26.00 -10.91
C TYR B 196 18.49 -25.90 -11.58
N GLU B 197 18.48 -25.64 -12.89
CA GLU B 197 19.69 -25.48 -13.69
C GLU B 197 19.47 -24.32 -14.66
N TRP B 198 20.56 -23.91 -15.30
CA TRP B 198 20.49 -22.95 -16.39
C TRP B 198 20.47 -23.70 -17.71
N THR B 199 19.60 -23.27 -18.64
CA THR B 199 19.41 -24.04 -19.86
C THR B 199 20.54 -23.85 -20.86
N ARG B 200 21.18 -22.69 -20.87
CA ARG B 200 22.37 -22.45 -21.66
C ARG B 200 23.57 -22.43 -20.72
N GLU B 201 24.73 -22.02 -21.22
CA GLU B 201 25.86 -21.75 -20.34
C GLU B 201 25.51 -20.63 -19.38
N PRO B 202 26.02 -20.71 -18.14
CA PRO B 202 25.66 -19.71 -17.12
C PRO B 202 26.05 -18.27 -17.47
N ALA B 203 27.07 -18.07 -18.30
CA ALA B 203 27.39 -16.72 -18.73
C ALA B 203 26.36 -16.15 -19.69
N ARG B 204 25.56 -17.01 -20.35
CA ARG B 204 24.61 -16.57 -21.36
C ARG B 204 23.17 -16.90 -20.98
N SER B 205 22.92 -17.30 -19.73
CA SER B 205 21.58 -17.69 -19.32
C SER B 205 20.78 -16.56 -18.70
N VAL B 206 21.39 -15.39 -18.51
CA VAL B 206 20.65 -14.17 -18.17
C VAL B 206 21.05 -13.13 -19.20
N VAL B 207 20.09 -12.68 -19.99
CA VAL B 207 20.32 -11.74 -21.08
C VAL B 207 19.57 -10.45 -20.77
N VAL B 208 20.27 -9.33 -20.89
CA VAL B 208 19.68 -8.00 -20.72
C VAL B 208 19.56 -7.36 -22.09
N ALA B 209 18.37 -6.86 -22.41
CA ALA B 209 18.12 -6.25 -23.70
C ALA B 209 18.88 -4.93 -23.84
N GLU B 210 19.16 -4.54 -25.09
CA GLU B 210 19.97 -3.36 -25.35
C GLU B 210 19.24 -2.08 -24.98
N ASP B 211 17.97 -1.97 -25.40
CA ASP B 211 17.17 -0.81 -25.05
C ASP B 211 16.67 -0.86 -23.61
N GLY B 212 16.78 -2.01 -22.97
CA GLY B 212 16.26 -2.19 -21.63
C GLY B 212 17.16 -1.73 -20.52
N SER B 213 17.23 -0.42 -20.30
CA SER B 213 17.96 0.14 -19.16
C SER B 213 17.18 1.36 -18.70
N ARG B 214 16.33 1.18 -17.70
CA ARG B 214 15.58 2.28 -17.11
C ARG B 214 16.31 2.90 -15.94
N LEU B 215 17.58 2.56 -15.74
CA LEU B 215 18.41 3.19 -14.73
C LEU B 215 18.72 4.63 -15.15
N ASN B 216 18.49 5.57 -14.24
CA ASN B 216 18.90 6.94 -14.46
C ASN B 216 20.05 7.37 -13.56
N GLN B 217 20.11 6.86 -12.34
CA GLN B 217 21.17 7.23 -11.41
C GLN B 217 22.40 6.35 -11.54
N TYR B 218 22.22 5.06 -11.81
CA TYR B 218 23.29 4.09 -11.88
C TYR B 218 23.64 3.78 -13.33
N ASP B 219 24.51 2.79 -13.52
CA ASP B 219 24.65 2.14 -14.82
C ASP B 219 24.95 0.66 -14.60
N LEU B 220 24.59 -0.16 -15.58
CA LEU B 220 24.69 -1.61 -15.44
C LEU B 220 26.01 -2.08 -16.04
N LEU B 221 26.89 -2.63 -15.20
CA LEU B 221 28.20 -3.09 -15.66
C LEU B 221 28.14 -4.50 -16.24
N GLY B 222 27.31 -5.37 -15.67
CA GLY B 222 27.21 -6.73 -16.17
C GLY B 222 26.43 -7.58 -15.19
N GLN B 223 26.21 -8.82 -15.61
CA GLN B 223 25.50 -9.80 -14.80
C GLN B 223 26.46 -10.85 -14.27
N THR B 224 25.99 -11.61 -13.29
CA THR B 224 26.79 -12.59 -12.56
C THR B 224 25.84 -13.60 -11.96
N VAL B 225 25.95 -14.87 -12.36
CA VAL B 225 25.03 -15.88 -11.88
C VAL B 225 25.79 -16.91 -11.07
N ASP B 226 25.04 -17.66 -10.25
CA ASP B 226 25.60 -18.68 -9.37
C ASP B 226 24.48 -19.59 -8.92
N SER B 227 24.82 -20.83 -8.60
CA SER B 227 23.86 -21.81 -8.11
C SER B 227 24.39 -22.40 -6.81
N GLY B 228 23.50 -22.61 -5.85
CA GLY B 228 23.91 -23.11 -4.56
C GLY B 228 22.77 -23.78 -3.82
N ILE B 229 23.06 -24.16 -2.59
CA ILE B 229 22.09 -24.82 -1.70
C ILE B 229 21.89 -23.92 -0.49
N VAL B 230 20.64 -23.66 -0.14
CA VAL B 230 20.29 -22.89 1.05
C VAL B 230 19.67 -23.84 2.07
N GLN B 231 20.05 -23.70 3.33
CA GLN B 231 19.54 -24.52 4.41
C GLN B 231 18.51 -23.71 5.20
N SER B 232 17.34 -24.31 5.43
CA SER B 232 16.27 -23.63 6.14
C SER B 232 15.67 -24.53 7.20
N SER B 233 14.55 -24.11 7.80
CA SER B 233 13.90 -24.90 8.83
C SER B 233 13.25 -26.15 8.25
N THR B 234 12.77 -26.07 7.01
CA THR B 234 11.99 -27.15 6.43
C THR B 234 12.87 -28.17 5.73
N GLY B 235 13.89 -27.70 5.01
CA GLY B 235 14.81 -28.59 4.34
C GLY B 235 15.85 -27.79 3.59
N GLU B 236 16.63 -28.48 2.77
CA GLU B 236 17.63 -27.84 1.93
C GLU B 236 17.06 -27.65 0.52
N TYR B 237 17.30 -26.47 -0.05
CA TYR B 237 16.68 -26.08 -1.30
C TYR B 237 17.74 -25.58 -2.26
N VAL B 238 17.50 -25.78 -3.55
CA VAL B 238 18.39 -25.26 -4.59
C VAL B 238 17.98 -23.83 -4.88
N VAL B 239 18.92 -22.90 -4.71
CA VAL B 239 18.67 -21.49 -4.97
C VAL B 239 19.59 -21.04 -6.09
N MET B 240 19.04 -20.28 -7.03
CA MET B 240 19.78 -19.74 -8.16
C MET B 240 19.89 -18.23 -8.01
N THR B 241 21.12 -17.73 -8.09
CA THR B 241 21.41 -16.33 -7.81
C THR B 241 21.78 -15.64 -9.12
N THR B 242 21.35 -14.38 -9.26
CA THR B 242 21.78 -13.52 -10.36
C THR B 242 22.18 -12.19 -9.75
N HIS B 243 23.43 -11.79 -9.93
CA HIS B 243 23.96 -10.56 -9.37
C HIS B 243 24.07 -9.52 -10.48
N PHE B 244 23.47 -8.35 -10.27
CA PHE B 244 23.50 -7.26 -11.23
C PHE B 244 24.42 -6.17 -10.68
N HIS B 245 25.57 -5.98 -11.31
CA HIS B 245 26.58 -5.06 -10.78
C HIS B 245 26.27 -3.65 -11.24
N LEU B 246 26.08 -2.76 -10.28
CA LEU B 246 25.72 -1.38 -10.54
C LEU B 246 26.83 -0.45 -10.07
N LYS B 247 26.83 0.76 -10.62
CA LYS B 247 27.79 1.79 -10.24
C LYS B 247 27.12 3.14 -10.34
N ARG B 248 27.13 3.89 -9.24
CA ARG B 248 26.44 5.17 -9.23
C ARG B 248 27.18 6.20 -10.07
N LYS B 249 26.41 7.08 -10.72
CA LYS B 249 27.05 8.22 -11.46
C LYS B 249 26.95 9.43 -10.52
N ILE B 250 27.99 10.28 -10.48
CA ILE B 250 28.01 11.40 -9.49
C ILE B 250 27.53 12.71 -10.14
N GLY B 251 27.12 12.67 -11.41
CA GLY B 251 26.75 13.91 -12.12
C GLY B 251 25.76 14.76 -11.32
N TYR B 252 24.74 14.18 -10.71
CA TYR B 252 23.75 15.02 -10.02
C TYR B 252 24.42 15.60 -8.79
N PHE B 253 25.08 14.77 -7.99
CA PHE B 253 25.63 15.25 -6.70
C PHE B 253 26.86 16.12 -6.92
N VAL B 254 27.30 16.34 -8.15
CA VAL B 254 28.42 17.31 -8.39
C VAL B 254 27.76 18.54 -9.01
N ILE B 255 26.48 18.76 -8.70
CA ILE B 255 25.74 19.96 -9.17
C ILE B 255 24.77 20.38 -8.06
N GLN B 256 24.22 19.42 -7.32
CA GLN B 256 23.22 19.71 -6.24
C GLN B 256 23.84 19.55 -4.86
N THR B 257 25.09 19.09 -4.75
CA THR B 257 25.74 19.10 -3.46
C THR B 257 27.17 19.61 -3.51
N TYR B 258 28.04 18.98 -4.31
CA TYR B 258 29.48 19.22 -4.19
C TYR B 258 29.86 20.63 -4.65
N LEU B 259 29.36 21.05 -5.80
CA LEU B 259 29.68 22.36 -6.33
C LEU B 259 29.03 23.53 -5.59
N PRO B 260 27.77 23.47 -5.11
CA PRO B 260 27.31 24.53 -4.19
C PRO B 260 28.10 24.60 -2.89
N CYS B 261 28.58 23.47 -2.36
CA CYS B 261 29.40 23.50 -1.16
C CYS B 261 30.76 24.14 -1.45
N ILE B 262 31.35 23.83 -2.60
CA ILE B 262 32.62 24.45 -2.98
C ILE B 262 32.46 25.96 -3.20
N MET B 263 31.37 26.36 -3.85
CA MET B 263 31.12 27.79 -4.06
C MET B 263 30.79 28.52 -2.77
N THR B 264 30.13 27.84 -1.82
CA THR B 264 29.90 28.42 -0.51
C THR B 264 31.20 28.61 0.26
N VAL B 265 32.12 27.66 0.14
CA VAL B 265 33.43 27.81 0.79
C VAL B 265 34.24 28.92 0.15
N ILE B 266 34.21 29.01 -1.19
CA ILE B 266 34.93 30.06 -1.91
C ILE B 266 34.39 31.46 -1.59
N LEU B 267 33.06 31.62 -1.56
CA LEU B 267 32.47 32.90 -1.21
C LEU B 267 32.63 33.24 0.27
N SER B 268 32.86 32.25 1.13
CA SER B 268 33.18 32.52 2.52
C SER B 268 34.62 32.98 2.70
N GLN B 269 35.48 32.76 1.71
CA GLN B 269 36.87 33.17 1.77
C GLN B 269 37.17 34.41 0.92
N VAL B 270 36.17 34.99 0.25
CA VAL B 270 36.38 36.26 -0.43
C VAL B 270 36.18 37.42 0.53
N SER B 271 35.75 37.12 1.75
CA SER B 271 35.62 38.10 2.82
C SER B 271 36.96 38.45 3.47
N PHE B 272 38.03 37.75 3.12
CA PHE B 272 39.36 38.11 3.58
C PHE B 272 39.98 39.24 2.81
N TRP B 273 39.47 39.55 1.61
CA TRP B 273 40.04 40.58 0.75
C TRP B 273 39.40 41.96 0.97
N LEU B 274 38.50 42.09 1.94
CA LEU B 274 37.78 43.34 2.18
C LEU B 274 38.54 44.27 3.11
N ASN B 275 37.88 45.40 3.38
CA ASN B 275 38.28 46.32 4.44
C ASN B 275 38.12 45.68 5.81
N ARG B 276 39.01 46.05 6.73
CA ARG B 276 38.92 45.58 8.10
C ARG B 276 37.75 46.24 8.83
N GLU B 277 37.46 47.49 8.50
CA GLU B 277 36.47 48.29 9.22
C GLU B 277 35.03 47.94 8.84
N SER B 278 34.82 47.27 7.70
CA SER B 278 33.47 46.93 7.26
C SER B 278 32.95 45.74 8.08
N VAL B 279 32.51 46.04 9.30
CA VAL B 279 31.95 45.05 10.21
C VAL B 279 30.65 44.41 9.72
N PRO B 280 29.61 45.14 9.26
CA PRO B 280 28.39 44.43 8.83
C PRO B 280 28.57 43.64 7.54
N ALA B 281 29.48 44.06 6.66
CA ALA B 281 29.68 43.34 5.40
C ALA B 281 30.33 41.98 5.62
N ARG B 282 31.39 41.93 6.43
CA ARG B 282 32.00 40.63 6.72
C ARG B 282 31.13 39.81 7.66
N THR B 283 30.34 40.47 8.52
CA THR B 283 29.38 39.75 9.35
C THR B 283 28.32 39.07 8.48
N VAL B 284 27.85 39.74 7.43
CA VAL B 284 26.81 39.13 6.62
C VAL B 284 27.38 38.08 5.67
N PHE B 285 28.65 38.19 5.21
CA PHE B 285 29.30 37.00 4.64
C PHE B 285 29.32 35.82 5.60
N GLY B 286 29.76 36.03 6.84
CA GLY B 286 29.87 34.92 7.78
C GLY B 286 28.53 34.26 8.07
N VAL B 287 27.51 35.06 8.35
CA VAL B 287 26.22 34.48 8.70
C VAL B 287 25.53 33.88 7.48
N THR B 288 25.62 34.50 6.29
CA THR B 288 24.88 33.94 5.16
C THR B 288 25.56 32.67 4.64
N THR B 289 26.89 32.61 4.66
CA THR B 289 27.55 31.37 4.30
C THR B 289 27.29 30.26 5.33
N VAL B 290 27.24 30.58 6.63
CA VAL B 290 26.97 29.55 7.63
C VAL B 290 25.53 29.02 7.50
N LEU B 291 24.56 29.93 7.35
CA LEU B 291 23.16 29.53 7.15
C LEU B 291 22.95 28.74 5.87
N THR B 292 23.57 29.14 4.75
CA THR B 292 23.36 28.38 3.52
C THR B 292 24.12 27.06 3.53
N MET B 293 25.26 26.99 4.21
CA MET B 293 25.93 25.71 4.35
C MET B 293 25.17 24.77 5.29
N THR B 294 24.50 25.31 6.31
CA THR B 294 23.58 24.51 7.13
C THR B 294 22.40 24.00 6.31
N THR B 295 21.84 24.86 5.46
CA THR B 295 20.72 24.48 4.60
C THR B 295 21.13 23.40 3.60
N LEU B 296 22.34 23.52 3.04
CA LEU B 296 22.89 22.49 2.17
C LEU B 296 23.12 21.18 2.92
N SER B 297 23.57 21.26 4.18
CA SER B 297 23.77 20.05 4.98
C SER B 297 22.45 19.35 5.27
N ILE B 298 21.39 20.13 5.49
CA ILE B 298 20.05 19.53 5.72
C ILE B 298 19.53 18.93 4.41
N SER B 299 19.54 19.73 3.33
CA SER B 299 19.02 19.26 2.02
C SER B 299 20.06 18.37 1.31
N ALA B 300 20.79 17.54 2.06
CA ALA B 300 21.74 16.59 1.43
C ALA B 300 21.63 15.24 2.12
N ARG B 301 21.84 15.21 3.45
CA ARG B 301 21.75 13.95 4.23
C ARG B 301 20.32 13.41 4.13
N ASN B 302 19.36 14.27 3.75
CA ASN B 302 17.94 13.85 3.70
C ASN B 302 17.64 13.06 2.42
N SER B 303 18.45 13.20 1.37
CA SER B 303 18.09 12.53 0.12
C SER B 303 17.85 11.05 0.34
N LEU B 304 18.83 10.39 0.97
CA LEU B 304 18.77 8.92 1.17
C LEU B 304 18.05 8.57 2.46
N PRO B 305 17.87 7.27 2.81
CA PRO B 305 17.25 6.88 4.09
C PRO B 305 18.14 7.23 5.30
N LYS B 306 17.62 7.02 6.51
CA LYS B 306 18.38 7.40 7.73
C LYS B 306 19.31 6.26 8.14
N VAL B 307 20.61 6.39 7.84
CA VAL B 307 21.62 5.36 8.24
C VAL B 307 22.42 5.91 9.43
N ALA B 308 23.08 5.03 10.19
CA ALA B 308 23.79 5.49 11.38
C ALA B 308 25.18 5.99 11.07
N TYR B 309 25.85 5.41 10.07
CA TYR B 309 27.19 5.83 9.73
C TYR B 309 27.16 7.09 8.87
N ALA B 310 28.34 7.59 8.53
CA ALA B 310 28.49 8.83 7.77
C ALA B 310 29.03 8.53 6.39
N THR B 311 28.41 9.10 5.37
CA THR B 311 28.84 8.90 4.00
C THR B 311 30.07 9.75 3.71
N ALA B 312 30.62 9.60 2.50
CA ALA B 312 31.70 10.47 2.08
C ALA B 312 31.21 11.90 1.83
N MET B 313 29.97 12.03 1.37
CA MET B 313 29.37 13.35 1.17
C MET B 313 29.20 14.09 2.50
N ASP B 314 28.87 13.37 3.57
CA ASP B 314 28.80 13.98 4.88
C ASP B 314 30.16 14.42 5.38
N TRP B 315 31.23 13.68 5.04
CA TRP B 315 32.58 14.13 5.40
C TRP B 315 32.97 15.39 4.63
N PHE B 316 32.60 15.47 3.35
CA PHE B 316 32.87 16.67 2.56
C PHE B 316 32.11 17.87 3.12
N ILE B 317 30.84 17.66 3.49
CA ILE B 317 30.01 18.69 4.10
C ILE B 317 30.57 19.14 5.44
N ALA B 318 31.00 18.21 6.29
CA ALA B 318 31.62 18.54 7.58
C ALA B 318 32.92 19.30 7.45
N VAL B 319 33.79 18.94 6.50
CA VAL B 319 35.02 19.70 6.30
C VAL B 319 34.74 21.10 5.74
N CYS B 320 33.80 21.22 4.82
CA CYS B 320 33.37 22.53 4.31
C CYS B 320 32.76 23.41 5.40
N TYR B 321 31.98 22.81 6.28
CA TYR B 321 31.30 23.44 7.41
C TYR B 321 32.23 23.82 8.51
N ALA B 322 33.38 23.14 8.58
CA ALA B 322 34.50 23.57 9.40
C ALA B 322 35.27 24.73 8.79
N PHE B 323 35.44 24.72 7.47
CA PHE B 323 36.17 25.79 6.78
C PHE B 323 35.45 27.13 6.90
N VAL B 324 34.14 27.13 6.66
CA VAL B 324 33.38 28.39 6.72
C VAL B 324 33.30 28.90 8.17
N PHE B 325 33.19 28.00 9.14
CA PHE B 325 33.16 28.39 10.55
C PHE B 325 34.52 28.92 11.00
N SER B 326 35.61 28.37 10.44
CA SER B 326 36.93 28.91 10.70
C SER B 326 37.10 30.30 10.09
N ALA B 327 36.49 30.54 8.92
CA ALA B 327 36.51 31.89 8.34
C ALA B 327 35.78 32.90 9.22
N LEU B 328 34.63 32.48 9.77
CA LEU B 328 33.90 33.32 10.72
C LEU B 328 34.71 33.61 11.98
N ILE B 329 35.38 32.59 12.51
CA ILE B 329 36.24 32.77 13.69
C ILE B 329 37.41 33.69 13.38
N GLU B 330 37.93 33.61 12.14
CA GLU B 330 39.00 34.52 11.70
C GLU B 330 38.54 35.97 11.68
N PHE B 331 37.33 36.22 11.16
CA PHE B 331 36.80 37.58 11.20
C PHE B 331 36.52 38.05 12.62
N ALA B 332 36.05 37.15 13.49
CA ALA B 332 35.82 37.51 14.88
C ALA B 332 37.12 37.88 15.59
N THR B 333 38.20 37.16 15.30
CA THR B 333 39.50 37.47 15.87
C THR B 333 40.04 38.81 15.35
N VAL B 334 39.84 39.07 14.05
CA VAL B 334 40.29 40.34 13.46
C VAL B 334 39.51 41.51 14.06
N ASN B 335 38.20 41.35 14.22
CA ASN B 335 37.38 42.41 14.80
C ASN B 335 37.64 42.58 16.29
N TYR B 336 38.25 41.63 16.97
CA TYR B 336 38.58 41.89 18.39
C TYR B 336 39.91 42.65 18.43
N PHE B 337 40.55 42.80 17.28
CA PHE B 337 41.87 43.47 17.24
C PHE B 337 41.85 44.70 16.33
N THR B 338 40.66 45.30 16.12
CA THR B 338 40.56 46.53 15.30
C THR B 338 40.45 47.76 16.21
N LYS B 339 40.92 48.93 15.76
CA LYS B 339 40.87 50.18 16.56
C LYS B 339 40.40 51.34 15.68
N PHE B 413 45.95 55.67 11.76
CA PHE B 413 44.65 55.19 11.24
C PHE B 413 44.37 53.77 11.74
N ASN B 414 44.21 52.82 10.82
CA ASN B 414 43.97 51.41 11.19
C ASN B 414 44.62 50.54 10.11
N SER B 415 45.78 49.98 10.41
CA SER B 415 46.52 49.15 9.42
C SER B 415 45.71 47.92 9.02
N VAL B 416 46.05 47.34 7.88
CA VAL B 416 45.38 46.06 7.48
C VAL B 416 45.84 45.02 8.50
N SER B 417 45.26 43.82 8.45
CA SER B 417 45.57 42.82 9.45
C SER B 417 46.47 41.74 8.89
N LYS B 418 47.43 41.29 9.70
CA LYS B 418 48.29 40.18 9.30
C LYS B 418 47.52 38.88 9.24
N ILE B 419 46.45 38.77 10.03
CA ILE B 419 45.61 37.57 10.01
C ILE B 419 44.87 37.46 8.68
N ASP B 420 44.40 38.59 8.13
CA ASP B 420 43.78 38.58 6.81
C ASP B 420 44.78 38.23 5.71
N ARG B 421 46.00 38.74 5.80
CA ARG B 421 47.01 38.44 4.79
C ARG B 421 47.49 37.00 4.86
N LEU B 422 47.49 36.41 6.06
CA LEU B 422 47.80 34.99 6.18
C LEU B 422 46.65 34.12 5.70
N SER B 423 45.41 34.52 6.00
CA SER B 423 44.23 33.73 5.65
C SER B 423 43.83 33.87 4.19
N ARG B 424 44.35 34.88 3.48
CA ARG B 424 44.16 34.92 2.03
C ARG B 424 44.92 33.81 1.33
N ILE B 425 45.98 33.29 1.93
CA ILE B 425 46.80 32.23 1.34
C ILE B 425 46.51 30.88 1.98
N ALA B 426 46.39 30.84 3.31
CA ALA B 426 46.31 29.57 4.02
C ALA B 426 45.00 28.84 3.77
N PHE B 427 43.88 29.56 3.77
CA PHE B 427 42.57 28.95 3.56
C PHE B 427 42.36 28.33 2.17
N PRO B 428 42.67 28.99 1.03
CA PRO B 428 42.44 28.32 -0.26
C PRO B 428 43.40 27.18 -0.55
N LEU B 429 44.67 27.29 -0.12
CA LEU B 429 45.60 26.18 -0.32
C LEU B 429 45.26 24.98 0.55
N LEU B 430 44.80 25.20 1.78
CA LEU B 430 44.32 24.06 2.58
C LEU B 430 43.03 23.46 2.03
N PHE B 431 42.13 24.27 1.45
CA PHE B 431 40.97 23.70 0.77
C PHE B 431 41.37 22.90 -0.47
N GLY B 432 42.36 23.38 -1.23
CA GLY B 432 42.85 22.62 -2.37
C GLY B 432 43.54 21.34 -1.99
N ILE B 433 44.30 21.36 -0.89
CA ILE B 433 44.94 20.15 -0.37
C ILE B 433 43.89 19.14 0.08
N PHE B 434 42.83 19.61 0.76
CA PHE B 434 41.74 18.72 1.15
C PHE B 434 41.03 18.13 -0.06
N ASN B 435 40.80 18.94 -1.10
CA ASN B 435 40.14 18.42 -2.31
C ASN B 435 41.02 17.40 -3.03
N LEU B 436 42.32 17.68 -3.16
CA LEU B 436 43.21 16.74 -3.83
C LEU B 436 43.43 15.48 -3.01
N VAL B 437 43.25 15.51 -1.70
CA VAL B 437 43.28 14.29 -0.90
C VAL B 437 41.98 13.51 -1.03
N TYR B 438 40.84 14.19 -0.87
CA TYR B 438 39.54 13.55 -0.81
C TYR B 438 39.16 12.92 -2.14
N TRP B 439 39.30 13.66 -3.25
CA TRP B 439 38.88 13.13 -4.54
C TRP B 439 39.81 12.02 -5.02
N ALA B 440 41.11 12.14 -4.80
CA ALA B 440 42.03 11.06 -5.17
C ALA B 440 41.85 9.83 -4.29
N THR B 441 41.44 10.01 -3.03
CA THR B 441 41.16 8.86 -2.19
C THR B 441 39.89 8.14 -2.62
N TYR B 442 38.83 8.88 -2.92
CA TYR B 442 37.55 8.23 -3.13
C TYR B 442 37.27 7.85 -4.58
N LEU B 443 37.88 8.51 -5.57
CA LEU B 443 37.68 8.11 -6.95
C LEU B 443 38.50 6.88 -7.29
N ASN B 444 39.64 6.69 -6.64
CA ASN B 444 40.49 5.53 -6.87
C ASN B 444 40.03 4.35 -6.01
N GLY C 32 3.28 -47.83 -11.58
CA GLY C 32 4.47 -47.62 -10.79
C GLY C 32 4.18 -46.95 -9.45
N ASN C 33 5.13 -46.15 -8.97
CA ASN C 33 4.94 -45.45 -7.71
C ASN C 33 3.90 -44.34 -7.84
N MET C 34 3.91 -43.62 -8.96
CA MET C 34 2.98 -42.52 -9.20
C MET C 34 1.56 -43.00 -9.45
N SER C 35 1.36 -44.29 -9.73
CA SER C 35 0.04 -44.88 -9.74
C SER C 35 -0.51 -45.15 -8.34
N PHE C 36 0.36 -45.52 -7.39
CA PHE C 36 -0.05 -45.71 -6.01
C PHE C 36 -0.24 -44.38 -5.27
N VAL C 37 0.61 -43.40 -5.57
CA VAL C 37 0.50 -42.08 -4.94
C VAL C 37 -0.79 -41.39 -5.35
N LYS C 38 -1.16 -41.51 -6.63
CA LYS C 38 -2.38 -40.90 -7.13
C LYS C 38 -3.63 -41.46 -6.45
N GLU C 39 -3.69 -42.79 -6.31
CA GLU C 39 -4.88 -43.38 -5.69
C GLU C 39 -4.88 -43.16 -4.19
N THR C 40 -3.69 -43.03 -3.58
CA THR C 40 -3.61 -42.69 -2.16
C THR C 40 -4.13 -41.28 -1.89
N VAL C 41 -3.67 -40.29 -2.66
CA VAL C 41 -4.12 -38.92 -2.48
C VAL C 41 -5.60 -38.76 -2.85
N ASP C 42 -6.05 -39.50 -3.87
CA ASP C 42 -7.47 -39.45 -4.23
C ASP C 42 -8.34 -40.13 -3.18
N LYS C 43 -7.80 -41.12 -2.48
CA LYS C 43 -8.54 -41.78 -1.41
C LYS C 43 -8.60 -40.90 -0.16
N LEU C 44 -7.53 -40.13 0.09
CA LEU C 44 -7.47 -39.28 1.28
C LEU C 44 -8.52 -38.17 1.25
N LEU C 45 -8.73 -37.55 0.10
CA LEU C 45 -9.62 -36.40 -0.02
C LEU C 45 -11.01 -36.75 -0.51
N LYS C 46 -11.32 -38.04 -0.67
CA LYS C 46 -12.67 -38.47 -1.02
C LYS C 46 -13.41 -38.77 0.29
N GLY C 47 -14.41 -37.96 0.60
CA GLY C 47 -15.08 -38.01 1.88
C GLY C 47 -14.53 -37.05 2.91
N TYR C 48 -13.52 -36.25 2.54
CA TYR C 48 -12.93 -35.28 3.45
C TYR C 48 -13.88 -34.09 3.58
N ASP C 49 -14.40 -33.86 4.78
CA ASP C 49 -15.28 -32.74 5.06
C ASP C 49 -14.42 -31.56 5.50
N ILE C 50 -14.35 -30.53 4.65
CA ILE C 50 -13.53 -29.36 4.95
C ILE C 50 -14.17 -28.46 6.00
N ARG C 51 -15.48 -28.61 6.26
CA ARG C 51 -16.15 -27.77 7.22
C ARG C 51 -15.91 -28.20 8.66
N LEU C 52 -15.34 -29.37 8.88
CA LEU C 52 -15.11 -29.90 10.22
C LEU C 52 -13.61 -29.91 10.51
N ARG C 53 -13.24 -29.38 11.67
CA ARG C 53 -11.88 -29.50 12.15
C ARG C 53 -11.59 -30.94 12.58
N PRO C 54 -10.31 -31.34 12.61
CA PRO C 54 -9.98 -32.66 13.16
C PRO C 54 -10.35 -32.75 14.64
N ASP C 55 -10.88 -33.93 15.01
CA ASP C 55 -11.51 -34.18 16.31
C ASP C 55 -12.59 -33.15 16.61
N PHE C 56 -13.62 -33.14 15.76
CA PHE C 56 -14.67 -32.12 15.86
C PHE C 56 -15.50 -32.28 17.12
N GLY C 57 -15.87 -33.51 17.47
CA GLY C 57 -16.62 -33.75 18.68
C GLY C 57 -15.80 -34.07 19.90
N GLY C 58 -14.47 -33.93 19.83
CA GLY C 58 -13.62 -34.34 20.91
C GLY C 58 -12.67 -33.28 21.40
N PRO C 59 -11.43 -33.66 21.68
CA PRO C 59 -10.43 -32.73 22.24
C PRO C 59 -9.99 -31.72 21.21
N PRO C 60 -9.49 -30.56 21.63
CA PRO C 60 -9.01 -29.57 20.67
C PRO C 60 -7.76 -30.02 19.94
N VAL C 61 -7.59 -29.50 18.73
CA VAL C 61 -6.42 -29.77 17.92
C VAL C 61 -5.31 -28.81 18.33
N CYS C 62 -4.09 -29.32 18.41
CA CYS C 62 -2.93 -28.52 18.79
C CYS C 62 -2.18 -28.10 17.54
N VAL C 63 -2.08 -26.79 17.33
CA VAL C 63 -1.44 -26.21 16.15
C VAL C 63 -0.15 -25.55 16.59
N GLY C 64 0.98 -26.07 16.13
CA GLY C 64 2.28 -25.54 16.48
C GLY C 64 2.79 -24.62 15.40
N MET C 65 3.40 -23.52 15.81
CA MET C 65 3.81 -22.48 14.89
C MET C 65 5.29 -22.14 15.08
N ASN C 66 5.98 -21.99 13.96
CA ASN C 66 7.30 -21.37 13.92
C ASN C 66 7.35 -20.40 12.77
N ILE C 67 8.14 -19.34 12.93
CA ILE C 67 8.19 -18.24 11.98
C ILE C 67 9.65 -18.05 11.58
N ASP C 68 9.94 -18.11 10.29
CA ASP C 68 11.25 -17.72 9.78
C ASP C 68 11.13 -16.30 9.23
N ILE C 69 11.67 -15.33 9.96
CA ILE C 69 11.52 -13.94 9.58
C ILE C 69 12.51 -13.62 8.46
N ALA C 70 11.99 -13.14 7.34
CA ALA C 70 12.85 -12.79 6.21
C ALA C 70 13.49 -11.42 6.42
N SER C 71 12.66 -10.39 6.55
CA SER C 71 13.19 -9.01 6.74
C SER C 71 12.07 -8.03 7.12
N ILE C 72 12.32 -7.17 8.11
CA ILE C 72 11.32 -6.11 8.45
C ILE C 72 11.56 -4.94 7.49
N ASP C 73 10.60 -4.67 6.60
CA ASP C 73 10.82 -3.61 5.57
C ASP C 73 11.16 -2.27 6.22
N MET C 74 10.32 -1.79 7.14
CA MET C 74 10.54 -0.45 7.74
C MET C 74 9.67 -0.27 8.99
N VAL C 75 9.95 0.76 9.79
CA VAL C 75 9.14 1.05 11.01
C VAL C 75 8.69 2.51 10.94
N SER C 76 7.61 2.81 10.22
CA SER C 76 7.17 4.18 10.03
C SER C 76 6.59 4.73 11.33
N GLU C 77 7.06 5.91 11.73
CA GLU C 77 6.50 6.60 12.89
C GLU C 77 5.27 7.41 12.54
N VAL C 78 5.13 7.83 11.28
CA VAL C 78 3.99 8.64 10.87
C VAL C 78 2.71 7.82 10.89
N ASN C 79 2.75 6.62 10.31
CA ASN C 79 1.60 5.73 10.31
C ASN C 79 1.56 4.83 11.53
N MET C 80 2.63 4.82 12.32
CA MET C 80 2.81 3.99 13.53
C MET C 80 2.62 2.50 13.21
N ASP C 81 3.40 2.02 12.26
CA ASP C 81 3.34 0.64 11.83
C ASP C 81 4.72 0.16 11.44
N TYR C 82 4.81 -1.11 11.08
CA TYR C 82 6.04 -1.72 10.59
C TYR C 82 5.65 -2.84 9.64
N THR C 83 6.42 -3.01 8.58
CA THR C 83 6.13 -4.02 7.57
C THR C 83 7.05 -5.20 7.77
N LEU C 84 6.48 -6.40 7.90
CA LEU C 84 7.22 -7.59 8.26
C LEU C 84 6.94 -8.72 7.28
N THR C 85 7.98 -9.19 6.61
CA THR C 85 7.92 -10.35 5.72
C THR C 85 8.38 -11.56 6.50
N MET C 86 7.64 -12.66 6.42
CA MET C 86 7.90 -13.81 7.25
C MET C 86 7.54 -15.09 6.50
N TYR C 87 8.05 -16.22 6.98
CA TYR C 87 7.71 -17.54 6.49
C TYR C 87 6.86 -18.20 7.57
N PHE C 88 5.56 -17.94 7.54
CA PHE C 88 4.66 -18.36 8.62
C PHE C 88 4.26 -19.81 8.40
N GLN C 89 4.64 -20.69 9.34
CA GLN C 89 4.40 -22.11 9.21
C GLN C 89 3.56 -22.62 10.37
N GLN C 90 2.62 -23.51 10.07
CA GLN C 90 1.74 -24.13 11.05
C GLN C 90 1.87 -25.64 10.97
N TYR C 91 1.46 -26.32 12.04
CA TYR C 91 1.81 -27.73 12.23
C TYR C 91 0.76 -28.36 13.13
N TRP C 92 -0.16 -29.13 12.54
CA TRP C 92 -1.15 -29.86 13.31
C TRP C 92 -1.21 -31.30 12.80
N ARG C 93 -2.11 -32.08 13.40
CA ARG C 93 -2.22 -33.51 13.07
C ARG C 93 -3.68 -33.84 12.77
N ASP C 94 -3.97 -34.09 11.50
CA ASP C 94 -5.29 -34.53 11.06
C ASP C 94 -5.24 -36.03 10.80
N LYS C 95 -6.13 -36.77 11.45
CA LYS C 95 -6.12 -38.22 11.33
C LYS C 95 -6.86 -38.74 10.11
N ARG C 96 -7.53 -37.87 9.35
CA ARG C 96 -8.13 -38.28 8.10
C ARG C 96 -7.12 -38.29 6.95
N LEU C 97 -5.97 -37.66 7.13
CA LEU C 97 -4.94 -37.56 6.10
C LEU C 97 -3.77 -38.48 6.39
N ALA C 98 -4.05 -39.62 7.02
CA ALA C 98 -3.04 -40.60 7.37
C ALA C 98 -3.04 -41.70 6.32
N TYR C 99 -1.87 -41.99 5.77
CA TYR C 99 -1.70 -43.07 4.79
C TYR C 99 -0.65 -44.04 5.29
N SER C 100 -0.66 -45.25 4.71
CA SER C 100 0.16 -46.34 5.21
C SER C 100 1.14 -46.86 4.17
N GLY C 101 0.69 -46.98 2.92
CA GLY C 101 1.48 -47.56 1.85
C GLY C 101 2.71 -46.79 1.45
N ILE C 102 2.61 -45.47 1.42
CA ILE C 102 3.67 -44.61 0.93
C ILE C 102 4.64 -44.28 2.05
N PRO C 103 5.91 -44.71 1.96
CA PRO C 103 6.86 -44.43 3.04
C PRO C 103 7.65 -43.14 2.85
N LEU C 104 6.99 -42.03 2.53
CA LEU C 104 7.69 -40.77 2.35
C LEU C 104 6.75 -39.61 2.62
N ASN C 105 7.33 -38.44 2.90
CA ASN C 105 6.55 -37.23 3.23
C ASN C 105 6.06 -36.55 1.95
N LEU C 106 4.80 -36.71 1.56
CA LEU C 106 4.21 -36.21 0.33
C LEU C 106 4.19 -34.69 0.31
N THR C 107 4.96 -34.09 -0.59
CA THR C 107 4.87 -32.65 -0.84
C THR C 107 3.99 -32.45 -2.06
N LEU C 108 2.74 -32.07 -1.82
CA LEU C 108 1.79 -31.88 -2.90
C LEU C 108 1.90 -30.47 -3.45
N ASP C 109 1.21 -30.24 -4.57
CA ASP C 109 1.09 -28.92 -5.15
C ASP C 109 0.32 -28.00 -4.20
N ASN C 110 0.63 -26.71 -4.24
CA ASN C 110 0.09 -25.77 -3.25
C ASN C 110 -1.41 -25.54 -3.37
N ARG C 111 -2.04 -25.99 -4.44
CA ARG C 111 -3.47 -25.76 -4.64
C ARG C 111 -4.36 -26.80 -3.98
N VAL C 112 -3.80 -27.82 -3.31
CA VAL C 112 -4.63 -28.79 -2.61
C VAL C 112 -5.03 -28.23 -1.24
N ALA C 113 -4.38 -27.15 -0.79
CA ALA C 113 -4.70 -26.53 0.49
C ALA C 113 -6.06 -25.86 0.50
N ASP C 114 -6.65 -25.62 -0.68
CA ASP C 114 -8.04 -25.18 -0.76
C ASP C 114 -9.03 -26.32 -0.56
N GLN C 115 -8.56 -27.56 -0.54
CA GLN C 115 -9.40 -28.73 -0.32
C GLN C 115 -9.13 -29.39 1.02
N LEU C 116 -8.28 -28.81 1.85
CA LEU C 116 -8.00 -29.33 3.18
C LEU C 116 -8.44 -28.31 4.23
N TRP C 117 -8.70 -28.81 5.43
CA TRP C 117 -8.97 -27.92 6.55
C TRP C 117 -7.66 -27.30 7.00
N VAL C 118 -7.66 -25.97 7.14
CA VAL C 118 -6.51 -25.24 7.68
C VAL C 118 -7.05 -24.33 8.77
N PRO C 119 -6.26 -24.03 9.81
CA PRO C 119 -6.76 -23.15 10.88
C PRO C 119 -6.92 -21.72 10.43
N ASP C 120 -7.89 -21.04 11.04
CA ASP C 120 -8.25 -19.67 10.67
C ASP C 120 -7.44 -18.66 11.47
N THR C 121 -6.12 -18.78 11.36
CA THR C 121 -5.21 -17.89 12.06
C THR C 121 -5.25 -16.51 11.44
N TYR C 122 -5.40 -15.48 12.27
CA TYR C 122 -5.36 -14.11 11.82
C TYR C 122 -4.43 -13.31 12.71
N PHE C 123 -4.11 -12.10 12.25
CA PHE C 123 -3.27 -11.18 13.01
C PHE C 123 -4.12 -9.99 13.44
N LEU C 124 -4.20 -9.76 14.75
CA LEU C 124 -5.15 -8.79 15.27
C LEU C 124 -4.70 -7.36 15.01
N ASN C 125 -3.40 -7.10 15.02
CA ASN C 125 -2.89 -5.78 14.74
C ASN C 125 -2.49 -5.59 13.28
N ASP C 126 -2.98 -6.44 12.39
CA ASP C 126 -2.73 -6.31 10.97
C ASP C 126 -3.49 -5.13 10.39
N LYS C 127 -2.88 -4.47 9.41
CA LYS C 127 -3.54 -3.39 8.69
C LYS C 127 -3.73 -3.74 7.22
N LYS C 128 -2.69 -4.18 6.54
CA LYS C 128 -2.77 -4.56 5.13
C LYS C 128 -1.71 -5.62 4.90
N SER C 129 -2.11 -6.79 4.42
CA SER C 129 -1.18 -7.89 4.24
C SER C 129 -1.62 -8.79 3.10
N PHE C 130 -0.68 -9.58 2.60
CA PHE C 130 -0.91 -10.41 1.44
C PHE C 130 0.03 -11.60 1.45
N VAL C 131 -0.42 -12.69 0.87
CA VAL C 131 0.43 -13.84 0.59
C VAL C 131 0.99 -13.65 -0.81
N HIS C 132 2.30 -13.85 -0.96
CA HIS C 132 2.98 -13.60 -2.22
C HIS C 132 2.51 -14.56 -3.30
N GLY C 133 2.30 -14.04 -4.51
CA GLY C 133 1.68 -14.82 -5.55
C GLY C 133 2.43 -14.86 -6.86
N VAL C 134 3.75 -14.85 -6.79
CA VAL C 134 4.62 -14.99 -7.96
C VAL C 134 5.67 -16.04 -7.63
N THR C 135 5.82 -17.05 -8.49
CA THR C 135 5.13 -17.27 -9.76
C THR C 135 3.83 -18.01 -9.55
N VAL C 136 3.72 -18.71 -8.43
CA VAL C 136 2.45 -19.24 -7.95
C VAL C 136 2.21 -18.65 -6.58
N LYS C 137 1.14 -19.09 -5.91
CA LYS C 137 0.85 -18.60 -4.55
C LYS C 137 1.93 -19.19 -3.66
N ASN C 138 2.61 -18.37 -2.90
CA ASN C 138 3.74 -18.81 -2.07
C ASN C 138 3.21 -19.48 -0.82
N ARG C 139 2.85 -20.75 -0.96
CA ARG C 139 2.49 -21.55 0.18
C ARG C 139 2.94 -22.99 -0.04
N MET C 140 3.13 -23.70 1.06
CA MET C 140 3.64 -25.06 1.07
C MET C 140 2.65 -25.97 1.78
N ILE C 141 2.42 -27.14 1.21
CA ILE C 141 1.67 -28.20 1.86
C ILE C 141 2.57 -29.42 1.92
N ARG C 142 2.40 -30.23 2.97
CA ARG C 142 3.21 -31.47 3.12
C ARG C 142 2.48 -32.43 4.07
N LEU C 143 2.11 -33.62 3.56
CA LEU C 143 1.37 -34.60 4.39
C LEU C 143 2.34 -35.65 4.94
N HIS C 144 2.56 -35.65 6.26
CA HIS C 144 3.43 -36.68 6.88
C HIS C 144 2.62 -37.98 6.99
N PRO C 145 3.25 -39.17 6.87
CA PRO C 145 2.49 -40.44 6.87
C PRO C 145 1.66 -40.70 8.11
N ASP C 146 1.88 -39.99 9.22
CA ASP C 146 1.02 -40.11 10.39
C ASP C 146 -0.12 -39.11 10.38
N GLY C 147 -0.34 -38.43 9.26
CA GLY C 147 -1.39 -37.45 9.15
C GLY C 147 -0.99 -36.03 9.47
N THR C 148 0.27 -35.79 9.83
CA THR C 148 0.72 -34.47 10.22
C THR C 148 0.85 -33.57 8.99
N VAL C 149 0.42 -32.31 9.14
CA VAL C 149 0.39 -31.34 8.05
C VAL C 149 1.38 -30.23 8.38
N LEU C 150 2.05 -29.70 7.35
CA LEU C 150 3.08 -28.67 7.49
C LEU C 150 2.72 -27.48 6.59
N TYR C 151 1.51 -26.95 6.76
CA TYR C 151 1.07 -25.77 6.06
C TYR C 151 1.93 -24.55 6.35
N GLY C 152 2.64 -24.04 5.35
CA GLY C 152 3.42 -22.83 5.50
C GLY C 152 3.04 -21.82 4.45
N LEU C 153 3.23 -20.54 4.79
CA LEU C 153 2.94 -19.45 3.87
C LEU C 153 4.05 -18.41 3.97
N ARG C 154 4.17 -17.60 2.92
CA ARG C 154 5.07 -16.46 2.91
C ARG C 154 4.21 -15.20 2.92
N ILE C 155 4.32 -14.42 3.99
CA ILE C 155 3.34 -13.41 4.35
C ILE C 155 4.05 -12.10 4.65
N THR C 156 3.52 -10.99 4.09
CA THR C 156 4.05 -9.66 4.35
C THR C 156 3.00 -8.84 5.08
N THR C 157 3.13 -8.72 6.40
CA THR C 157 2.18 -7.98 7.23
C THR C 157 2.68 -6.57 7.51
N THR C 158 1.80 -5.59 7.33
CA THR C 158 2.04 -4.22 7.78
C THR C 158 1.33 -4.04 9.11
N ALA C 159 1.90 -4.65 10.15
CA ALA C 159 1.26 -4.68 11.45
C ALA C 159 1.35 -3.32 12.14
N ALA C 160 0.34 -3.03 12.96
CA ALA C 160 0.24 -1.74 13.65
C ALA C 160 1.01 -1.79 14.96
N CYS C 161 1.85 -0.78 15.19
CA CYS C 161 2.68 -0.70 16.38
C CYS C 161 2.60 0.71 16.93
N MET C 162 1.85 0.89 18.02
CA MET C 162 1.73 2.21 18.64
C MET C 162 3.01 2.55 19.39
N MET C 163 3.53 3.76 19.13
CA MET C 163 4.85 4.14 19.60
C MET C 163 4.74 5.27 20.62
N ASP C 164 5.56 5.19 21.66
CA ASP C 164 5.65 6.22 22.68
C ASP C 164 6.88 7.06 22.36
N LEU C 165 6.66 8.20 21.72
CA LEU C 165 7.74 9.05 21.23
C LEU C 165 8.10 10.15 22.23
N ARG C 166 7.95 9.89 23.53
CA ARG C 166 8.26 10.90 24.53
C ARG C 166 9.76 11.11 24.70
N ARG C 167 10.59 10.17 24.26
CA ARG C 167 12.03 10.30 24.36
C ARG C 167 12.69 10.23 22.98
N TYR C 168 11.94 10.58 21.94
CA TYR C 168 12.47 10.58 20.58
C TYR C 168 13.57 11.64 20.44
N PRO C 169 14.69 11.33 19.76
CA PRO C 169 15.03 10.08 19.07
C PRO C 169 15.80 9.08 19.93
N LEU C 170 15.96 9.34 21.22
CA LEU C 170 16.74 8.46 22.10
C LEU C 170 15.82 7.44 22.77
N ASP C 171 15.03 6.75 21.96
CA ASP C 171 13.96 5.89 22.45
C ASP C 171 14.25 4.43 22.12
N GLU C 172 13.49 3.55 22.78
CA GLU C 172 13.36 2.16 22.36
C GLU C 172 11.87 1.84 22.28
N GLN C 173 11.48 1.10 21.24
CA GLN C 173 10.10 0.75 21.03
C GLN C 173 9.89 -0.74 21.24
N ASN C 174 8.63 -1.13 21.36
CA ASN C 174 8.25 -2.54 21.55
C ASN C 174 7.11 -2.82 20.57
N CYS C 175 7.44 -3.41 19.43
CA CYS C 175 6.48 -3.70 18.38
C CYS C 175 6.12 -5.18 18.42
N THR C 176 4.82 -5.47 18.45
CA THR C 176 4.33 -6.82 18.62
C THR C 176 3.63 -7.31 17.36
N LEU C 177 3.55 -8.63 17.21
CA LEU C 177 2.67 -9.26 16.24
C LEU C 177 1.78 -10.23 17.00
N GLU C 178 0.47 -10.12 16.78
CA GLU C 178 -0.52 -10.79 17.62
C GLU C 178 -1.20 -11.88 16.81
N ILE C 179 -0.78 -13.13 17.00
CA ILE C 179 -1.30 -14.26 16.27
C ILE C 179 -2.43 -14.90 17.05
N GLU C 180 -3.61 -14.99 16.45
CA GLU C 180 -4.79 -15.47 17.16
C GLU C 180 -5.66 -16.29 16.21
N SER C 181 -6.36 -17.29 16.76
CA SER C 181 -7.41 -17.97 16.03
C SER C 181 -8.70 -17.16 16.08
N TYR C 182 -9.43 -17.13 14.97
CA TYR C 182 -10.65 -16.34 14.92
C TYR C 182 -11.88 -17.13 15.38
N GLY C 183 -12.19 -18.21 14.69
CA GLY C 183 -13.47 -18.86 14.90
C GLY C 183 -13.48 -19.97 15.92
N TYR C 184 -12.31 -20.45 16.32
CA TYR C 184 -12.21 -21.58 17.23
C TYR C 184 -11.70 -21.11 18.58
N THR C 185 -12.42 -21.48 19.63
CA THR C 185 -12.07 -21.11 21.00
C THR C 185 -11.03 -22.08 21.54
N THR C 186 -10.72 -21.99 22.83
CA THR C 186 -9.76 -22.90 23.43
C THR C 186 -10.33 -24.29 23.67
N ASP C 187 -11.64 -24.47 23.53
CA ASP C 187 -12.24 -25.80 23.52
C ASP C 187 -12.23 -26.42 22.13
N ASP C 188 -11.71 -25.71 21.13
CA ASP C 188 -11.66 -26.20 19.76
C ASP C 188 -10.28 -26.19 19.15
N ILE C 189 -9.36 -25.34 19.61
CA ILE C 189 -8.02 -25.26 19.05
C ILE C 189 -7.05 -24.89 20.16
N GLU C 190 -5.78 -25.19 19.94
CA GLU C 190 -4.72 -24.85 20.89
C GLU C 190 -3.48 -24.43 20.11
N PHE C 191 -2.86 -23.34 20.56
CA PHE C 191 -1.70 -22.77 19.89
C PHE C 191 -0.48 -22.97 20.78
N TYR C 192 0.66 -23.23 20.17
CA TYR C 192 1.92 -23.27 20.90
C TYR C 192 3.05 -22.94 19.94
N TRP C 193 4.14 -22.42 20.47
CA TRP C 193 5.35 -22.23 19.68
C TRP C 193 6.08 -23.56 19.56
N ARG C 194 6.28 -24.04 18.34
CA ARG C 194 6.95 -25.32 18.14
C ARG C 194 8.44 -25.12 18.18
N GLY C 195 9.11 -25.79 19.11
CA GLY C 195 10.52 -25.61 19.33
C GLY C 195 10.88 -24.73 20.52
N GLY C 196 9.89 -24.29 21.29
CA GLY C 196 10.15 -23.46 22.45
C GLY C 196 10.60 -22.06 22.11
N ASP C 197 11.80 -21.69 22.55
CA ASP C 197 12.38 -20.40 22.25
C ASP C 197 13.08 -20.36 20.90
N LYS C 198 13.17 -21.51 20.21
CA LYS C 198 13.77 -21.59 18.90
C LYS C 198 12.74 -21.63 17.78
N ALA C 199 11.51 -21.20 18.06
CA ALA C 199 10.49 -21.17 17.02
C ALA C 199 10.76 -20.05 16.02
N VAL C 200 11.10 -18.86 16.49
CA VAL C 200 11.38 -17.73 15.61
C VAL C 200 12.87 -17.73 15.32
N THR C 201 13.23 -17.87 14.05
CA THR C 201 14.61 -17.87 13.59
C THR C 201 14.77 -16.86 12.48
N GLY C 202 15.86 -16.11 12.52
CA GLY C 202 16.15 -15.09 11.53
C GLY C 202 16.09 -13.68 12.03
N VAL C 203 15.82 -13.46 13.33
CA VAL C 203 15.75 -12.11 13.87
C VAL C 203 17.15 -11.56 14.12
N GLU C 204 18.16 -12.42 14.22
CA GLU C 204 19.52 -11.96 14.48
C GLU C 204 20.27 -11.57 13.22
N ARG C 205 19.63 -11.67 12.05
CA ARG C 205 20.29 -11.38 10.79
C ARG C 205 19.75 -10.16 10.08
N ILE C 206 18.62 -9.61 10.53
CA ILE C 206 18.02 -8.47 9.84
C ILE C 206 18.80 -7.20 10.17
N GLU C 207 18.81 -6.30 9.20
CA GLU C 207 19.59 -5.06 9.35
C GLU C 207 18.62 -3.91 9.10
N LEU C 208 18.11 -3.35 10.18
CA LEU C 208 17.31 -2.14 10.06
C LEU C 208 18.23 -0.94 9.92
N PRO C 209 17.90 0.02 9.05
CA PRO C 209 18.81 1.15 8.84
C PRO C 209 18.79 2.16 9.97
N GLN C 210 17.66 2.33 10.65
CA GLN C 210 17.53 3.32 11.71
C GLN C 210 17.45 2.73 13.10
N PHE C 211 16.84 1.56 13.24
CA PHE C 211 16.71 0.90 14.54
C PHE C 211 17.73 -0.21 14.66
N SER C 212 17.64 -0.96 15.75
CA SER C 212 18.44 -2.16 15.97
C SER C 212 17.71 -3.04 16.96
N ILE C 213 17.53 -4.31 16.61
CA ILE C 213 16.75 -5.23 17.45
C ILE C 213 17.58 -5.60 18.67
N VAL C 214 17.02 -5.40 19.85
CA VAL C 214 17.70 -5.72 21.10
C VAL C 214 17.30 -7.11 21.61
N GLU C 215 16.00 -7.33 21.83
CA GLU C 215 15.51 -8.62 22.27
C GLU C 215 14.25 -8.96 21.49
N HIS C 216 13.92 -10.25 21.49
CA HIS C 216 12.64 -10.73 20.99
C HIS C 216 12.13 -11.78 21.97
N ARG C 217 10.82 -11.80 22.19
CA ARG C 217 10.20 -12.71 23.16
C ARG C 217 9.01 -13.42 22.53
N LEU C 218 8.72 -14.61 23.05
CA LEU C 218 7.63 -15.44 22.58
C LEU C 218 6.66 -15.66 23.74
N VAL C 219 5.41 -15.22 23.57
CA VAL C 219 4.42 -15.24 24.63
C VAL C 219 3.19 -16.01 24.14
N SER C 220 2.72 -16.95 24.96
CA SER C 220 1.51 -17.73 24.67
C SER C 220 0.47 -17.45 25.74
N ARG C 221 -0.72 -17.02 25.33
CA ARG C 221 -1.76 -16.57 26.23
C ARG C 221 -3.09 -17.21 25.88
N ASN C 222 -4.12 -16.82 26.64
CA ASN C 222 -5.52 -17.04 26.29
C ASN C 222 -6.27 -15.75 26.56
N VAL C 223 -6.79 -15.12 25.52
CA VAL C 223 -7.58 -13.91 25.70
C VAL C 223 -9.06 -14.25 25.64
N VAL C 224 -9.86 -13.50 26.37
CA VAL C 224 -11.29 -13.74 26.53
C VAL C 224 -12.05 -12.59 25.89
N PHE C 225 -12.94 -12.93 24.97
CA PHE C 225 -13.86 -11.98 24.35
C PHE C 225 -15.28 -12.33 24.79
N ALA C 226 -16.24 -11.62 24.22
CA ALA C 226 -17.64 -11.88 24.56
C ALA C 226 -18.15 -13.17 23.96
N THR C 227 -17.51 -13.68 22.91
CA THR C 227 -17.93 -14.89 22.22
C THR C 227 -17.22 -16.14 22.72
N GLY C 228 -16.25 -16.01 23.61
CA GLY C 228 -15.52 -17.15 24.13
C GLY C 228 -14.11 -16.77 24.48
N ALA C 229 -13.30 -17.77 24.80
CA ALA C 229 -11.90 -17.59 25.16
C ALA C 229 -11.02 -18.14 24.03
N TYR C 230 -10.13 -17.31 23.52
CA TYR C 230 -9.36 -17.65 22.32
C TYR C 230 -7.87 -17.71 22.65
N PRO C 231 -7.14 -18.62 22.03
CA PRO C 231 -5.69 -18.65 22.24
C PRO C 231 -5.00 -17.56 21.47
N ARG C 232 -3.86 -17.13 21.98
CA ARG C 232 -3.09 -16.09 21.32
C ARG C 232 -1.61 -16.33 21.50
N LEU C 233 -0.86 -16.26 20.41
CA LEU C 233 0.59 -16.20 20.44
C LEU C 233 1.01 -14.77 20.09
N SER C 234 1.97 -14.24 20.84
CA SER C 234 2.44 -12.88 20.64
C SER C 234 3.94 -12.89 20.43
N LEU C 235 4.38 -12.37 19.29
CA LEU C 235 5.79 -12.21 18.97
C LEU C 235 6.11 -10.72 18.99
N SER C 236 7.09 -10.33 19.79
CA SER C 236 7.37 -8.93 20.03
C SER C 236 8.86 -8.67 20.01
N PHE C 237 9.27 -7.57 19.39
CA PHE C 237 10.66 -7.16 19.29
C PHE C 237 10.86 -5.86 20.05
N ARG C 238 12.08 -5.65 20.53
CA ARG C 238 12.47 -4.40 21.16
C ARG C 238 13.45 -3.69 20.25
N LEU C 239 13.16 -2.44 19.91
CA LEU C 239 13.86 -1.72 18.86
C LEU C 239 14.44 -0.42 19.43
N LYS C 240 15.69 -0.46 19.87
CA LYS C 240 16.35 0.80 20.20
C LYS C 240 16.76 1.50 18.91
N ARG C 241 16.85 2.82 18.97
CA ARG C 241 17.10 3.63 17.78
C ARG C 241 18.56 4.05 17.74
N ASN C 242 19.20 3.85 16.58
CA ASN C 242 20.55 4.32 16.36
C ASN C 242 20.56 5.85 16.31
N ILE C 243 21.51 6.46 17.00
CA ILE C 243 21.44 7.88 17.28
C ILE C 243 22.26 8.74 16.33
N GLY C 244 23.30 8.17 15.69
CA GLY C 244 24.31 8.98 15.02
C GLY C 244 23.81 9.72 13.79
N TYR C 245 22.73 9.25 13.19
CA TYR C 245 22.05 10.01 12.14
C TYR C 245 21.51 11.32 12.67
N PHE C 246 21.02 11.32 13.91
CA PHE C 246 20.45 12.54 14.46
C PHE C 246 21.52 13.52 14.94
N ILE C 247 22.70 13.03 15.33
CA ILE C 247 23.84 13.94 15.50
C ILE C 247 24.25 14.54 14.16
N LEU C 248 24.30 13.71 13.10
CA LEU C 248 24.66 14.24 11.79
C LEU C 248 23.59 15.15 11.18
N GLN C 249 22.35 15.06 11.65
CA GLN C 249 21.24 15.80 11.07
C GLN C 249 20.79 16.99 11.89
N THR C 250 20.41 16.79 13.15
CA THR C 250 19.71 17.80 13.92
C THR C 250 20.48 18.33 15.10
N TYR C 251 21.21 17.47 15.82
CA TYR C 251 21.83 17.89 17.07
C TYR C 251 23.04 18.79 16.82
N MET C 252 23.79 18.55 15.75
CA MET C 252 24.96 19.39 15.48
C MET C 252 24.62 20.77 14.88
N PRO C 253 23.71 20.93 13.90
CA PRO C 253 23.30 22.30 13.55
C PRO C 253 22.65 23.07 14.68
N SER C 254 21.81 22.41 15.47
CA SER C 254 21.19 23.09 16.60
C SER C 254 22.20 23.38 17.70
N ILE C 255 23.29 22.61 17.78
CA ILE C 255 24.29 22.87 18.81
C ILE C 255 25.30 23.93 18.37
N LEU C 256 25.46 24.18 17.06
CA LEU C 256 26.43 25.20 16.69
C LEU C 256 25.83 26.47 16.10
N ILE C 257 24.52 26.54 15.88
CA ILE C 257 23.86 27.83 15.70
C ILE C 257 23.93 28.57 17.03
N THR C 258 23.86 27.83 18.13
CA THR C 258 24.07 28.37 19.47
C THR C 258 25.50 28.90 19.64
N ILE C 259 26.49 28.23 19.05
CA ILE C 259 27.86 28.72 19.05
C ILE C 259 27.96 29.97 18.19
N LEU C 260 27.22 29.98 17.07
CA LEU C 260 27.19 31.13 16.16
C LEU C 260 26.64 32.38 16.83
N SER C 261 25.71 32.23 17.78
CA SER C 261 25.13 33.40 18.44
C SER C 261 26.08 34.06 19.41
N TRP C 262 27.12 33.36 19.85
CA TRP C 262 28.06 33.92 20.82
C TRP C 262 29.18 34.71 20.18
N VAL C 263 29.23 34.78 18.84
CA VAL C 263 30.14 35.69 18.16
C VAL C 263 29.69 37.13 18.37
N SER C 264 28.40 37.34 18.64
CA SER C 264 27.85 38.68 18.87
C SER C 264 28.40 39.34 20.12
N PHE C 265 28.90 38.56 21.09
CA PHE C 265 29.50 39.16 22.27
C PHE C 265 30.88 39.74 21.96
N TRP C 266 31.57 39.20 20.96
CA TRP C 266 32.88 39.71 20.59
C TRP C 266 32.79 40.98 19.76
N ILE C 267 31.67 41.20 19.07
CA ILE C 267 31.48 42.40 18.28
C ILE C 267 31.24 43.59 19.22
N ASN C 268 31.73 44.76 18.81
CA ASN C 268 31.60 45.97 19.62
C ASN C 268 30.14 46.42 19.72
N TYR C 269 29.88 47.24 20.74
CA TYR C 269 28.49 47.62 21.06
C TYR C 269 27.89 48.56 20.03
N ASP C 270 28.69 49.43 19.42
CA ASP C 270 28.15 50.40 18.48
C ASP C 270 27.82 49.78 17.12
N ALA C 271 28.33 48.59 16.83
CA ALA C 271 28.02 47.89 15.58
C ALA C 271 26.65 47.26 15.74
N SER C 272 25.61 48.07 15.52
CA SER C 272 24.25 47.60 15.77
C SER C 272 23.78 46.65 14.69
N ALA C 273 24.10 46.95 13.42
CA ALA C 273 23.60 46.16 12.29
C ALA C 273 24.14 44.74 12.33
N ALA C 274 25.42 44.58 12.64
CA ALA C 274 26.03 43.25 12.68
C ALA C 274 25.45 42.38 13.79
N ARG C 275 25.32 42.94 15.00
CA ARG C 275 24.84 42.15 16.13
C ARG C 275 23.36 41.81 16.00
N VAL C 276 22.55 42.77 15.53
CA VAL C 276 21.13 42.49 15.28
C VAL C 276 20.96 41.49 14.15
N ALA C 277 21.77 41.60 13.08
CA ALA C 277 21.69 40.64 11.99
C ALA C 277 22.08 39.24 12.44
N LEU C 278 23.12 39.12 13.26
CA LEU C 278 23.56 37.82 13.76
C LEU C 278 22.50 37.20 14.68
N GLY C 279 21.96 37.99 15.62
CA GLY C 279 20.94 37.47 16.52
C GLY C 279 19.65 37.09 15.81
N ILE C 280 19.21 37.92 14.87
CA ILE C 280 17.97 37.66 14.14
C ILE C 280 18.11 36.45 13.23
N THR C 281 19.26 36.31 12.53
CA THR C 281 19.44 35.12 11.70
C THR C 281 19.58 33.85 12.52
N THR C 282 20.18 33.91 13.73
CA THR C 282 20.22 32.72 14.57
C THR C 282 18.82 32.35 15.09
N VAL C 283 18.00 33.34 15.45
CA VAL C 283 16.62 33.09 15.88
C VAL C 283 15.81 32.47 14.75
N LEU C 284 15.92 33.04 13.54
CA LEU C 284 15.18 32.54 12.39
C LEU C 284 15.67 31.15 11.98
N THR C 285 16.96 30.89 12.12
CA THR C 285 17.51 29.58 11.80
C THR C 285 17.00 28.52 12.77
N MET C 286 16.96 28.86 14.06
CA MET C 286 16.47 27.91 15.06
C MET C 286 14.98 27.62 14.89
N THR C 287 14.18 28.65 14.60
CA THR C 287 12.76 28.38 14.40
C THR C 287 12.50 27.69 13.06
N THR C 288 13.35 27.90 12.06
CA THR C 288 13.25 27.18 10.78
C THR C 288 13.60 25.71 10.96
N ILE C 289 14.62 25.42 11.77
CA ILE C 289 15.03 24.05 12.08
C ILE C 289 13.92 23.36 12.86
N ASN C 290 13.31 24.09 13.81
CA ASN C 290 12.25 23.52 14.63
C ASN C 290 10.99 23.23 13.82
N THR C 291 10.65 24.12 12.87
CA THR C 291 9.49 23.85 12.02
C THR C 291 9.78 22.77 10.98
N HIS C 292 11.01 22.71 10.48
CA HIS C 292 11.37 21.75 9.44
C HIS C 292 11.45 20.32 9.96
N LEU C 293 11.83 20.15 11.23
CA LEU C 293 12.02 18.81 11.79
C LEU C 293 10.70 18.14 12.10
N ARG C 294 9.72 18.90 12.59
CA ARG C 294 8.47 18.34 13.10
C ARG C 294 7.46 18.02 12.00
N GLU C 295 7.89 18.13 10.74
CA GLU C 295 6.99 17.82 9.59
C GLU C 295 7.02 16.32 9.31
N THR C 296 8.04 15.62 9.82
CA THR C 296 8.18 14.16 9.58
C THR C 296 7.74 13.38 10.82
N LEU C 297 7.21 14.07 11.84
CA LEU C 297 6.75 13.40 13.08
C LEU C 297 5.22 13.48 13.15
N PRO C 298 4.51 12.44 13.64
CA PRO C 298 3.06 12.51 13.80
C PRO C 298 2.68 13.66 14.74
N LYS C 299 1.48 14.22 14.59
CA LYS C 299 1.02 15.34 15.46
C LYS C 299 0.83 14.84 16.89
N ILE C 300 1.92 14.44 17.56
CA ILE C 300 1.83 13.98 18.97
C ILE C 300 1.60 15.20 19.87
N PRO C 301 0.71 15.13 20.88
CA PRO C 301 0.40 16.27 21.73
C PRO C 301 1.42 16.46 22.88
N TYR C 302 2.40 15.56 22.97
CA TYR C 302 3.43 15.65 24.06
C TYR C 302 4.75 16.15 23.47
N VAL C 303 5.57 16.81 24.30
CA VAL C 303 6.90 17.31 23.83
C VAL C 303 7.87 16.12 23.81
N LYS C 304 8.82 16.13 22.88
CA LYS C 304 9.78 15.04 22.79
C LYS C 304 11.09 15.44 23.46
N ALA C 305 12.10 14.59 23.32
CA ALA C 305 13.43 14.97 23.78
C ALA C 305 14.09 15.96 22.83
N ILE C 306 13.93 15.74 21.53
CA ILE C 306 14.55 16.63 20.54
C ILE C 306 13.84 17.97 20.51
N ASP C 307 12.53 17.99 20.79
CA ASP C 307 11.83 19.27 20.89
C ASP C 307 12.24 20.03 22.14
N MET C 308 12.49 19.33 23.24
CA MET C 308 13.00 19.98 24.44
C MET C 308 14.39 20.56 24.21
N TYR C 309 15.23 19.84 23.47
CA TYR C 309 16.57 20.35 23.16
C TYR C 309 16.52 21.57 22.25
N LEU C 310 15.67 21.53 21.22
CA LEU C 310 15.57 22.66 20.29
C LEU C 310 14.94 23.86 20.97
N MET C 311 14.01 23.64 21.90
CA MET C 311 13.45 24.73 22.68
C MET C 311 14.49 25.35 23.61
N GLY C 312 15.34 24.53 24.23
CA GLY C 312 16.40 25.06 25.07
C GLY C 312 17.43 25.87 24.30
N CYS C 313 17.80 25.40 23.10
CA CYS C 313 18.71 26.16 22.26
C CYS C 313 18.07 27.46 21.77
N PHE C 314 16.75 27.44 21.51
CA PHE C 314 16.06 28.67 21.14
C PHE C 314 16.04 29.66 22.28
N VAL C 315 15.87 29.18 23.52
CA VAL C 315 15.94 30.07 24.69
C VAL C 315 17.34 30.68 24.83
N PHE C 316 18.38 29.88 24.55
CA PHE C 316 19.75 30.42 24.63
C PHE C 316 20.00 31.50 23.58
N VAL C 317 19.53 31.27 22.34
CA VAL C 317 19.70 32.25 21.27
C VAL C 317 18.88 33.51 21.56
N PHE C 318 17.64 33.33 22.04
CA PHE C 318 16.79 34.46 22.42
C PHE C 318 17.39 35.27 23.56
N LEU C 319 18.01 34.59 24.53
CA LEU C 319 18.66 35.30 25.62
C LEU C 319 19.91 36.04 25.16
N ALA C 320 20.63 35.53 24.17
CA ALA C 320 21.74 36.30 23.59
C ALA C 320 21.25 37.58 22.91
N LEU C 321 20.15 37.48 22.15
CA LEU C 321 19.61 38.67 21.50
C LEU C 321 19.04 39.67 22.51
N LEU C 322 18.41 39.16 23.58
CA LEU C 322 17.93 40.04 24.63
C LEU C 322 19.07 40.65 25.43
N GLU C 323 20.21 39.94 25.51
CA GLU C 323 21.40 40.52 26.14
C GLU C 323 21.92 41.69 25.33
N TYR C 324 21.92 41.57 24.00
CA TYR C 324 22.30 42.71 23.17
C TYR C 324 21.31 43.87 23.33
N ALA C 325 20.01 43.54 23.40
CA ALA C 325 18.99 44.58 23.58
C ALA C 325 19.18 45.31 24.90
N PHE C 326 19.53 44.56 25.95
CA PHE C 326 19.81 45.16 27.25
C PHE C 326 21.05 46.05 27.21
N VAL C 327 22.01 45.74 26.34
CA VAL C 327 23.23 46.58 26.18
C VAL C 327 22.92 47.88 25.43
N ASN C 328 22.38 47.79 24.21
CA ASN C 328 21.97 49.00 23.45
C ASN C 328 21.18 49.84 24.43
N TYR C 329 20.08 49.34 24.98
CA TYR C 329 19.23 50.16 25.87
C TYR C 329 20.07 50.77 26.98
N ILE C 330 21.15 50.10 27.41
CA ILE C 330 21.90 50.64 28.57
C ILE C 330 22.81 51.81 28.15
N PHE C 331 23.44 51.74 26.97
CA PHE C 331 24.40 52.81 26.60
C PHE C 331 23.70 53.92 25.82
N PHE C 332 22.91 53.56 24.80
CA PHE C 332 22.29 54.60 23.94
C PHE C 332 20.89 54.93 24.46
N GLY C 333 20.59 54.63 25.71
CA GLY C 333 19.21 54.85 26.18
C GLY C 333 19.15 55.51 27.53
N ARG C 334 20.28 55.55 28.23
CA ARG C 334 20.32 56.28 29.53
C ARG C 334 19.45 57.54 29.44
N VAL C 445 28.94 48.31 30.50
CA VAL C 445 28.64 47.80 29.17
C VAL C 445 29.63 46.71 28.80
N ASN C 446 30.92 47.03 28.89
CA ASN C 446 31.95 46.03 28.64
C ASN C 446 31.98 44.98 29.75
N ALA C 447 31.58 45.36 30.97
CA ALA C 447 31.50 44.40 32.06
C ALA C 447 30.38 43.40 31.84
N ILE C 448 29.24 43.86 31.32
CA ILE C 448 28.14 42.96 30.99
C ILE C 448 28.51 42.08 29.81
N ASP C 449 29.24 42.63 28.83
CA ASP C 449 29.63 41.85 27.67
C ASP C 449 30.72 40.85 27.99
N ARG C 450 31.60 41.15 28.95
CA ARG C 450 32.56 40.15 29.42
C ARG C 450 31.90 39.08 30.27
N TRP C 451 30.88 39.46 31.06
CA TRP C 451 30.20 38.47 31.90
C TRP C 451 29.34 37.52 31.06
N SER C 452 28.69 38.04 30.02
CA SER C 452 27.91 37.18 29.14
C SER C 452 28.78 36.36 28.20
N ARG C 453 30.04 36.73 28.04
CA ARG C 453 30.97 35.95 27.25
C ARG C 453 31.48 34.72 27.99
N ILE C 454 31.33 34.71 29.32
CA ILE C 454 31.73 33.58 30.14
C ILE C 454 30.53 32.72 30.54
N VAL C 455 29.43 33.37 30.95
CA VAL C 455 28.27 32.65 31.49
C VAL C 455 27.57 31.84 30.40
N PHE C 456 27.40 32.42 29.21
CA PHE C 456 26.68 31.75 28.13
C PHE C 456 27.32 30.44 27.64
N PRO C 457 28.65 30.31 27.46
CA PRO C 457 29.16 28.95 27.19
C PRO C 457 29.19 28.07 28.42
N PHE C 458 29.20 28.65 29.62
CA PHE C 458 29.22 27.84 30.83
C PHE C 458 27.83 27.27 31.13
N THR C 459 26.78 28.04 30.86
CA THR C 459 25.42 27.57 31.14
C THR C 459 24.96 26.57 30.08
N PHE C 460 25.37 26.76 28.83
CA PHE C 460 24.98 25.84 27.77
C PHE C 460 25.63 24.48 27.93
N SER C 461 26.85 24.42 28.48
CA SER C 461 27.45 23.14 28.78
C SER C 461 26.79 22.48 29.98
N LEU C 462 26.25 23.27 30.89
CA LEU C 462 25.48 22.70 32.00
C LEU C 462 24.15 22.17 31.51
N PHE C 463 23.58 22.81 30.49
CA PHE C 463 22.35 22.30 29.87
C PHE C 463 22.62 20.99 29.14
N ASN C 464 23.78 20.88 28.50
CA ASN C 464 24.10 19.65 27.77
C ASN C 464 24.45 18.51 28.72
N LEU C 465 25.01 18.84 29.89
CA LEU C 465 25.29 17.78 30.86
C LEU C 465 24.01 17.29 31.53
N VAL C 466 23.02 18.17 31.70
CA VAL C 466 21.72 17.73 32.23
C VAL C 466 20.98 16.89 31.19
N TYR C 467 20.95 17.35 29.94
CA TYR C 467 20.14 16.71 28.91
C TYR C 467 20.71 15.36 28.50
N TRP C 468 22.03 15.26 28.35
CA TRP C 468 22.65 14.04 27.87
C TRP C 468 22.94 13.05 28.99
N LEU C 469 22.61 13.37 30.24
CA LEU C 469 22.66 12.40 31.32
C LEU C 469 21.28 11.98 31.81
N TYR C 470 20.24 12.73 31.48
CA TYR C 470 18.87 12.36 31.82
C TYR C 470 18.24 11.50 30.75
N TYR C 471 18.60 11.73 29.48
CA TYR C 471 18.07 10.95 28.37
C TYR C 471 19.00 9.83 27.93
N VAL C 472 20.09 9.61 28.64
CA VAL C 472 20.99 8.49 28.35
C VAL C 472 21.13 7.63 29.60
N ASP D 37 -14.93 -42.04 11.32
CA ASP D 37 -16.41 -42.09 11.10
C ASP D 37 -17.10 -41.43 12.28
N ASN D 38 -16.36 -41.16 13.37
CA ASN D 38 -16.97 -40.43 14.51
C ASN D 38 -17.34 -39.03 14.02
N THR D 39 -16.85 -38.65 12.84
CA THR D 39 -17.22 -37.33 12.24
C THR D 39 -18.38 -37.52 11.26
N THR D 40 -18.62 -38.74 10.77
CA THR D 40 -19.69 -38.89 9.74
C THR D 40 -20.99 -38.25 10.23
N VAL D 41 -21.28 -38.34 11.53
CA VAL D 41 -22.56 -37.80 12.09
C VAL D 41 -22.65 -36.30 11.75
N PHE D 42 -21.61 -35.53 12.07
CA PHE D 42 -21.64 -34.06 11.85
C PHE D 42 -21.80 -33.77 10.35
N THR D 43 -21.08 -34.53 9.51
CA THR D 43 -21.17 -34.35 8.04
C THR D 43 -22.63 -34.53 7.60
N ARG D 44 -23.29 -35.59 8.07
CA ARG D 44 -24.70 -35.85 7.70
C ARG D 44 -25.58 -34.69 8.21
N ILE D 45 -25.39 -34.28 9.46
CA ILE D 45 -26.19 -33.16 10.04
C ILE D 45 -26.09 -31.95 9.10
N LEU D 46 -24.88 -31.58 8.70
CA LEU D 46 -24.69 -30.40 7.85
C LEU D 46 -25.30 -30.60 6.46
N ASP D 47 -25.22 -31.83 5.93
CA ASP D 47 -25.86 -32.13 4.66
C ASP D 47 -27.39 -32.07 4.77
N ARG D 48 -27.93 -32.45 5.93
CA ARG D 48 -29.36 -32.30 6.15
C ARG D 48 -29.76 -30.83 6.25
N LEU D 49 -28.95 -30.03 6.95
CA LEU D 49 -29.24 -28.61 7.12
C LEU D 49 -29.09 -27.82 5.83
N LEU D 50 -28.26 -28.26 4.88
CA LEU D 50 -28.19 -27.58 3.60
C LEU D 50 -29.02 -28.25 2.51
N ASP D 51 -29.82 -29.25 2.85
CA ASP D 51 -30.65 -29.92 1.85
C ASP D 51 -31.95 -29.17 1.65
N GLY D 52 -32.17 -28.70 0.43
CA GLY D 52 -33.37 -27.95 0.13
C GLY D 52 -33.37 -26.52 0.64
N TYR D 53 -32.24 -26.02 1.12
CA TYR D 53 -32.15 -24.67 1.64
C TYR D 53 -32.06 -23.68 0.51
N ASP D 54 -32.86 -22.62 0.57
CA ASP D 54 -32.80 -21.52 -0.38
C ASP D 54 -32.20 -20.32 0.31
N ASN D 55 -30.99 -19.93 -0.09
CA ASN D 55 -30.28 -18.84 0.57
C ASN D 55 -30.59 -17.48 -0.03
N ARG D 56 -31.48 -17.41 -1.02
CA ARG D 56 -31.89 -16.13 -1.56
C ARG D 56 -33.06 -15.51 -0.79
N LEU D 57 -33.61 -16.23 0.17
CA LEU D 57 -34.80 -15.78 0.91
C LEU D 57 -34.47 -15.64 2.39
N ARG D 58 -34.94 -14.55 2.98
CA ARG D 58 -34.76 -14.33 4.40
C ARG D 58 -35.64 -15.29 5.20
N PRO D 59 -35.20 -15.68 6.41
CA PRO D 59 -36.02 -16.56 7.23
C PRO D 59 -37.29 -15.87 7.73
N GLY D 60 -38.39 -16.61 7.73
CA GLY D 60 -39.68 -16.03 8.01
C GLY D 60 -40.09 -15.04 6.93
N LEU D 61 -39.91 -15.43 5.67
CA LEU D 61 -40.23 -14.55 4.56
C LEU D 61 -41.74 -14.29 4.46
N GLY D 62 -42.55 -15.30 4.71
CA GLY D 62 -43.98 -15.18 4.55
C GLY D 62 -44.79 -15.01 5.81
N GLU D 63 -44.16 -15.00 6.99
CA GLU D 63 -44.92 -14.98 8.24
C GLU D 63 -44.48 -13.94 9.26
N ARG D 64 -43.25 -13.43 9.21
CA ARG D 64 -42.79 -12.50 10.23
C ARG D 64 -41.77 -11.55 9.63
N VAL D 65 -41.11 -10.79 10.49
CA VAL D 65 -40.06 -9.86 10.12
C VAL D 65 -38.76 -10.34 10.75
N THR D 66 -37.72 -10.47 9.93
CA THR D 66 -36.43 -10.97 10.39
C THR D 66 -35.76 -9.92 11.25
N GLU D 67 -35.66 -10.16 12.55
CA GLU D 67 -34.96 -9.26 13.45
C GLU D 67 -33.51 -9.71 13.60
N VAL D 68 -32.60 -8.76 13.53
CA VAL D 68 -31.17 -9.02 13.57
C VAL D 68 -30.59 -8.29 14.77
N LYS D 69 -30.03 -9.04 15.71
CA LYS D 69 -29.43 -8.47 16.90
C LYS D 69 -27.94 -8.29 16.65
N THR D 70 -27.45 -7.08 16.85
CA THR D 70 -26.08 -6.74 16.52
C THR D 70 -25.38 -6.04 17.68
N ASP D 71 -24.04 -6.07 17.65
CA ASP D 71 -23.24 -5.36 18.70
C ASP D 71 -21.86 -5.07 18.10
N ILE D 72 -21.38 -3.83 18.22
CA ILE D 72 -20.08 -3.45 17.58
C ILE D 72 -18.97 -3.46 18.64
N PHE D 73 -17.97 -4.34 18.47
CA PHE D 73 -16.82 -4.32 19.39
C PHE D 73 -15.67 -3.56 18.72
N VAL D 74 -15.41 -2.34 19.17
CA VAL D 74 -14.32 -1.51 18.56
C VAL D 74 -12.97 -2.08 19.02
N THR D 75 -12.31 -2.85 18.15
CA THR D 75 -11.00 -3.45 18.51
C THR D 75 -9.98 -2.32 18.73
N SER D 76 -10.08 -1.26 17.90
CA SER D 76 -9.15 -0.10 17.96
C SER D 76 -9.63 1.08 17.12
N PHE D 77 -10.04 2.19 17.73
CA PHE D 77 -10.46 3.42 17.00
C PHE D 77 -9.25 4.02 16.33
N GLY D 78 -9.06 3.79 15.05
CA GLY D 78 -7.88 4.19 14.32
C GLY D 78 -7.76 5.69 14.16
N PRO D 79 -6.80 6.10 13.33
CA PRO D 79 -6.48 7.53 13.23
C PRO D 79 -7.54 8.31 12.48
N VAL D 80 -7.65 9.58 12.83
CA VAL D 80 -8.59 10.49 12.20
C VAL D 80 -7.85 11.35 11.19
N SER D 81 -8.25 11.28 9.94
CA SER D 81 -7.69 12.11 8.88
C SER D 81 -8.50 13.39 8.81
N ASP D 82 -7.93 14.49 9.31
CA ASP D 82 -8.66 15.75 9.32
C ASP D 82 -8.71 16.38 7.93
N HIS D 83 -7.79 16.03 7.04
CA HIS D 83 -7.82 16.56 5.68
C HIS D 83 -8.97 15.98 4.88
N ASP D 84 -9.25 14.68 5.05
CA ASP D 84 -10.26 14.00 4.27
C ASP D 84 -11.64 13.97 4.93
N MET D 85 -11.72 14.50 6.15
CA MET D 85 -12.97 14.47 6.94
C MET D 85 -13.41 13.03 7.18
N GLU D 86 -12.47 12.13 7.46
CA GLU D 86 -12.79 10.69 7.62
C GLU D 86 -12.05 10.10 8.80
N TYR D 87 -12.56 9.03 9.39
CA TYR D 87 -11.90 8.35 10.51
C TYR D 87 -11.93 6.86 10.19
N THR D 88 -11.06 6.07 10.79
CA THR D 88 -11.10 4.60 10.59
C THR D 88 -11.33 3.85 11.89
N ILE D 89 -12.26 2.90 11.93
CA ILE D 89 -12.59 2.17 13.19
C ILE D 89 -12.55 0.67 12.92
N ASP D 90 -11.47 -0.03 13.27
CA ASP D 90 -11.45 -1.50 13.10
C ASP D 90 -12.41 -2.14 14.10
N VAL D 91 -13.27 -3.07 13.69
CA VAL D 91 -14.31 -3.55 14.61
C VAL D 91 -14.50 -5.05 14.47
N PHE D 92 -15.13 -5.69 15.43
CA PHE D 92 -15.61 -7.07 15.34
C PHE D 92 -17.12 -6.95 15.17
N PHE D 93 -17.58 -6.89 13.93
CA PHE D 93 -18.99 -6.62 13.65
C PHE D 93 -19.79 -7.90 13.86
N ARG D 94 -20.47 -7.99 15.00
CA ARG D 94 -21.26 -9.17 15.34
C ARG D 94 -22.72 -8.99 14.92
N GLN D 95 -23.33 -10.07 14.46
CA GLN D 95 -24.73 -10.10 14.11
C GLN D 95 -25.33 -11.42 14.58
N SER D 96 -26.63 -11.42 14.81
CA SER D 96 -27.33 -12.60 15.30
C SER D 96 -28.78 -12.55 14.88
N TRP D 97 -29.29 -13.68 14.40
CA TRP D 97 -30.67 -13.75 13.95
C TRP D 97 -31.16 -15.19 14.08
N LYS D 98 -32.48 -15.34 14.05
CA LYS D 98 -33.13 -16.64 14.20
C LYS D 98 -33.48 -17.20 12.83
N ASP D 99 -33.04 -18.43 12.57
CA ASP D 99 -33.34 -19.13 11.32
C ASP D 99 -33.90 -20.50 11.68
N GLU D 100 -35.18 -20.70 11.41
CA GLU D 100 -35.84 -21.96 11.77
C GLU D 100 -35.50 -23.11 10.84
N ARG D 101 -34.89 -22.83 9.69
CA ARG D 101 -34.50 -23.90 8.77
C ARG D 101 -33.23 -24.60 9.19
N LEU D 102 -32.51 -24.06 10.17
CA LEU D 102 -31.25 -24.62 10.63
C LEU D 102 -31.37 -25.30 11.98
N LYS D 103 -32.58 -25.68 12.38
CA LYS D 103 -32.74 -26.45 13.63
C LYS D 103 -32.18 -27.84 13.42
N PHE D 104 -31.54 -28.40 14.44
CA PHE D 104 -30.99 -29.75 14.37
C PHE D 104 -31.03 -30.37 15.76
N LYS D 105 -30.77 -31.67 15.80
CA LYS D 105 -30.60 -32.41 17.05
C LYS D 105 -29.38 -33.30 16.88
N GLY D 106 -28.35 -33.04 17.69
CA GLY D 106 -27.10 -33.83 17.58
C GLY D 106 -26.26 -33.74 18.85
N PRO D 107 -25.01 -34.24 18.86
CA PRO D 107 -24.19 -34.26 20.08
C PRO D 107 -23.91 -32.86 20.65
N MET D 108 -23.53 -31.91 19.80
CA MET D 108 -23.18 -30.54 20.29
C MET D 108 -24.33 -29.58 19.95
N THR D 109 -24.87 -28.90 20.97
CA THR D 109 -26.00 -27.95 20.76
C THR D 109 -25.56 -26.81 19.84
N VAL D 110 -24.40 -26.21 20.12
CA VAL D 110 -23.88 -25.11 19.26
C VAL D 110 -22.78 -25.68 18.34
N LEU D 111 -22.92 -25.45 17.03
CA LEU D 111 -21.92 -25.96 16.06
C LEU D 111 -21.00 -24.81 15.64
N ARG D 112 -19.76 -24.80 16.14
CA ARG D 112 -18.82 -23.77 15.69
C ARG D 112 -18.14 -24.29 14.43
N LEU D 113 -18.87 -23.99 13.35
CA LEU D 113 -18.47 -24.37 11.99
C LEU D 113 -17.48 -23.33 11.46
N ASN D 114 -17.13 -23.43 10.19
CA ASN D 114 -16.10 -22.55 9.63
C ASN D 114 -16.78 -21.27 9.13
N ASN D 115 -16.07 -20.50 8.33
CA ASN D 115 -16.64 -19.27 7.75
C ASN D 115 -17.09 -19.57 6.33
N LEU D 116 -17.11 -20.84 5.93
CA LEU D 116 -17.43 -21.21 4.54
C LEU D 116 -18.88 -21.66 4.48
N MET D 117 -19.51 -21.92 5.63
CA MET D 117 -20.96 -22.23 5.62
C MET D 117 -21.70 -20.89 5.61
N ALA D 118 -20.98 -19.77 5.68
CA ALA D 118 -21.60 -18.45 5.68
C ALA D 118 -22.08 -18.05 4.31
N SER D 119 -21.39 -18.49 3.25
CA SER D 119 -21.86 -18.26 1.90
C SER D 119 -22.91 -19.27 1.45
N LYS D 120 -23.08 -20.37 2.20
CA LYS D 120 -24.09 -21.36 1.84
C LYS D 120 -25.46 -21.00 2.38
N ILE D 121 -25.52 -20.13 3.39
CA ILE D 121 -26.77 -19.81 4.06
C ILE D 121 -27.10 -18.33 3.85
N TRP D 122 -28.27 -17.93 4.33
CA TRP D 122 -28.68 -16.54 4.23
C TRP D 122 -28.00 -15.71 5.32
N THR D 123 -27.39 -14.60 4.91
CA THR D 123 -26.80 -13.65 5.83
C THR D 123 -27.34 -12.26 5.48
N PRO D 124 -27.55 -11.39 6.49
CA PRO D 124 -28.06 -10.06 6.20
C PRO D 124 -27.04 -9.19 5.48
N ASP D 125 -27.55 -8.33 4.61
CA ASP D 125 -26.71 -7.49 3.75
C ASP D 125 -26.49 -6.13 4.38
N THR D 126 -25.95 -6.14 5.58
CA THR D 126 -25.67 -4.90 6.30
C THR D 126 -24.55 -4.13 5.62
N PHE D 127 -24.76 -2.85 5.39
CA PHE D 127 -23.77 -1.98 4.81
C PHE D 127 -23.70 -0.71 5.63
N PHE D 128 -22.58 0.00 5.53
CA PHE D 128 -22.36 1.20 6.32
C PHE D 128 -22.74 2.42 5.49
N HIS D 129 -23.64 3.25 6.04
CA HIS D 129 -24.23 4.35 5.27
C HIS D 129 -23.21 5.42 4.93
N ASN D 130 -22.34 5.69 5.89
CA ASN D 130 -21.36 6.77 5.73
C ASN D 130 -19.97 6.22 5.49
N GLY D 131 -19.83 4.97 5.09
CA GLY D 131 -18.53 4.41 4.82
C GLY D 131 -17.99 4.83 3.46
N LYS D 132 -16.67 4.76 3.33
CA LYS D 132 -16.00 5.10 2.09
C LYS D 132 -15.26 3.92 1.48
N LYS D 133 -14.46 3.21 2.27
CA LYS D 133 -13.67 2.10 1.76
C LYS D 133 -13.40 1.15 2.92
N SER D 134 -14.18 0.09 2.98
CA SER D 134 -14.08 -0.82 4.14
C SER D 134 -13.49 -2.14 3.68
N VAL D 135 -12.73 -2.80 4.53
CA VAL D 135 -12.03 -4.01 4.06
C VAL D 135 -12.34 -5.14 5.00
N ALA D 136 -13.00 -6.19 4.56
CA ALA D 136 -13.13 -7.34 5.47
C ALA D 136 -11.75 -7.94 5.37
N HIS D 137 -11.15 -8.40 6.46
CA HIS D 137 -9.75 -8.85 6.37
C HIS D 137 -9.75 -10.28 5.86
N ASN D 138 -8.87 -10.66 4.93
CA ASN D 138 -8.98 -12.03 4.39
C ASN D 138 -7.82 -12.92 4.87
N MET D 139 -6.83 -12.37 5.57
CA MET D 139 -5.67 -13.17 5.95
C MET D 139 -5.85 -13.84 7.31
N THR D 140 -5.59 -15.15 7.37
CA THR D 140 -5.15 -16.06 6.31
C THR D 140 -6.36 -16.72 5.67
N MET D 141 -7.14 -17.37 6.51
CA MET D 141 -8.51 -17.69 6.16
C MET D 141 -9.35 -16.42 6.33
N PRO D 142 -10.51 -16.32 5.67
CA PRO D 142 -11.35 -15.12 5.84
C PRO D 142 -11.85 -14.99 7.27
N ASN D 143 -11.60 -13.82 7.86
CA ASN D 143 -11.85 -13.60 9.27
C ASN D 143 -13.32 -13.41 9.59
N LYS D 144 -14.11 -14.48 9.48
CA LYS D 144 -15.46 -14.52 10.00
C LYS D 144 -15.64 -15.85 10.73
N LEU D 145 -16.67 -15.93 11.56
CA LEU D 145 -17.05 -17.18 12.18
C LEU D 145 -18.56 -17.37 12.05
N LEU D 146 -19.01 -18.57 12.36
CA LEU D 146 -20.43 -18.90 12.29
C LEU D 146 -20.73 -19.98 13.32
N ARG D 147 -21.64 -19.69 14.23
CA ARG D 147 -22.06 -20.65 15.25
C ARG D 147 -23.56 -20.86 15.13
N ILE D 148 -23.96 -22.11 14.97
CA ILE D 148 -25.36 -22.46 14.75
C ILE D 148 -25.83 -23.23 15.99
N THR D 149 -26.60 -22.56 16.84
CA THR D 149 -27.19 -23.19 18.01
C THR D 149 -28.29 -24.15 17.56
N GLU D 150 -28.58 -25.16 18.40
CA GLU D 150 -29.49 -26.23 18.02
C GLU D 150 -30.94 -25.78 17.89
N ASP D 151 -31.31 -24.63 18.47
CA ASP D 151 -32.66 -24.12 18.30
C ASP D 151 -32.80 -23.28 17.04
N GLY D 152 -31.73 -23.08 16.28
CA GLY D 152 -31.76 -22.28 15.08
C GLY D 152 -31.20 -20.88 15.25
N THR D 153 -30.66 -20.55 16.41
CA THR D 153 -30.09 -19.23 16.62
C THR D 153 -28.69 -19.17 16.03
N LEU D 154 -28.44 -18.15 15.22
CA LEU D 154 -27.17 -18.02 14.51
C LEU D 154 -26.38 -16.85 15.08
N LEU D 155 -25.05 -17.02 15.08
CA LEU D 155 -24.13 -15.95 15.43
C LEU D 155 -23.11 -15.84 14.31
N TYR D 156 -22.89 -14.64 13.80
CA TYR D 156 -22.08 -14.44 12.60
C TYR D 156 -21.31 -13.14 12.76
N THR D 157 -20.06 -13.23 13.19
CA THR D 157 -19.24 -12.04 13.38
C THR D 157 -18.24 -11.96 12.24
N MET D 158 -17.67 -10.78 12.05
CA MET D 158 -16.61 -10.60 11.08
C MET D 158 -15.73 -9.44 11.51
N ARG D 159 -14.49 -9.39 11.06
CA ARG D 159 -13.59 -8.30 11.45
C ARG D 159 -13.53 -7.37 10.27
N LEU D 160 -13.57 -6.07 10.48
CA LEU D 160 -13.66 -5.11 9.37
C LEU D 160 -12.88 -3.87 9.74
N THR D 161 -12.51 -3.06 8.77
CA THR D 161 -11.90 -1.74 9.06
C THR D 161 -12.74 -0.77 8.26
N VAL D 162 -13.54 0.06 8.89
CA VAL D 162 -14.51 0.91 8.16
C VAL D 162 -14.00 2.34 8.07
N ARG D 163 -13.52 2.81 6.94
CA ARG D 163 -13.17 4.24 6.88
C ARG D 163 -14.49 4.96 6.67
N ALA D 164 -14.88 5.82 7.58
CA ALA D 164 -16.21 6.43 7.46
C ALA D 164 -16.07 7.93 7.36
N GLU D 165 -17.18 8.63 7.27
CA GLU D 165 -17.17 10.09 7.05
C GLU D 165 -17.63 10.75 8.34
N CYS D 166 -16.93 11.78 8.78
CA CYS D 166 -17.24 12.43 10.07
C CYS D 166 -17.36 13.93 9.81
N PRO D 167 -18.40 14.44 9.16
CA PRO D 167 -18.44 15.85 8.82
C PRO D 167 -17.99 16.70 9.99
N MET D 168 -16.98 17.56 9.80
CA MET D 168 -16.47 18.38 10.89
C MET D 168 -16.74 19.85 10.62
N HIS D 169 -17.01 20.57 11.71
CA HIS D 169 -17.16 22.02 11.70
C HIS D 169 -15.93 22.60 12.38
N LEU D 170 -15.18 23.43 11.65
CA LEU D 170 -13.85 23.86 12.09
C LEU D 170 -13.83 25.31 12.57
N GLU D 171 -14.90 25.78 13.20
CA GLU D 171 -14.87 27.17 13.68
C GLU D 171 -14.02 27.32 14.93
N ASP D 172 -13.87 26.27 15.72
CA ASP D 172 -13.08 26.31 16.95
C ASP D 172 -11.79 25.52 16.83
N PHE D 173 -11.20 25.47 15.64
CA PHE D 173 -9.90 24.84 15.47
C PHE D 173 -8.83 25.64 16.20
N PRO D 174 -7.93 24.99 16.95
CA PRO D 174 -7.72 23.56 17.13
C PRO D 174 -8.27 23.00 18.42
N MET D 175 -9.23 23.64 19.07
CA MET D 175 -9.79 23.15 20.31
C MET D 175 -11.26 22.80 20.14
N ASP D 176 -11.59 22.22 19.00
CA ASP D 176 -12.94 21.79 18.67
C ASP D 176 -13.17 20.36 19.15
N ALA D 177 -14.45 20.01 19.27
CA ALA D 177 -14.86 18.65 19.60
C ALA D 177 -15.79 18.16 18.50
N HIS D 178 -15.73 16.87 18.22
CA HIS D 178 -16.49 16.26 17.14
C HIS D 178 -17.24 15.03 17.63
N ALA D 179 -18.25 14.65 16.87
CA ALA D 179 -19.03 13.44 17.10
C ALA D 179 -19.09 12.71 15.77
N CYS D 180 -18.10 11.87 15.51
CA CYS D 180 -18.01 11.16 14.25
C CYS D 180 -19.02 10.03 14.21
N PRO D 181 -19.94 10.01 13.23
CA PRO D 181 -21.00 9.03 13.21
C PRO D 181 -20.67 7.74 12.47
N LEU D 182 -21.31 6.63 12.83
CA LEU D 182 -21.15 5.34 12.14
C LEU D 182 -22.54 4.75 11.97
N LYS D 183 -23.15 4.99 10.82
CA LYS D 183 -24.48 4.50 10.53
C LYS D 183 -24.40 3.21 9.72
N PHE D 184 -25.27 2.25 10.04
CA PHE D 184 -25.30 0.98 9.27
C PHE D 184 -26.76 0.49 9.19
N GLY D 185 -27.21 0.09 8.00
CA GLY D 185 -28.60 -0.35 7.83
C GLY D 185 -28.71 -1.53 6.87
N SER D 186 -29.93 -2.01 6.63
CA SER D 186 -30.12 -3.20 5.76
C SER D 186 -30.38 -2.79 4.32
N TYR D 187 -29.35 -2.80 3.47
CA TYR D 187 -29.55 -2.52 2.06
C TYR D 187 -30.54 -3.58 1.59
N ALA D 188 -31.31 -3.27 0.56
CA ALA D 188 -32.21 -4.27 -0.05
C ALA D 188 -33.42 -4.63 0.80
N TYR D 189 -33.37 -4.51 2.12
CA TYR D 189 -34.50 -4.98 2.95
C TYR D 189 -35.12 -3.82 3.73
N THR D 190 -36.44 -3.66 3.66
CA THR D 190 -37.14 -2.50 4.26
C THR D 190 -37.66 -2.86 5.66
N ARG D 191 -37.97 -1.86 6.49
CA ARG D 191 -38.38 -2.11 7.89
C ARG D 191 -39.48 -3.16 7.95
N ALA D 192 -40.16 -3.44 6.85
CA ALA D 192 -41.15 -4.50 6.96
C ALA D 192 -40.56 -5.87 6.72
N GLU D 193 -39.25 -5.94 6.51
CA GLU D 193 -38.63 -7.24 6.17
C GLU D 193 -37.45 -7.54 7.09
N VAL D 194 -36.56 -6.58 7.30
CA VAL D 194 -35.43 -6.79 8.19
C VAL D 194 -35.34 -5.58 9.10
N VAL D 195 -35.40 -5.82 10.42
CA VAL D 195 -35.19 -4.78 11.40
C VAL D 195 -33.93 -5.11 12.19
N TYR D 196 -33.34 -4.09 12.79
CA TYR D 196 -32.11 -4.24 13.56
C TYR D 196 -32.34 -3.81 15.00
N GLU D 197 -31.60 -4.46 15.91
CA GLU D 197 -31.68 -4.13 17.32
C GLU D 197 -30.32 -4.45 17.93
N TRP D 198 -30.03 -3.82 19.07
CA TRP D 198 -28.82 -4.13 19.81
C TRP D 198 -29.05 -5.35 20.69
N THR D 199 -28.06 -6.26 20.71
CA THR D 199 -28.25 -7.52 21.42
C THR D 199 -28.10 -7.37 22.93
N ARG D 200 -27.39 -6.35 23.39
CA ARG D 200 -27.31 -5.99 24.80
C ARG D 200 -28.00 -4.65 24.97
N GLU D 201 -27.98 -4.14 26.20
CA GLU D 201 -28.51 -2.81 26.46
C GLU D 201 -27.72 -1.78 25.64
N PRO D 202 -28.39 -0.77 25.08
CA PRO D 202 -27.74 0.10 24.09
C PRO D 202 -26.55 0.88 24.63
N ALA D 203 -26.48 1.13 25.93
CA ALA D 203 -25.27 1.71 26.50
C ALA D 203 -24.11 0.73 26.52
N ARG D 204 -24.39 -0.57 26.46
CA ARG D 204 -23.37 -1.61 26.57
C ARG D 204 -23.14 -2.37 25.26
N SER D 205 -23.77 -1.95 24.18
CA SER D 205 -23.71 -2.72 22.94
C SER D 205 -22.60 -2.29 21.99
N VAL D 206 -21.87 -1.22 22.29
CA VAL D 206 -20.66 -0.87 21.58
C VAL D 206 -19.55 -0.76 22.61
N VAL D 207 -18.57 -1.64 22.52
CA VAL D 207 -17.48 -1.74 23.49
C VAL D 207 -16.18 -1.44 22.76
N VAL D 208 -15.44 -0.44 23.27
CA VAL D 208 -14.13 -0.10 22.76
C VAL D 208 -13.10 -0.80 23.63
N ALA D 209 -12.13 -1.46 23.00
CA ALA D 209 -11.07 -2.13 23.71
C ALA D 209 -10.18 -1.12 24.43
N GLU D 210 -9.72 -1.49 25.63
CA GLU D 210 -8.87 -0.57 26.43
C GLU D 210 -7.75 -0.01 25.55
N ASP D 211 -7.19 -0.85 24.67
CA ASP D 211 -6.00 -0.41 23.91
C ASP D 211 -6.46 0.13 22.57
N GLY D 212 -7.76 0.20 22.38
CA GLY D 212 -8.27 0.75 21.13
C GLY D 212 -8.09 2.23 21.15
N SER D 213 -6.86 2.68 20.94
CA SER D 213 -6.69 4.13 20.81
C SER D 213 -5.53 4.35 19.87
N ARG D 214 -5.82 4.41 18.60
CA ARG D 214 -4.74 4.72 17.67
C ARG D 214 -4.88 6.19 17.33
N LEU D 215 -5.50 6.97 18.21
CA LEU D 215 -5.76 8.41 17.92
C LEU D 215 -4.57 9.24 18.38
N ASN D 216 -3.91 9.95 17.46
CA ASN D 216 -2.71 10.73 17.80
C ASN D 216 -3.08 12.03 18.51
N GLN D 217 -3.82 12.90 17.81
CA GLN D 217 -4.10 14.24 18.31
C GLN D 217 -5.51 14.40 18.86
N TYR D 218 -6.30 13.33 18.92
CA TYR D 218 -7.66 13.37 19.43
C TYR D 218 -7.76 12.62 20.74
N ASP D 219 -8.95 12.69 21.35
CA ASP D 219 -9.23 12.03 22.62
C ASP D 219 -10.65 11.50 22.59
N LEU D 220 -10.80 10.18 22.54
CA LEU D 220 -12.12 9.55 22.46
C LEU D 220 -12.76 9.59 23.85
N LEU D 221 -13.73 10.49 24.02
CA LEU D 221 -14.39 10.64 25.31
C LEU D 221 -15.35 9.50 25.60
N GLY D 222 -16.13 9.08 24.60
CA GLY D 222 -17.11 8.03 24.82
C GLY D 222 -17.92 7.82 23.56
N GLN D 223 -18.84 6.87 23.65
CA GLN D 223 -19.71 6.52 22.52
C GLN D 223 -21.16 6.57 22.96
N THR D 224 -22.02 6.99 22.02
CA THR D 224 -23.46 6.96 22.19
C THR D 224 -24.08 6.33 20.95
N VAL D 225 -25.13 5.54 21.16
CA VAL D 225 -25.78 4.84 20.05
C VAL D 225 -27.21 5.35 19.92
N ASP D 226 -27.81 5.02 18.79
CA ASP D 226 -29.19 5.40 18.49
C ASP D 226 -29.74 4.46 17.43
N SER D 227 -31.05 4.50 17.27
CA SER D 227 -31.75 3.74 16.24
C SER D 227 -32.77 4.64 15.58
N GLY D 228 -33.00 4.43 14.28
CA GLY D 228 -33.90 5.31 13.57
C GLY D 228 -34.41 4.65 12.30
N ILE D 229 -35.23 5.42 11.57
CA ILE D 229 -35.82 4.98 10.31
C ILE D 229 -35.55 6.06 9.27
N VAL D 230 -34.78 5.71 8.23
CA VAL D 230 -34.64 6.61 7.09
C VAL D 230 -35.67 6.24 6.04
N GLN D 231 -36.07 7.24 5.25
CA GLN D 231 -37.02 7.04 4.16
C GLN D 231 -36.36 7.42 2.84
N SER D 232 -36.43 6.53 1.87
CA SER D 232 -35.80 6.75 0.57
C SER D 232 -36.85 6.51 -0.51
N SER D 233 -36.40 6.48 -1.76
CA SER D 233 -37.29 6.27 -2.88
C SER D 233 -37.76 4.82 -2.98
N THR D 234 -37.08 3.90 -2.30
CA THR D 234 -37.39 2.48 -2.38
C THR D 234 -38.14 1.94 -1.17
N GLY D 235 -38.21 2.68 -0.08
CA GLY D 235 -38.94 2.28 1.10
C GLY D 235 -38.33 2.87 2.34
N GLU D 236 -38.85 2.46 3.50
CA GLU D 236 -38.34 2.88 4.80
C GLU D 236 -37.37 1.85 5.33
N TYR D 237 -36.19 2.28 5.74
CA TYR D 237 -35.13 1.39 6.18
C TYR D 237 -34.73 1.72 7.61
N VAL D 238 -34.42 0.69 8.39
CA VAL D 238 -33.94 0.86 9.75
C VAL D 238 -32.44 1.13 9.71
N VAL D 239 -32.02 2.20 10.35
CA VAL D 239 -30.61 2.60 10.41
C VAL D 239 -30.17 2.61 11.87
N MET D 240 -28.98 2.09 12.14
CA MET D 240 -28.42 2.06 13.48
C MET D 240 -27.25 3.02 13.52
N THR D 241 -27.34 4.03 14.39
CA THR D 241 -26.37 5.11 14.44
C THR D 241 -25.50 4.98 15.67
N THR D 242 -24.19 5.12 15.48
CA THR D 242 -23.24 5.14 16.59
C THR D 242 -22.38 6.39 16.45
N HIS D 243 -22.34 7.21 17.49
CA HIS D 243 -21.55 8.43 17.51
C HIS D 243 -20.36 8.25 18.44
N PHE D 244 -19.17 8.58 17.96
CA PHE D 244 -17.95 8.53 18.74
C PHE D 244 -17.52 9.97 19.00
N HIS D 245 -17.50 10.36 20.28
CA HIS D 245 -17.22 11.74 20.65
C HIS D 245 -15.72 11.93 20.83
N LEU D 246 -15.13 12.75 19.97
CA LEU D 246 -13.70 13.03 19.99
C LEU D 246 -13.48 14.49 20.37
N LYS D 247 -12.38 14.73 21.07
CA LYS D 247 -11.96 16.09 21.43
C LYS D 247 -10.50 16.24 21.07
N ARG D 248 -10.17 17.29 20.32
CA ARG D 248 -8.79 17.49 19.91
C ARG D 248 -7.95 17.97 21.07
N LYS D 249 -6.67 17.59 21.04
CA LYS D 249 -5.71 17.97 22.07
C LYS D 249 -4.77 19.02 21.50
N ILE D 250 -4.69 20.16 22.18
CA ILE D 250 -3.77 21.24 21.75
C ILE D 250 -2.43 20.98 22.44
N GLY D 251 -1.66 20.09 21.84
CA GLY D 251 -0.28 19.92 22.24
C GLY D 251 0.65 20.11 21.07
N TYR D 252 0.19 19.72 19.89
CA TYR D 252 0.98 19.94 18.68
C TYR D 252 0.89 21.38 18.23
N PHE D 253 -0.30 21.99 18.38
CA PHE D 253 -0.53 23.32 17.85
C PHE D 253 0.02 24.41 18.75
N VAL D 254 0.13 24.14 20.06
CA VAL D 254 0.75 25.10 20.96
C VAL D 254 2.25 25.19 20.68
N ILE D 255 2.91 24.05 20.52
CA ILE D 255 4.34 24.04 20.21
C ILE D 255 4.59 24.53 18.79
N GLN D 256 3.73 24.16 17.85
CA GLN D 256 4.02 24.41 16.44
C GLN D 256 3.61 25.81 15.99
N THR D 257 2.48 26.32 16.47
CA THR D 257 1.95 27.57 15.96
C THR D 257 1.83 28.66 17.01
N TYR D 258 1.29 28.34 18.19
CA TYR D 258 0.98 29.38 19.18
C TYR D 258 2.25 29.95 19.81
N LEU D 259 3.16 29.09 20.26
CA LEU D 259 4.42 29.54 20.82
C LEU D 259 5.35 30.25 19.83
N PRO D 260 5.54 29.80 18.57
CA PRO D 260 6.30 30.66 17.64
C PRO D 260 5.64 31.99 17.33
N CYS D 261 4.31 32.07 17.30
CA CYS D 261 3.64 33.36 17.12
C CYS D 261 3.89 34.28 18.31
N ILE D 262 3.82 33.73 19.53
CA ILE D 262 4.06 34.52 20.73
C ILE D 262 5.52 34.97 20.79
N MET D 263 6.45 34.10 20.42
CA MET D 263 7.87 34.48 20.39
C MET D 263 8.16 35.51 19.30
N THR D 264 7.48 35.42 18.16
CA THR D 264 7.69 36.42 17.10
C THR D 264 7.15 37.79 17.51
N VAL D 265 5.96 37.83 18.12
CA VAL D 265 5.44 39.13 18.53
C VAL D 265 6.20 39.68 19.75
N ILE D 266 6.79 38.82 20.58
CA ILE D 266 7.70 39.31 21.62
C ILE D 266 9.00 39.84 21.00
N LEU D 267 9.48 39.17 19.93
CA LEU D 267 10.64 39.64 19.19
C LEU D 267 10.40 40.98 18.52
N SER D 268 9.14 41.28 18.17
CA SER D 268 8.81 42.62 17.69
C SER D 268 8.89 43.66 18.80
N GLN D 269 8.70 43.26 20.06
CA GLN D 269 8.83 44.20 21.17
C GLN D 269 10.27 44.55 21.49
N VAL D 270 11.22 43.73 21.03
CA VAL D 270 12.64 43.97 21.26
C VAL D 270 13.09 45.22 20.51
N SER D 271 12.52 45.47 19.33
CA SER D 271 12.89 46.63 18.52
C SER D 271 12.47 47.95 19.15
N PHE D 272 11.62 47.94 20.17
CA PHE D 272 11.22 49.17 20.85
C PHE D 272 12.27 49.65 21.83
N TRP D 273 13.08 48.74 22.37
CA TRP D 273 14.09 49.09 23.36
C TRP D 273 15.43 49.44 22.72
N LEU D 274 15.52 49.44 21.39
CA LEU D 274 16.73 49.85 20.70
C LEU D 274 16.78 51.37 20.54
N ASN D 275 17.71 51.85 19.73
CA ASN D 275 17.96 53.27 19.57
C ASN D 275 17.33 53.74 18.27
N ARG D 276 16.95 55.03 18.22
CA ARG D 276 16.32 55.55 17.00
C ARG D 276 17.30 55.67 15.84
N GLU D 277 18.60 55.75 16.15
CA GLU D 277 19.59 55.94 15.09
C GLU D 277 19.95 54.63 14.41
N SER D 278 19.59 53.50 15.02
CA SER D 278 19.83 52.19 14.43
C SER D 278 18.67 51.87 13.50
N VAL D 279 18.57 52.62 12.41
CA VAL D 279 17.59 52.39 11.35
C VAL D 279 17.74 51.02 10.67
N PRO D 280 18.95 50.56 10.25
CA PRO D 280 19.00 49.20 9.67
C PRO D 280 18.66 48.09 10.63
N ALA D 281 19.04 48.22 11.91
CA ALA D 281 18.74 47.18 12.90
C ALA D 281 17.25 47.04 13.14
N ARG D 282 16.55 48.17 13.28
CA ARG D 282 15.12 48.13 13.53
C ARG D 282 14.33 47.74 12.29
N THR D 283 14.78 48.13 11.09
CA THR D 283 14.04 47.65 9.93
C THR D 283 14.33 46.17 9.66
N VAL D 284 15.49 45.66 10.09
CA VAL D 284 15.74 44.22 10.00
C VAL D 284 14.82 43.47 10.95
N PHE D 285 14.67 43.98 12.18
CA PHE D 285 13.65 43.47 13.12
C PHE D 285 12.26 43.43 12.48
N GLY D 286 11.84 44.57 11.90
CA GLY D 286 10.50 44.67 11.35
C GLY D 286 10.24 43.73 10.19
N VAL D 287 11.16 43.69 9.22
CA VAL D 287 10.90 42.88 8.04
C VAL D 287 11.09 41.40 8.34
N THR D 288 11.97 41.04 9.29
CA THR D 288 12.12 39.62 9.59
C THR D 288 10.95 39.11 10.42
N THR D 289 10.40 39.95 11.30
CA THR D 289 9.19 39.54 12.01
C THR D 289 7.98 39.46 11.08
N VAL D 290 7.88 40.35 10.09
CA VAL D 290 6.77 40.29 9.14
C VAL D 290 6.88 39.03 8.26
N LEU D 291 8.10 38.73 7.77
CA LEU D 291 8.29 37.51 6.99
C LEU D 291 8.07 36.24 7.82
N THR D 292 8.47 36.26 9.09
CA THR D 292 8.20 35.12 9.97
C THR D 292 6.71 34.93 10.19
N MET D 293 5.96 36.03 10.33
CA MET D 293 4.51 35.91 10.51
C MET D 293 3.83 35.43 9.23
N THR D 294 4.32 35.85 8.06
CA THR D 294 3.74 35.35 6.81
C THR D 294 4.01 33.86 6.63
N THR D 295 5.23 33.41 6.92
CA THR D 295 5.51 31.98 6.72
C THR D 295 4.84 31.13 7.79
N LEU D 296 4.59 31.67 8.99
CA LEU D 296 3.78 30.95 9.97
C LEU D 296 2.32 30.89 9.56
N SER D 297 1.80 31.95 8.95
CA SER D 297 0.42 31.95 8.47
C SER D 297 0.24 30.99 7.30
N ILE D 298 1.26 30.86 6.46
CA ILE D 298 1.20 29.87 5.37
C ILE D 298 1.32 28.45 5.92
N SER D 299 2.26 28.22 6.83
CA SER D 299 2.53 26.87 7.32
C SER D 299 1.58 26.42 8.43
N ALA D 300 0.64 27.27 8.85
CA ALA D 300 -0.39 26.83 9.77
C ALA D 300 -1.70 26.46 9.07
N ARG D 301 -1.84 26.80 7.79
CA ARG D 301 -3.08 26.53 7.07
C ARG D 301 -3.03 25.19 6.33
N ASN D 302 -1.83 24.69 6.01
CA ASN D 302 -1.72 23.46 5.22
C ASN D 302 -2.09 22.21 6.01
N SER D 303 -2.11 22.29 7.33
CA SER D 303 -2.57 21.16 8.14
C SER D 303 -4.08 20.97 8.07
N LEU D 304 -4.80 21.99 7.66
CA LEU D 304 -6.25 22.05 7.54
C LEU D 304 -6.69 21.80 6.11
N PRO D 305 -7.96 21.43 5.90
CA PRO D 305 -8.52 21.51 4.55
C PRO D 305 -8.73 22.97 4.14
N LYS D 306 -8.95 23.16 2.83
CA LYS D 306 -9.11 24.49 2.27
C LYS D 306 -10.54 24.99 2.44
N VAL D 307 -10.93 25.19 3.72
CA VAL D 307 -12.28 25.62 4.02
C VAL D 307 -12.45 27.10 3.71
N ALA D 308 -13.69 27.55 3.71
CA ALA D 308 -14.05 28.92 3.35
C ALA D 308 -14.46 29.74 4.57
N TYR D 309 -13.82 29.49 5.72
CA TYR D 309 -14.07 30.29 6.91
C TYR D 309 -12.79 30.32 7.74
N ALA D 310 -12.73 31.27 8.65
CA ALA D 310 -11.54 31.49 9.47
C ALA D 310 -11.67 30.77 10.79
N THR D 311 -10.65 30.00 11.14
CA THR D 311 -10.61 29.23 12.38
C THR D 311 -10.19 30.14 13.53
N ALA D 312 -10.10 29.57 14.74
CA ALA D 312 -9.62 30.35 15.87
C ALA D 312 -8.12 30.56 15.81
N MET D 313 -7.39 29.61 15.22
CA MET D 313 -5.95 29.81 15.02
C MET D 313 -5.69 30.91 14.01
N ASP D 314 -6.55 31.03 13.00
CA ASP D 314 -6.42 32.13 12.05
C ASP D 314 -6.70 33.47 12.72
N TRP D 315 -7.65 33.51 13.65
CA TRP D 315 -7.89 34.76 14.38
C TRP D 315 -6.80 35.06 15.39
N PHE D 316 -6.06 34.06 15.86
CA PHE D 316 -4.88 34.35 16.68
C PHE D 316 -3.75 34.91 15.82
N ILE D 317 -3.52 34.28 14.67
CA ILE D 317 -2.43 34.66 13.77
C ILE D 317 -2.67 36.05 13.17
N ALA D 318 -3.93 36.40 12.88
CA ALA D 318 -4.23 37.72 12.34
C ALA D 318 -3.98 38.83 13.35
N VAL D 319 -4.33 38.61 14.61
CA VAL D 319 -4.07 39.62 15.64
C VAL D 319 -2.57 39.73 15.92
N CYS D 320 -1.85 38.60 15.90
CA CYS D 320 -0.39 38.66 16.03
C CYS D 320 0.26 39.39 14.86
N TYR D 321 -0.26 39.21 13.65
CA TYR D 321 0.20 39.96 12.48
C TYR D 321 -0.09 41.44 12.61
N ALA D 322 -1.26 41.79 13.18
CA ALA D 322 -1.58 43.18 13.42
C ALA D 322 -0.62 43.81 14.42
N PHE D 323 -0.25 43.07 15.46
CA PHE D 323 0.71 43.59 16.43
C PHE D 323 2.14 43.65 15.91
N VAL D 324 2.51 42.81 14.94
CA VAL D 324 3.82 42.93 14.32
C VAL D 324 3.86 44.12 13.35
N PHE D 325 2.82 44.26 12.53
CA PHE D 325 2.74 45.37 11.59
C PHE D 325 2.59 46.70 12.30
N SER D 326 1.93 46.74 13.47
CA SER D 326 1.87 47.92 14.29
C SER D 326 3.23 48.33 14.84
N ALA D 327 4.09 47.38 15.20
CA ALA D 327 5.47 47.66 15.54
C ALA D 327 6.27 48.23 14.38
N LEU D 328 6.06 47.70 13.17
CA LEU D 328 6.70 48.27 11.99
C LEU D 328 6.24 49.71 11.70
N ILE D 329 4.95 49.98 11.82
CA ILE D 329 4.42 51.33 11.63
C ILE D 329 4.92 52.26 12.73
N GLU D 330 5.07 51.71 13.95
CA GLU D 330 5.67 52.44 15.07
C GLU D 330 7.10 52.89 14.78
N PHE D 331 7.91 51.98 14.23
CA PHE D 331 9.27 52.36 13.84
C PHE D 331 9.26 53.36 12.69
N ALA D 332 8.28 53.23 11.77
CA ALA D 332 8.17 54.19 10.68
C ALA D 332 7.88 55.59 11.18
N THR D 333 6.99 55.71 12.17
CA THR D 333 6.68 57.02 12.76
C THR D 333 7.86 57.56 13.56
N VAL D 334 8.58 56.69 14.27
CA VAL D 334 9.77 57.11 15.02
C VAL D 334 10.85 57.62 14.08
N ASN D 335 11.06 56.93 12.96
CA ASN D 335 12.05 57.35 11.97
C ASN D 335 11.62 58.62 11.25
N TYR D 336 10.31 58.82 11.06
CA TYR D 336 9.84 60.08 10.49
C TYR D 336 10.03 61.24 11.45
N PHE D 337 9.93 61.00 12.75
CA PHE D 337 10.17 62.04 13.74
C PHE D 337 11.63 62.08 14.22
N THR D 338 12.57 61.63 13.41
CA THR D 338 13.99 61.62 13.76
C THR D 338 14.69 62.75 13.04
N LYS D 339 15.43 63.57 13.80
CA LYS D 339 16.08 64.74 13.23
C LYS D 339 17.52 64.46 12.80
N ARG D 340 18.36 64.03 13.73
CA ARG D 340 19.79 63.87 13.50
C ARG D 340 20.12 62.44 13.10
N LYS D 411 26.44 71.43 20.46
CA LYS D 411 26.08 70.20 19.75
C LYS D 411 24.88 69.52 20.40
N THR D 412 23.70 69.75 19.83
CA THR D 412 22.49 69.08 20.32
C THR D 412 22.50 67.62 19.93
N PHE D 413 21.98 66.78 20.81
CA PHE D 413 21.93 65.34 20.60
C PHE D 413 20.49 64.85 20.64
N ASN D 414 20.20 63.83 19.86
CA ASN D 414 18.86 63.26 19.82
C ASN D 414 18.53 62.55 21.12
N SER D 415 17.25 62.56 21.47
CA SER D 415 16.76 61.98 22.72
C SER D 415 15.92 60.75 22.41
N VAL D 416 15.50 60.06 23.49
CA VAL D 416 14.63 58.91 23.31
C VAL D 416 13.22 59.37 22.94
N SER D 417 12.46 58.46 22.33
CA SER D 417 11.17 58.79 21.77
C SER D 417 10.08 58.60 22.81
N LYS D 418 9.19 59.60 22.92
CA LYS D 418 7.99 59.44 23.73
C LYS D 418 7.06 58.39 23.12
N ILE D 419 7.10 58.23 21.79
CA ILE D 419 6.35 57.17 21.14
C ILE D 419 6.91 55.80 21.52
N ASP D 420 8.23 55.69 21.62
CA ASP D 420 8.84 54.43 22.02
C ASP D 420 8.70 54.20 23.52
N ARG D 421 8.61 55.27 24.31
CA ARG D 421 8.48 55.11 25.77
C ARG D 421 7.10 54.57 26.13
N LEU D 422 6.07 55.00 25.42
CA LEU D 422 4.73 54.47 25.68
C LEU D 422 4.56 53.08 25.07
N SER D 423 5.15 52.83 23.91
CA SER D 423 5.02 51.54 23.25
C SER D 423 5.86 50.45 23.90
N ARG D 424 6.81 50.81 24.76
CA ARG D 424 7.51 49.80 25.56
C ARG D 424 6.59 49.18 26.59
N ILE D 425 5.57 49.91 27.03
CA ILE D 425 4.64 49.44 28.05
C ILE D 425 3.31 49.01 27.44
N ALA D 426 2.75 49.81 26.54
CA ALA D 426 1.39 49.58 26.06
C ALA D 426 1.32 48.37 25.13
N PHE D 427 2.26 48.26 24.19
CA PHE D 427 2.30 47.15 23.24
C PHE D 427 2.49 45.77 23.89
N PRO D 428 3.33 45.58 24.93
CA PRO D 428 3.23 44.32 25.66
C PRO D 428 1.96 44.17 26.47
N LEU D 429 1.38 45.28 26.94
CA LEU D 429 0.17 45.19 27.75
C LEU D 429 -1.04 44.81 26.91
N LEU D 430 -1.22 45.47 25.76
CA LEU D 430 -2.37 45.15 24.90
C LEU D 430 -2.24 43.80 24.22
N PHE D 431 -1.03 43.23 24.16
CA PHE D 431 -0.94 41.82 23.78
C PHE D 431 -1.39 40.91 24.91
N GLY D 432 -1.06 41.25 26.16
CA GLY D 432 -1.49 40.43 27.28
C GLY D 432 -2.96 40.57 27.59
N ILE D 433 -3.55 41.72 27.26
CA ILE D 433 -4.99 41.89 27.41
C ILE D 433 -5.74 41.05 26.38
N PHE D 434 -5.26 41.06 25.13
CA PHE D 434 -5.85 40.22 24.09
C PHE D 434 -5.66 38.74 24.39
N ASN D 435 -4.47 38.36 24.87
CA ASN D 435 -4.19 36.94 25.03
C ASN D 435 -4.91 36.36 26.24
N LEU D 436 -5.27 37.19 27.21
CA LEU D 436 -6.07 36.72 28.34
C LEU D 436 -7.53 36.51 27.95
N VAL D 437 -8.05 37.29 27.01
CA VAL D 437 -9.45 37.14 26.62
C VAL D 437 -9.60 36.15 25.47
N TYR D 438 -8.53 35.85 24.74
CA TYR D 438 -8.62 34.84 23.68
C TYR D 438 -8.74 33.44 24.26
N TRP D 439 -7.92 33.11 25.26
CA TRP D 439 -7.99 31.79 25.86
C TRP D 439 -9.22 31.61 26.73
N ALA D 440 -9.72 32.69 27.35
CA ALA D 440 -10.94 32.59 28.13
C ALA D 440 -12.17 32.40 27.25
N THR D 441 -12.16 32.94 26.04
CA THR D 441 -13.30 32.78 25.15
C THR D 441 -13.34 31.36 24.57
N TYR D 442 -12.21 30.84 24.13
CA TYR D 442 -12.18 29.60 23.37
C TYR D 442 -11.90 28.38 24.23
N LEU D 443 -10.84 28.43 25.05
CA LEU D 443 -10.42 27.24 25.77
C LEU D 443 -11.32 26.92 26.95
N ASN D 444 -11.94 27.93 27.57
CA ASN D 444 -12.84 27.66 28.68
C ASN D 444 -14.16 27.05 28.18
N ARG D 445 -14.73 27.62 27.12
CA ARG D 445 -15.98 27.11 26.55
C ARG D 445 -16.11 27.54 25.10
N GLY E 64 -40.98 -23.99 -1.11
CA GLY E 64 -42.02 -23.08 -0.68
C GLY E 64 -42.80 -22.48 -1.84
N ASP E 65 -42.97 -21.16 -1.80
CA ASP E 65 -43.67 -20.44 -2.86
C ASP E 65 -42.73 -19.58 -3.69
N VAL E 66 -41.81 -18.86 -3.04
CA VAL E 66 -40.87 -18.02 -3.78
C VAL E 66 -39.74 -18.87 -4.38
N THR E 67 -39.44 -20.01 -3.76
CA THR E 67 -38.39 -20.90 -4.25
C THR E 67 -38.77 -21.50 -5.61
N VAL E 68 -40.00 -22.00 -5.73
CA VAL E 68 -40.43 -22.59 -6.99
C VAL E 68 -40.63 -21.52 -8.06
N ILE E 69 -41.00 -20.29 -7.66
CA ILE E 69 -41.11 -19.18 -8.60
C ILE E 69 -39.75 -18.83 -9.17
N LEU E 70 -38.74 -18.72 -8.31
CA LEU E 70 -37.39 -18.38 -8.77
C LEU E 70 -36.79 -19.51 -9.61
N ASN E 71 -37.04 -20.77 -9.21
CA ASN E 71 -36.53 -21.90 -9.96
C ASN E 71 -37.22 -22.07 -11.31
N ASN E 72 -38.49 -21.68 -11.43
CA ASN E 72 -39.15 -21.67 -12.72
C ASN E 72 -38.73 -20.49 -13.58
N LEU E 73 -38.38 -19.36 -12.96
CA LEU E 73 -37.89 -18.22 -13.73
C LEU E 73 -36.51 -18.48 -14.30
N LEU E 74 -35.63 -19.13 -13.54
CA LEU E 74 -34.24 -19.27 -13.96
C LEU E 74 -33.95 -20.55 -14.74
N GLU E 75 -34.96 -21.35 -15.07
CA GLU E 75 -34.75 -22.49 -15.93
C GLU E 75 -35.00 -22.10 -17.39
N GLY E 76 -34.09 -22.52 -18.27
CA GLY E 76 -34.17 -22.11 -19.66
C GLY E 76 -33.85 -20.66 -19.90
N TYR E 77 -33.07 -20.04 -19.01
CA TYR E 77 -32.74 -18.63 -19.08
C TYR E 77 -31.29 -18.47 -19.52
N ASP E 78 -31.06 -17.60 -20.49
CA ASP E 78 -29.72 -17.19 -20.89
C ASP E 78 -29.49 -15.74 -20.48
N ASN E 79 -28.50 -15.52 -19.63
CA ASN E 79 -28.12 -14.17 -19.25
C ASN E 79 -27.21 -13.48 -20.26
N LYS E 80 -26.80 -14.18 -21.31
CA LYS E 80 -26.02 -13.58 -22.38
C LYS E 80 -26.88 -12.74 -23.32
N LEU E 81 -28.16 -13.08 -23.47
CA LEU E 81 -29.04 -12.41 -24.42
C LEU E 81 -29.90 -11.38 -23.68
N ARG E 82 -29.92 -10.16 -24.18
CA ARG E 82 -30.76 -9.12 -23.63
C ARG E 82 -32.23 -9.40 -23.95
N PRO E 83 -33.16 -8.85 -23.18
CA PRO E 83 -34.58 -8.97 -23.55
C PRO E 83 -34.89 -8.29 -24.87
N ASP E 84 -35.68 -9.00 -25.68
CA ASP E 84 -36.01 -8.64 -27.07
C ASP E 84 -34.74 -8.45 -27.90
N ILE E 85 -33.99 -9.56 -28.03
CA ILE E 85 -32.72 -9.56 -28.75
C ILE E 85 -32.91 -9.28 -30.24
N GLY E 86 -34.06 -9.67 -30.79
CA GLY E 86 -34.31 -9.42 -32.19
C GLY E 86 -35.66 -8.77 -32.46
N VAL E 87 -36.19 -8.04 -31.49
CA VAL E 87 -37.54 -7.49 -31.62
C VAL E 87 -37.50 -5.97 -31.58
N LYS E 88 -37.02 -5.41 -30.47
CA LYS E 88 -37.02 -3.96 -30.28
C LYS E 88 -35.92 -3.62 -29.30
N PRO E 89 -35.43 -2.37 -29.31
CA PRO E 89 -34.41 -1.98 -28.33
C PRO E 89 -34.92 -1.98 -26.91
N THR E 90 -34.00 -2.26 -25.98
CA THR E 90 -34.33 -2.35 -24.57
C THR E 90 -34.35 -0.97 -23.94
N LEU E 91 -35.50 -0.58 -23.41
CA LEU E 91 -35.67 0.74 -22.81
C LEU E 91 -35.36 0.63 -21.32
N ILE E 92 -34.39 1.42 -20.86
CA ILE E 92 -33.92 1.39 -19.48
C ILE E 92 -34.16 2.77 -18.88
N HIS E 93 -34.91 2.83 -17.78
CA HIS E 93 -35.17 4.07 -17.08
C HIS E 93 -34.23 4.17 -15.89
N THR E 94 -33.33 5.13 -15.92
CA THR E 94 -32.33 5.30 -14.89
C THR E 94 -32.72 6.38 -13.90
N ASP E 95 -32.33 6.18 -12.65
CA ASP E 95 -32.51 7.16 -11.60
C ASP E 95 -31.22 7.20 -10.78
N MET E 96 -30.92 8.38 -10.25
CA MET E 96 -29.69 8.58 -9.49
C MET E 96 -30.03 9.32 -8.21
N TYR E 97 -29.32 8.98 -7.13
CA TYR E 97 -29.47 9.66 -5.85
C TYR E 97 -28.07 10.01 -5.35
N VAL E 98 -27.71 11.28 -5.44
CA VAL E 98 -26.36 11.72 -5.09
C VAL E 98 -26.25 11.83 -3.58
N ASN E 99 -25.34 11.05 -2.99
CA ASN E 99 -25.13 11.15 -1.54
C ASN E 99 -24.29 12.36 -1.20
N SER E 100 -23.08 12.38 -1.76
CA SER E 100 -22.12 13.45 -1.41
C SER E 100 -21.12 13.71 -2.52
N ILE E 101 -21.23 14.83 -3.21
CA ILE E 101 -20.21 15.21 -4.18
C ILE E 101 -18.95 15.55 -3.41
N GLY E 102 -17.88 14.79 -3.63
CA GLY E 102 -16.69 14.89 -2.83
C GLY E 102 -15.80 16.05 -3.22
N PRO E 103 -14.51 15.92 -2.98
CA PRO E 103 -13.59 17.02 -3.26
C PRO E 103 -13.38 17.22 -4.75
N VAL E 104 -13.39 18.47 -5.18
CA VAL E 104 -13.10 18.83 -6.56
C VAL E 104 -11.61 19.16 -6.63
N ASN E 105 -10.85 18.27 -7.24
CA ASN E 105 -9.41 18.43 -7.36
C ASN E 105 -9.09 19.26 -8.58
N ALA E 106 -8.28 20.31 -8.41
CA ALA E 106 -7.92 21.21 -9.49
C ALA E 106 -6.59 20.88 -10.13
N ILE E 107 -5.64 20.33 -9.37
CA ILE E 107 -4.33 19.99 -9.93
C ILE E 107 -4.41 18.72 -10.75
N ASN E 108 -5.42 17.89 -10.51
CA ASN E 108 -5.58 16.63 -11.22
C ASN E 108 -6.83 16.57 -12.08
N MET E 109 -7.74 17.55 -11.92
CA MET E 109 -8.93 17.76 -12.76
C MET E 109 -9.90 16.57 -12.71
N GLU E 110 -10.36 16.27 -11.50
CA GLU E 110 -11.48 15.34 -11.33
C GLU E 110 -12.18 15.64 -10.01
N TYR E 111 -13.37 15.08 -9.86
CA TYR E 111 -14.17 15.22 -8.66
C TYR E 111 -14.73 13.86 -8.27
N THR E 112 -14.92 13.66 -6.97
CA THR E 112 -15.47 12.44 -6.43
C THR E 112 -16.97 12.60 -6.22
N ILE E 113 -17.74 11.57 -6.55
CA ILE E 113 -19.18 11.57 -6.35
C ILE E 113 -19.60 10.20 -5.86
N ASP E 114 -20.52 10.18 -4.88
CA ASP E 114 -21.06 8.96 -4.30
C ASP E 114 -22.55 8.93 -4.60
N ILE E 115 -23.00 7.94 -5.36
CA ILE E 115 -24.38 7.89 -5.82
C ILE E 115 -25.00 6.53 -5.54
N PHE E 116 -26.32 6.47 -5.67
CA PHE E 116 -27.12 5.26 -5.63
C PHE E 116 -27.70 5.07 -7.03
N PHE E 117 -26.96 4.39 -7.89
CA PHE E 117 -27.38 4.26 -9.29
C PHE E 117 -28.45 3.18 -9.40
N ALA E 118 -29.61 3.54 -9.91
CA ALA E 118 -30.74 2.62 -10.05
C ALA E 118 -31.19 2.58 -11.50
N GLN E 119 -31.48 1.39 -11.99
CA GLN E 119 -31.93 1.18 -13.36
C GLN E 119 -33.17 0.29 -13.37
N THR E 120 -34.06 0.56 -14.31
CA THR E 120 -35.31 -0.19 -14.42
C THR E 120 -35.57 -0.53 -15.88
N TRP E 121 -35.76 -1.82 -16.15
CA TRP E 121 -36.07 -2.28 -17.50
C TRP E 121 -37.12 -3.37 -17.39
N TYR E 122 -37.62 -3.83 -18.54
CA TYR E 122 -38.63 -4.87 -18.61
C TYR E 122 -38.03 -6.13 -19.20
N ASP E 123 -38.33 -7.26 -18.57
CA ASP E 123 -37.88 -8.57 -19.04
C ASP E 123 -39.11 -9.47 -19.12
N ARG E 124 -39.44 -9.91 -20.34
CA ARG E 124 -40.61 -10.77 -20.50
C ARG E 124 -40.35 -12.19 -20.03
N ARG E 125 -39.08 -12.59 -19.89
CA ARG E 125 -38.74 -13.91 -19.39
C ARG E 125 -38.84 -14.01 -17.87
N LEU E 126 -38.96 -12.88 -17.17
CA LEU E 126 -39.08 -12.85 -15.72
C LEU E 126 -40.50 -12.52 -15.29
N LYS E 127 -41.48 -13.02 -16.03
CA LYS E 127 -42.89 -12.87 -15.69
C LYS E 127 -43.35 -14.07 -14.88
N PHE E 128 -44.05 -13.80 -13.78
CA PHE E 128 -44.65 -14.86 -12.98
C PHE E 128 -46.06 -14.45 -12.58
N ASN E 129 -46.92 -15.45 -12.39
CA ASN E 129 -48.30 -15.24 -12.01
C ASN E 129 -48.51 -15.85 -10.63
N SER E 130 -48.59 -15.01 -9.61
CA SER E 130 -48.74 -15.47 -8.23
C SER E 130 -49.37 -14.35 -7.41
N THR E 131 -49.75 -14.69 -6.17
CA THR E 131 -50.23 -13.68 -5.24
C THR E 131 -49.11 -12.77 -4.73
N ILE E 132 -47.86 -13.21 -4.84
CA ILE E 132 -46.73 -12.34 -4.56
C ILE E 132 -46.59 -11.33 -5.70
N LYS E 133 -46.48 -10.05 -5.34
CA LYS E 133 -46.38 -9.01 -6.35
C LYS E 133 -44.92 -8.70 -6.69
N VAL E 134 -44.07 -8.56 -5.68
CA VAL E 134 -42.67 -8.20 -5.84
C VAL E 134 -41.82 -9.27 -5.18
N LEU E 135 -40.72 -9.67 -5.84
CA LEU E 135 -39.69 -10.51 -5.25
C LEU E 135 -38.54 -9.60 -4.82
N ARG E 136 -38.50 -9.25 -3.54
CA ARG E 136 -37.44 -8.39 -3.03
C ARG E 136 -36.23 -9.24 -2.69
N LEU E 137 -35.20 -9.18 -3.54
CA LEU E 137 -34.06 -10.07 -3.47
C LEU E 137 -32.79 -9.30 -3.12
N ASN E 138 -31.76 -10.06 -2.74
CA ASN E 138 -30.45 -9.52 -2.41
C ASN E 138 -29.56 -9.53 -3.66
N SER E 139 -28.26 -9.37 -3.45
CA SER E 139 -27.31 -9.29 -4.55
C SER E 139 -26.91 -10.65 -5.11
N ASN E 140 -27.37 -11.75 -4.52
CA ASN E 140 -27.04 -13.08 -5.02
C ASN E 140 -27.67 -13.37 -6.37
N MET E 141 -28.78 -12.71 -6.68
CA MET E 141 -29.54 -12.96 -7.89
C MET E 141 -29.15 -12.06 -9.06
N VAL E 142 -28.21 -11.14 -8.85
CA VAL E 142 -27.85 -10.18 -9.91
C VAL E 142 -27.08 -10.87 -11.02
N GLY E 143 -26.15 -11.76 -10.67
CA GLY E 143 -25.35 -12.44 -11.67
C GLY E 143 -26.07 -13.57 -12.39
N LYS E 144 -27.30 -13.89 -11.99
CA LYS E 144 -28.06 -14.95 -12.64
C LYS E 144 -28.92 -14.45 -13.80
N ILE E 145 -29.26 -13.16 -13.82
CA ILE E 145 -30.12 -12.59 -14.84
C ILE E 145 -29.33 -11.57 -15.65
N TRP E 146 -29.89 -11.12 -16.77
CA TRP E 146 -29.25 -10.12 -17.61
C TRP E 146 -29.35 -8.76 -16.97
N ILE E 147 -28.22 -8.06 -16.90
CA ILE E 147 -28.19 -6.67 -16.45
C ILE E 147 -27.47 -5.86 -17.52
N PRO E 148 -27.80 -4.58 -17.71
CA PRO E 148 -27.11 -3.80 -18.74
C PRO E 148 -25.66 -3.50 -18.36
N ASP E 149 -24.83 -3.27 -19.37
CA ASP E 149 -23.41 -3.00 -19.17
C ASP E 149 -23.13 -1.50 -19.12
N THR E 150 -23.80 -0.84 -18.18
CA THR E 150 -23.68 0.61 -18.03
C THR E 150 -22.31 0.95 -17.45
N PHE E 151 -21.60 1.85 -18.11
CA PHE E 151 -20.32 2.34 -17.65
C PHE E 151 -20.31 3.85 -17.75
N PHE E 152 -19.49 4.49 -16.93
CA PHE E 152 -19.42 5.95 -16.86
C PHE E 152 -18.27 6.43 -17.74
N ARG E 153 -18.61 7.20 -18.77
CA ARG E 153 -17.67 7.48 -19.86
C ARG E 153 -16.55 8.42 -19.49
N ASN E 154 -16.71 9.22 -18.45
CA ASN E 154 -15.69 10.19 -18.05
C ASN E 154 -15.09 9.84 -16.69
N SER E 155 -15.22 8.59 -16.26
CA SER E 155 -14.75 8.17 -14.96
C SER E 155 -13.31 7.68 -15.08
N LYS E 156 -12.40 8.29 -14.31
CA LYS E 156 -11.02 7.84 -14.33
C LYS E 156 -10.85 6.53 -13.58
N LYS E 157 -11.46 6.41 -12.40
CA LYS E 157 -11.58 5.13 -11.72
C LYS E 157 -12.81 5.17 -10.84
N ALA E 158 -13.43 4.02 -10.65
CA ALA E 158 -14.63 3.91 -9.84
C ALA E 158 -14.71 2.51 -9.25
N ASP E 159 -15.46 2.37 -8.18
CA ASP E 159 -15.68 1.07 -7.58
C ASP E 159 -17.04 1.05 -6.90
N ALA E 160 -17.63 -0.14 -6.83
CA ALA E 160 -18.79 -0.36 -5.99
C ALA E 160 -18.32 -0.65 -4.56
N HIS E 161 -19.26 -0.92 -3.66
CA HIS E 161 -18.96 -1.18 -2.28
C HIS E 161 -19.34 -2.61 -1.93
N TRP E 162 -18.47 -3.31 -1.20
CA TRP E 162 -18.60 -4.75 -1.06
C TRP E 162 -18.61 -5.21 0.40
N ILE E 163 -18.87 -4.31 1.34
CA ILE E 163 -18.83 -4.62 2.77
C ILE E 163 -20.17 -4.23 3.38
N THR E 164 -20.79 -5.17 4.11
CA THR E 164 -20.36 -6.52 4.45
C THR E 164 -20.78 -7.53 3.40
N THR E 165 -21.57 -7.06 2.45
CA THR E 165 -22.10 -7.81 1.33
C THR E 165 -21.95 -6.89 0.12
N PRO E 166 -21.95 -7.44 -1.10
CA PRO E 166 -22.14 -6.58 -2.29
C PRO E 166 -23.36 -5.67 -2.19
N ASN E 167 -23.14 -4.36 -2.20
CA ASN E 167 -24.18 -3.37 -1.98
C ASN E 167 -25.02 -3.21 -3.25
N ARG E 168 -25.84 -4.23 -3.50
CA ARG E 168 -26.69 -4.28 -4.68
C ARG E 168 -28.09 -4.73 -4.28
N MET E 169 -29.07 -4.35 -5.08
CA MET E 169 -30.46 -4.65 -4.84
C MET E 169 -31.08 -5.17 -6.13
N LEU E 170 -32.05 -6.07 -6.01
CA LEU E 170 -32.77 -6.58 -7.16
C LEU E 170 -34.21 -6.88 -6.75
N ARG E 171 -35.16 -6.20 -7.39
CA ARG E 171 -36.58 -6.42 -7.14
C ARG E 171 -37.25 -6.68 -8.47
N ILE E 172 -37.98 -7.79 -8.56
CA ILE E 172 -38.63 -8.23 -9.79
C ILE E 172 -40.13 -8.28 -9.55
N TRP E 173 -40.88 -7.50 -10.33
CA TRP E 173 -42.33 -7.49 -10.22
C TRP E 173 -42.93 -8.65 -11.01
N ASN E 174 -44.24 -8.81 -10.89
CA ASN E 174 -44.92 -9.94 -11.53
C ASN E 174 -45.17 -9.72 -13.02
N ASP E 175 -45.05 -8.48 -13.52
CA ASP E 175 -45.17 -8.23 -14.95
C ASP E 175 -43.82 -8.25 -15.66
N GLY E 176 -42.74 -8.57 -14.94
CA GLY E 176 -41.42 -8.65 -15.52
C GLY E 176 -40.55 -7.44 -15.27
N ARG E 177 -41.05 -6.42 -14.60
CA ARG E 177 -40.26 -5.22 -14.34
C ARG E 177 -39.17 -5.51 -13.33
N VAL E 178 -37.94 -5.12 -13.66
CA VAL E 178 -36.77 -5.41 -12.85
C VAL E 178 -36.15 -4.09 -12.42
N LEU E 179 -35.95 -3.91 -11.12
CA LEU E 179 -35.26 -2.76 -10.58
C LEU E 179 -33.93 -3.21 -9.97
N TYR E 180 -32.84 -2.61 -10.41
CA TYR E 180 -31.51 -3.01 -10.00
C TYR E 180 -30.76 -1.76 -9.54
N THR E 181 -30.50 -1.69 -8.24
CA THR E 181 -29.88 -0.53 -7.61
C THR E 181 -28.56 -0.94 -6.98
N LEU E 182 -27.52 -0.14 -7.22
CA LEU E 182 -26.21 -0.40 -6.65
C LEU E 182 -25.56 0.90 -6.23
N ARG E 183 -24.62 0.80 -5.31
CA ARG E 183 -23.94 1.95 -4.72
C ARG E 183 -22.55 2.08 -5.33
N LEU E 184 -22.24 3.27 -5.86
CA LEU E 184 -21.02 3.49 -6.61
C LEU E 184 -20.33 4.74 -6.10
N THR E 185 -19.00 4.76 -6.25
CA THR E 185 -18.18 5.94 -5.94
C THR E 185 -17.30 6.21 -7.14
N ILE E 186 -17.46 7.37 -7.76
CA ILE E 186 -16.92 7.66 -9.08
C ILE E 186 -16.00 8.86 -9.00
N ASP E 187 -14.77 8.72 -9.51
CA ASP E 187 -13.86 9.85 -9.70
C ASP E 187 -13.94 10.27 -11.16
N ALA E 188 -14.96 11.07 -11.49
CA ALA E 188 -15.17 11.46 -12.90
C ALA E 188 -14.37 12.72 -13.23
N GLU E 189 -13.91 12.84 -14.47
CA GLU E 189 -13.13 14.04 -14.90
C GLU E 189 -14.08 15.23 -15.05
N CYS E 190 -13.65 16.42 -14.63
CA CYS E 190 -14.47 17.65 -14.81
C CYS E 190 -13.53 18.78 -15.21
N GLN E 191 -13.55 19.20 -16.48
CA GLN E 191 -12.61 20.22 -16.92
C GLN E 191 -12.95 21.56 -16.29
N LEU E 192 -11.99 22.12 -15.57
CA LEU E 192 -12.18 23.35 -14.81
C LEU E 192 -11.36 24.44 -15.47
N GLN E 193 -12.03 25.46 -16.00
CA GLN E 193 -11.33 26.62 -16.53
C GLN E 193 -10.75 27.43 -15.37
N LEU E 194 -9.49 27.80 -15.49
CA LEU E 194 -8.81 28.57 -14.45
C LEU E 194 -8.67 30.04 -14.82
N HIS E 195 -9.26 30.46 -15.93
CA HIS E 195 -9.40 31.88 -16.20
C HIS E 195 -10.40 32.49 -15.23
N ASN E 196 -10.13 33.75 -14.84
CA ASN E 196 -10.89 34.49 -13.82
C ASN E 196 -10.92 33.74 -12.49
N PHE E 197 -9.81 33.12 -12.13
CA PHE E 197 -9.71 32.43 -10.85
C PHE E 197 -9.62 33.47 -9.73
N PRO E 198 -10.41 33.34 -8.65
CA PRO E 198 -11.39 32.29 -8.36
C PRO E 198 -12.84 32.73 -8.53
N MET E 199 -13.21 33.46 -9.59
CA MET E 199 -14.62 33.65 -9.93
C MET E 199 -14.92 32.72 -11.11
N ASP E 200 -15.06 31.44 -10.80
CA ASP E 200 -15.23 30.41 -11.82
C ASP E 200 -16.52 29.64 -11.59
N GLU E 201 -17.24 29.37 -12.68
CA GLU E 201 -18.48 28.60 -12.65
C GLU E 201 -18.32 27.40 -13.59
N HIS E 202 -18.60 26.21 -13.08
CA HIS E 202 -18.38 24.98 -13.84
C HIS E 202 -19.66 24.15 -13.93
N SER E 203 -19.78 23.40 -15.01
CA SER E 203 -20.81 22.40 -15.21
C SER E 203 -20.10 21.05 -15.30
N CYS E 204 -19.77 20.53 -14.12
CA CYS E 204 -19.04 19.24 -14.00
C CYS E 204 -19.95 18.12 -14.50
N PRO E 205 -19.57 17.36 -15.54
CA PRO E 205 -20.50 16.38 -16.10
C PRO E 205 -20.33 15.00 -15.47
N LEU E 206 -21.28 14.13 -15.77
CA LEU E 206 -21.20 12.71 -15.43
C LEU E 206 -21.94 11.96 -16.53
N GLU E 207 -21.19 11.45 -17.50
CA GLU E 207 -21.77 10.81 -18.67
C GLU E 207 -21.72 9.30 -18.49
N PHE E 208 -22.83 8.63 -18.79
CA PHE E 208 -22.84 7.18 -18.79
C PHE E 208 -23.59 6.65 -20.01
N SER E 209 -23.22 5.46 -20.44
CA SER E 209 -23.85 4.80 -21.57
C SER E 209 -23.59 3.31 -21.45
N SER E 210 -24.22 2.54 -22.34
CA SER E 210 -23.92 1.12 -22.42
C SER E 210 -22.65 0.92 -23.25
N TYR E 211 -21.85 -0.06 -22.85
CA TYR E 211 -20.56 -0.24 -23.51
C TYR E 211 -20.70 -0.94 -24.85
N GLY E 212 -21.39 -2.08 -24.88
CA GLY E 212 -21.42 -2.89 -26.07
C GLY E 212 -22.66 -2.71 -26.92
N TYR E 213 -23.76 -2.28 -26.32
CA TYR E 213 -25.04 -2.25 -26.99
C TYR E 213 -25.27 -0.89 -27.63
N PRO E 214 -25.42 -0.80 -28.96
CA PRO E 214 -25.67 0.50 -29.60
C PRO E 214 -27.10 1.01 -29.43
N ARG E 215 -27.42 2.08 -30.17
CA ARG E 215 -28.74 2.69 -30.10
C ARG E 215 -29.85 1.73 -30.53
N GLU E 216 -29.55 0.82 -31.46
CA GLU E 216 -30.56 -0.13 -31.93
C GLU E 216 -30.86 -1.23 -30.93
N GLU E 217 -30.12 -1.33 -29.83
CA GLU E 217 -30.30 -2.41 -28.88
C GLU E 217 -30.63 -1.95 -27.47
N ILE E 218 -30.02 -0.87 -26.98
CA ILE E 218 -30.32 -0.33 -25.67
C ILE E 218 -30.51 1.17 -25.79
N VAL E 219 -31.67 1.66 -25.36
CA VAL E 219 -31.99 3.09 -25.35
C VAL E 219 -32.21 3.48 -23.90
N TYR E 220 -31.37 4.35 -23.37
CA TYR E 220 -31.57 4.86 -22.03
C TYR E 220 -32.55 6.03 -22.05
N GLN E 221 -33.22 6.26 -20.90
CA GLN E 221 -34.22 7.36 -20.78
C GLN E 221 -34.41 7.74 -19.31
N TRP E 222 -34.28 9.02 -18.97
CA TRP E 222 -34.36 9.47 -17.55
C TRP E 222 -35.78 9.46 -17.02
N LYS E 223 -35.95 9.67 -15.71
CA LYS E 223 -37.31 9.85 -15.11
C LYS E 223 -37.42 11.35 -14.74
N ARG E 224 -38.60 11.98 -14.84
CA ARG E 224 -38.70 13.45 -14.67
C ARG E 224 -37.90 13.90 -13.44
N SER E 225 -38.07 13.19 -12.31
CA SER E 225 -37.33 13.54 -11.08
C SER E 225 -36.26 12.48 -10.81
N SER E 226 -35.56 12.04 -11.85
CA SER E 226 -34.56 10.95 -11.69
C SER E 226 -33.42 11.39 -10.77
N VAL E 227 -32.80 12.54 -11.04
CA VAL E 227 -31.62 12.97 -10.23
C VAL E 227 -32.12 13.62 -8.93
N GLU E 228 -31.58 13.19 -7.79
CA GLU E 228 -32.04 13.71 -6.47
C GLU E 228 -30.84 13.93 -5.55
N VAL E 229 -30.60 15.11 -4.93
CA VAL E 229 -29.48 15.36 -4.05
C VAL E 229 -29.93 15.26 -2.61
N GLY E 230 -28.98 15.08 -1.70
CA GLY E 230 -29.28 14.95 -0.29
C GLY E 230 -29.49 16.27 0.41
N ASP E 231 -28.92 16.41 1.60
CA ASP E 231 -29.07 17.63 2.38
C ASP E 231 -28.14 18.74 1.91
N THR E 232 -27.13 18.40 1.10
CA THR E 232 -26.14 19.31 0.48
C THR E 232 -25.38 20.16 1.50
N ARG E 233 -25.27 19.71 2.75
CA ARG E 233 -24.50 20.43 3.76
C ARG E 233 -23.44 19.59 4.44
N SER E 234 -23.52 18.27 4.32
CA SER E 234 -22.45 17.41 4.89
C SER E 234 -21.46 17.07 3.79
N TRP E 235 -21.68 17.60 2.60
CA TRP E 235 -20.83 17.31 1.45
C TRP E 235 -19.44 17.89 1.67
N ARG E 236 -18.46 17.36 0.97
CA ARG E 236 -17.08 17.83 1.29
C ARG E 236 -16.70 19.03 0.42
N LEU E 237 -17.66 19.60 -0.30
CA LEU E 237 -17.39 20.78 -1.10
C LEU E 237 -16.94 21.93 -0.22
N TYR E 238 -15.63 22.12 -0.06
CA TYR E 238 -15.14 23.19 0.81
C TYR E 238 -15.27 24.55 0.14
N GLN E 239 -14.53 24.76 -0.95
CA GLN E 239 -14.41 26.06 -1.58
C GLN E 239 -15.42 26.28 -2.70
N PHE E 240 -16.23 25.27 -3.03
CA PHE E 240 -17.26 25.42 -4.05
C PHE E 240 -18.63 25.47 -3.37
N SER E 241 -19.67 25.56 -4.18
CA SER E 241 -21.04 25.53 -3.68
C SER E 241 -21.94 24.99 -4.78
N PHE E 242 -22.79 24.05 -4.42
CA PHE E 242 -23.68 23.40 -5.38
C PHE E 242 -24.79 24.37 -5.76
N VAL E 243 -24.86 24.73 -7.04
CA VAL E 243 -25.89 25.67 -7.50
C VAL E 243 -27.12 24.92 -8.01
N GLY E 244 -26.94 24.09 -9.02
CA GLY E 244 -28.06 23.37 -9.59
C GLY E 244 -27.59 22.27 -10.51
N LEU E 245 -28.55 21.51 -11.04
CA LEU E 245 -28.26 20.36 -11.87
C LEU E 245 -29.19 20.34 -13.07
N ARG E 246 -28.73 19.71 -14.15
CA ARG E 246 -29.56 19.52 -15.33
C ARG E 246 -29.17 18.21 -15.99
N ASN E 247 -30.16 17.61 -16.64
CA ASN E 247 -29.96 16.29 -17.26
C ASN E 247 -30.09 16.43 -18.78
N THR E 248 -29.28 15.73 -19.57
CA THR E 248 -29.35 15.73 -21.02
C THR E 248 -29.15 14.31 -21.54
N THR E 249 -29.64 14.08 -22.76
CA THR E 249 -29.40 12.86 -23.49
C THR E 249 -29.01 13.19 -24.92
N GLU E 250 -28.17 12.34 -25.51
CA GLU E 250 -27.65 12.56 -26.86
C GLU E 250 -27.14 11.24 -27.40
N VAL E 251 -26.83 11.23 -28.70
CA VAL E 251 -26.30 10.06 -29.39
C VAL E 251 -24.90 10.40 -29.88
N VAL E 252 -23.91 9.63 -29.44
CA VAL E 252 -22.54 9.80 -29.89
C VAL E 252 -22.27 8.74 -30.94
N LYS E 253 -21.35 9.03 -31.86
CA LYS E 253 -20.96 8.09 -32.90
C LYS E 253 -19.52 7.67 -32.66
N THR E 254 -19.30 6.37 -32.50
CA THR E 254 -17.99 5.80 -32.31
C THR E 254 -17.69 4.86 -33.48
N THR E 255 -16.59 4.11 -33.35
CA THR E 255 -16.16 3.19 -34.41
C THR E 255 -16.92 1.87 -34.40
N SER E 256 -17.77 1.63 -33.41
CA SER E 256 -18.54 0.39 -33.33
C SER E 256 -20.03 0.58 -33.45
N GLY E 257 -20.53 1.81 -33.48
CA GLY E 257 -21.94 2.06 -33.62
C GLY E 257 -22.29 3.42 -33.04
N ASP E 258 -23.60 3.64 -32.86
CA ASP E 258 -24.13 4.86 -32.27
C ASP E 258 -24.68 4.54 -30.89
N TYR E 259 -24.28 5.30 -29.89
CA TYR E 259 -24.60 5.01 -28.50
C TYR E 259 -25.33 6.19 -27.86
N VAL E 260 -26.38 5.87 -27.11
CA VAL E 260 -27.15 6.89 -26.38
C VAL E 260 -26.40 7.21 -25.09
N VAL E 261 -26.07 8.49 -24.90
CA VAL E 261 -25.27 8.94 -23.77
C VAL E 261 -26.10 9.87 -22.91
N MET E 262 -26.16 9.58 -21.61
CA MET E 262 -26.89 10.38 -20.65
C MET E 262 -25.92 11.12 -19.77
N SER E 263 -26.12 12.43 -19.64
CA SER E 263 -25.20 13.29 -18.90
C SER E 263 -25.92 13.98 -17.77
N VAL E 264 -25.25 14.07 -16.61
CA VAL E 264 -25.72 14.88 -15.49
C VAL E 264 -24.68 15.97 -15.27
N TYR E 265 -25.12 17.22 -15.36
CA TYR E 265 -24.22 18.35 -15.18
C TYR E 265 -24.44 18.94 -13.80
N PHE E 266 -23.35 19.10 -13.06
CA PHE E 266 -23.38 19.67 -11.71
C PHE E 266 -22.76 21.05 -11.78
N ASP E 267 -23.57 22.09 -11.59
CA ASP E 267 -23.09 23.46 -11.66
C ASP E 267 -22.50 23.87 -10.30
N LEU E 268 -21.26 24.35 -10.32
CA LEU E 268 -20.54 24.67 -9.10
C LEU E 268 -20.00 26.10 -9.20
N SER E 269 -20.34 26.93 -8.21
CA SER E 269 -19.76 28.25 -8.07
C SER E 269 -18.83 28.29 -6.87
N ARG E 270 -17.70 28.98 -7.03
CA ARG E 270 -16.65 28.98 -6.02
C ARG E 270 -16.95 30.01 -4.94
N ARG E 271 -16.72 29.62 -3.69
CA ARG E 271 -16.82 30.53 -2.56
C ARG E 271 -15.43 30.96 -2.09
N ASN F 20 38.16 -15.08 -23.13
CA ASN F 20 37.88 -16.40 -22.56
C ASN F 20 38.34 -16.47 -21.10
N ILE F 21 38.05 -17.60 -20.47
CA ILE F 21 38.47 -17.84 -19.09
C ILE F 21 39.74 -18.68 -19.12
N VAL F 22 40.74 -18.29 -18.34
CA VAL F 22 42.04 -18.94 -18.35
C VAL F 22 42.23 -19.62 -17.00
N MET F 23 42.48 -20.93 -17.02
CA MET F 23 42.77 -21.71 -15.82
C MET F 23 44.27 -21.80 -15.65
N THR F 24 44.76 -21.44 -14.46
CA THR F 24 46.18 -21.33 -14.15
C THR F 24 46.52 -22.16 -12.92
N GLN F 25 46.13 -23.44 -12.93
CA GLN F 25 46.38 -24.31 -11.79
C GLN F 25 47.87 -24.59 -11.60
N SER F 26 48.30 -24.60 -10.34
CA SER F 26 49.69 -24.72 -9.96
C SER F 26 49.80 -25.71 -8.79
N PRO F 27 50.92 -26.43 -8.68
CA PRO F 27 52.11 -26.47 -9.56
C PRO F 27 52.02 -27.57 -10.61
N LYS F 28 53.13 -27.85 -11.30
CA LYS F 28 53.12 -28.87 -12.35
C LYS F 28 53.06 -30.27 -11.74
N SER F 29 53.86 -30.54 -10.71
CA SER F 29 53.87 -31.85 -10.07
C SER F 29 54.40 -31.70 -8.64
N MET F 30 53.90 -32.57 -7.76
CA MET F 30 54.36 -32.65 -6.38
C MET F 30 54.79 -34.07 -6.08
N SER F 31 55.93 -34.21 -5.40
CA SER F 31 56.56 -35.51 -5.16
C SER F 31 56.68 -35.73 -3.65
N MET F 32 55.65 -36.32 -3.06
CA MET F 32 55.66 -36.66 -1.64
C MET F 32 55.20 -38.10 -1.47
N SER F 33 55.16 -38.54 -0.21
CA SER F 33 54.96 -39.94 0.13
C SER F 33 53.47 -40.28 0.20
N VAL F 34 53.16 -41.44 0.77
CA VAL F 34 51.80 -41.95 0.87
C VAL F 34 51.35 -41.84 2.32
N GLY F 35 50.22 -41.17 2.55
CA GLY F 35 49.63 -41.11 3.87
C GLY F 35 49.71 -39.77 4.55
N GLU F 36 49.62 -38.67 3.80
CA GLU F 36 49.67 -37.33 4.36
C GLU F 36 48.76 -36.43 3.54
N ARG F 37 48.65 -35.17 3.97
CA ARG F 37 47.76 -34.20 3.35
C ARG F 37 48.49 -33.46 2.23
N VAL F 38 47.90 -33.47 1.04
CA VAL F 38 48.38 -32.72 -0.11
C VAL F 38 47.20 -31.96 -0.71
N THR F 39 47.41 -30.69 -1.04
CA THR F 39 46.37 -29.85 -1.60
C THR F 39 46.78 -29.32 -2.96
N LEU F 40 45.77 -28.96 -3.76
CA LEU F 40 45.96 -28.36 -5.07
C LEU F 40 45.43 -26.93 -5.05
N SER F 41 45.56 -26.27 -6.20
CA SER F 41 45.08 -24.89 -6.33
C SER F 41 44.74 -24.64 -7.80
N CYS F 42 43.71 -23.82 -8.02
CA CYS F 42 43.29 -23.45 -9.36
C CYS F 42 42.82 -22.00 -9.32
N LYS F 43 43.47 -21.15 -10.11
CA LYS F 43 43.20 -19.71 -10.10
C LYS F 43 42.61 -19.33 -11.46
N ALA F 44 41.54 -18.53 -11.42
CA ALA F 44 40.80 -18.16 -12.62
C ALA F 44 41.12 -16.72 -13.02
N SER F 45 41.15 -16.48 -14.33
CA SER F 45 41.39 -15.12 -14.82
C SER F 45 40.18 -14.23 -14.60
N GLU F 46 38.99 -14.72 -14.92
CA GLU F 46 37.74 -13.99 -14.78
C GLU F 46 36.88 -14.77 -13.78
N TYR F 47 35.67 -14.26 -13.52
CA TYR F 47 34.78 -14.90 -12.56
C TYR F 47 34.24 -16.22 -13.12
N VAL F 48 34.43 -17.29 -12.34
CA VAL F 48 33.66 -18.52 -12.48
C VAL F 48 33.09 -18.86 -11.11
N GLY F 49 31.77 -18.86 -10.99
CA GLY F 49 31.19 -19.00 -9.68
C GLY F 49 30.66 -20.38 -9.35
N THR F 50 31.46 -21.15 -8.61
CA THR F 50 31.14 -22.53 -8.19
C THR F 50 30.78 -23.42 -9.39
N TYR F 51 31.53 -23.27 -10.48
CA TYR F 51 31.27 -24.05 -11.68
C TYR F 51 32.51 -24.77 -12.18
N VAL F 52 33.47 -25.04 -11.29
CA VAL F 52 34.67 -25.77 -11.67
C VAL F 52 34.40 -27.27 -11.65
N SER F 53 35.30 -28.04 -12.24
CA SER F 53 35.18 -29.49 -12.24
C SER F 53 36.57 -30.10 -12.20
N TRP F 54 36.75 -31.11 -11.36
CA TRP F 54 38.03 -31.75 -11.15
C TRP F 54 38.00 -33.16 -11.70
N TYR F 55 39.02 -33.51 -12.47
CA TYR F 55 39.14 -34.84 -13.05
C TYR F 55 40.53 -35.40 -12.76
N GLN F 56 40.60 -36.72 -12.68
CA GLN F 56 41.87 -37.43 -12.58
C GLN F 56 42.25 -37.97 -13.95
N GLN F 57 43.56 -38.09 -14.19
CA GLN F 57 44.08 -38.52 -15.49
C GLN F 57 45.19 -39.53 -15.21
N LYS F 58 44.82 -40.81 -15.21
CA LYS F 58 45.81 -41.88 -15.14
C LYS F 58 46.50 -41.99 -16.51
N PRO F 59 47.71 -42.55 -16.55
CA PRO F 59 48.31 -42.86 -17.85
C PRO F 59 47.53 -43.94 -18.59
N GLU F 60 47.30 -43.69 -19.89
CA GLU F 60 46.49 -44.54 -20.79
C GLU F 60 45.09 -44.78 -20.24
N GLN F 61 44.44 -43.70 -19.80
CA GLN F 61 43.10 -43.80 -19.23
C GLN F 61 42.34 -42.50 -19.49
N SER F 62 41.04 -42.65 -19.74
CA SER F 62 40.17 -41.50 -19.96
C SER F 62 39.95 -40.76 -18.65
N PRO F 63 39.64 -39.45 -18.71
CA PRO F 63 39.33 -38.72 -17.48
C PRO F 63 38.03 -39.19 -16.83
N LYS F 64 38.02 -39.14 -15.51
CA LYS F 64 36.85 -39.47 -14.71
C LYS F 64 36.50 -38.28 -13.82
N LEU F 65 35.21 -38.04 -13.62
CA LEU F 65 34.79 -36.90 -12.83
C LEU F 65 34.97 -37.20 -11.35
N LEU F 66 35.44 -36.20 -10.59
CA LEU F 66 35.55 -36.34 -9.15
C LEU F 66 34.69 -35.32 -8.41
N ILE F 67 34.84 -34.03 -8.70
CA ILE F 67 34.14 -32.96 -8.00
C ILE F 67 33.43 -32.10 -9.04
N TYR F 68 32.15 -31.83 -8.82
CA TYR F 68 31.39 -30.89 -9.62
C TYR F 68 30.92 -29.73 -8.77
N GLY F 69 30.46 -28.67 -9.43
CA GLY F 69 30.10 -27.45 -8.73
C GLY F 69 31.31 -26.77 -8.13
N ALA F 70 31.31 -26.61 -6.81
CA ALA F 70 32.50 -26.17 -6.08
C ALA F 70 33.02 -27.27 -5.18
N SER F 71 32.22 -27.76 -4.24
CA SER F 71 32.57 -28.86 -3.35
C SER F 71 31.39 -29.81 -3.30
N ASN F 72 31.32 -30.71 -4.28
CA ASN F 72 30.31 -31.77 -4.32
C ASN F 72 31.02 -33.07 -4.63
N ARG F 73 30.79 -34.09 -3.80
CA ARG F 73 31.40 -35.38 -4.02
C ARG F 73 30.52 -36.22 -4.94
N TYR F 74 31.10 -36.65 -6.06
CA TYR F 74 30.41 -37.50 -7.02
C TYR F 74 30.27 -38.92 -6.46
N THR F 75 29.37 -39.68 -7.06
CA THR F 75 29.18 -41.07 -6.67
C THR F 75 30.40 -41.91 -7.06
N GLY F 76 30.83 -42.77 -6.14
CA GLY F 76 32.04 -43.55 -6.33
C GLY F 76 33.31 -42.86 -5.88
N VAL F 77 33.22 -41.63 -5.41
CA VAL F 77 34.39 -40.91 -4.91
C VAL F 77 34.54 -41.17 -3.42
N PRO F 78 35.73 -41.56 -2.95
CA PRO F 78 35.92 -41.77 -1.51
C PRO F 78 35.89 -40.46 -0.74
N ASP F 79 35.69 -40.58 0.58
CA ASP F 79 35.57 -39.42 1.45
C ASP F 79 36.89 -38.67 1.65
N ARG F 80 38.02 -39.25 1.22
CA ARG F 80 39.29 -38.57 1.34
C ARG F 80 39.42 -37.40 0.37
N PHE F 81 38.63 -37.36 -0.69
CA PHE F 81 38.70 -36.29 -1.69
C PHE F 81 37.70 -35.22 -1.30
N THR F 82 38.20 -34.12 -0.76
CA THR F 82 37.36 -33.00 -0.33
C THR F 82 37.73 -31.78 -1.15
N GLY F 83 36.74 -31.19 -1.82
CA GLY F 83 36.94 -30.00 -2.61
C GLY F 83 36.52 -28.74 -1.86
N SER F 84 36.79 -27.60 -2.49
CA SER F 84 36.42 -26.30 -1.95
C SER F 84 36.39 -25.31 -3.11
N GLY F 85 35.74 -24.17 -2.87
CA GLY F 85 35.61 -23.21 -3.94
C GLY F 85 35.24 -21.83 -3.41
N SER F 86 35.36 -20.85 -4.31
CA SER F 86 35.06 -19.46 -4.02
C SER F 86 34.75 -18.78 -5.35
N ALA F 87 34.77 -17.44 -5.35
CA ALA F 87 34.50 -16.70 -6.58
C ALA F 87 35.62 -16.86 -7.60
N THR F 88 36.87 -16.84 -7.16
CA THR F 88 37.99 -16.93 -8.08
C THR F 88 39.00 -18.02 -7.70
N ASP F 89 39.28 -18.18 -6.41
CA ASP F 89 40.26 -19.15 -5.95
C ASP F 89 39.59 -20.49 -5.66
N PHE F 90 40.19 -21.56 -6.17
CA PHE F 90 39.68 -22.92 -5.98
C PHE F 90 40.80 -23.82 -5.51
N THR F 91 40.44 -24.88 -4.80
CA THR F 91 41.43 -25.81 -4.27
C THR F 91 40.80 -27.18 -4.12
N LEU F 92 41.67 -28.20 -4.12
CA LEU F 92 41.27 -29.59 -3.90
C LEU F 92 42.23 -30.18 -2.89
N THR F 93 41.71 -30.51 -1.70
CA THR F 93 42.53 -31.07 -0.63
C THR F 93 42.38 -32.58 -0.59
N ILE F 94 43.50 -33.28 -0.45
CA ILE F 94 43.53 -34.73 -0.37
C ILE F 94 43.95 -35.12 1.04
N GLY F 95 43.19 -36.03 1.65
CA GLY F 95 43.55 -36.53 2.97
C GLY F 95 44.06 -37.95 2.93
N SER F 96 45.35 -38.11 3.25
CA SER F 96 46.05 -39.41 3.28
C SER F 96 46.00 -40.08 1.90
N VAL F 97 46.69 -39.45 0.94
CA VAL F 97 46.76 -39.96 -0.42
C VAL F 97 47.48 -41.31 -0.44
N GLN F 98 46.95 -42.24 -1.24
CA GLN F 98 47.47 -43.60 -1.33
C GLN F 98 48.20 -43.81 -2.64
N ALA F 99 48.67 -45.06 -2.82
CA ALA F 99 49.47 -45.40 -3.99
C ALA F 99 48.67 -45.46 -5.28
N GLU F 100 47.39 -45.82 -5.19
CA GLU F 100 46.54 -45.91 -6.38
C GLU F 100 46.02 -44.55 -6.85
N ASP F 101 46.27 -43.48 -6.09
CA ASP F 101 45.87 -42.14 -6.49
C ASP F 101 46.98 -41.39 -7.22
N LEU F 102 48.09 -42.06 -7.54
CA LEU F 102 49.19 -41.42 -8.26
C LEU F 102 48.83 -41.21 -9.72
N ALA F 103 48.23 -40.06 -10.03
CA ALA F 103 47.84 -39.74 -11.39
C ALA F 103 47.90 -38.22 -11.56
N ASP F 104 47.44 -37.75 -12.72
CA ASP F 104 47.40 -36.32 -13.04
C ASP F 104 46.01 -35.78 -12.78
N TYR F 105 45.94 -34.57 -12.23
CA TYR F 105 44.67 -33.93 -11.92
C TYR F 105 44.46 -32.71 -12.81
N HIS F 106 43.23 -32.52 -13.27
CA HIS F 106 42.86 -31.45 -14.19
C HIS F 106 41.80 -30.55 -13.57
N CYS F 107 41.94 -29.25 -13.81
CA CYS F 107 40.97 -28.25 -13.36
C CYS F 107 40.36 -27.57 -14.58
N GLY F 108 39.03 -27.53 -14.63
CA GLY F 108 38.33 -26.86 -15.71
C GLY F 108 37.26 -25.93 -15.18
N GLN F 109 36.60 -25.24 -16.11
CA GLN F 109 35.49 -24.35 -15.78
C GLN F 109 34.39 -24.54 -16.80
N SER F 110 33.16 -24.25 -16.40
CA SER F 110 32.04 -24.30 -17.32
C SER F 110 31.03 -23.19 -17.08
N TYR F 111 31.44 -22.10 -16.44
CA TYR F 111 30.57 -20.94 -16.32
C TYR F 111 30.35 -20.27 -17.66
N SER F 112 31.37 -20.31 -18.52
CA SER F 112 31.30 -19.87 -19.90
C SER F 112 31.56 -21.10 -20.77
N TYR F 113 31.87 -20.89 -22.05
CA TYR F 113 32.36 -21.98 -22.88
C TYR F 113 33.59 -22.60 -22.23
N PRO F 114 33.69 -23.93 -22.16
CA PRO F 114 34.62 -24.56 -21.22
C PRO F 114 36.09 -24.45 -21.65
N THR F 115 36.94 -24.18 -20.67
CA THR F 115 38.39 -24.19 -20.84
C THR F 115 39.00 -25.05 -19.73
N PHE F 116 40.27 -25.41 -19.91
CA PHE F 116 40.94 -26.34 -19.03
C PHE F 116 42.31 -25.79 -18.66
N GLY F 117 42.83 -26.29 -17.53
CA GLY F 117 44.17 -25.95 -17.09
C GLY F 117 45.20 -26.89 -17.69
N ALA F 118 46.45 -26.70 -17.24
CA ALA F 118 47.55 -27.53 -17.74
C ALA F 118 47.49 -28.93 -17.15
N GLY F 119 47.61 -29.04 -15.83
CA GLY F 119 47.54 -30.34 -15.17
C GLY F 119 48.54 -30.49 -14.05
N THR F 120 48.08 -30.99 -12.91
CA THR F 120 48.93 -31.22 -11.75
C THR F 120 49.14 -32.72 -11.59
N LYS F 121 50.40 -33.16 -11.59
CA LYS F 121 50.74 -34.57 -11.45
C LYS F 121 51.16 -34.89 -10.01
N LEU F 122 51.28 -36.18 -9.74
CA LEU F 122 51.73 -36.67 -8.45
C LEU F 122 52.90 -37.63 -8.65
N GLU F 123 53.83 -37.61 -7.72
CA GLU F 123 55.03 -38.46 -7.80
C GLU F 123 55.35 -38.97 -6.40
N LEU F 124 56.23 -39.96 -6.35
CA LEU F 124 56.67 -40.54 -5.08
C LEU F 124 57.71 -39.64 -4.42
N VAL G 2 24.57 -45.17 -20.46
CA VAL G 2 25.55 -45.05 -19.39
C VAL G 2 26.94 -45.37 -19.91
N GLN G 3 27.02 -45.69 -21.20
CA GLN G 3 28.29 -46.00 -21.85
C GLN G 3 28.39 -45.22 -23.15
N LEU G 4 29.52 -44.54 -23.34
CA LEU G 4 29.79 -43.78 -24.57
C LEU G 4 30.93 -44.46 -25.30
N GLN G 5 30.61 -45.15 -26.38
CA GLN G 5 31.58 -45.89 -27.17
C GLN G 5 32.00 -45.04 -28.38
N GLN G 6 33.30 -44.91 -28.58
CA GLN G 6 33.84 -44.10 -29.66
C GLN G 6 34.29 -45.00 -30.81
N SER G 7 34.91 -44.39 -31.82
CA SER G 7 35.41 -45.10 -32.98
C SER G 7 36.81 -45.61 -32.71
N GLY G 8 37.50 -46.06 -33.76
CA GLY G 8 38.87 -46.53 -33.65
C GLY G 8 39.88 -45.43 -33.95
N ALA G 9 41.15 -45.82 -33.83
CA ALA G 9 42.25 -44.91 -34.14
C ALA G 9 42.37 -44.72 -35.65
N GLU G 10 42.73 -43.50 -36.04
CA GLU G 10 42.84 -43.13 -37.45
C GLU G 10 44.25 -42.68 -37.77
N LEU G 11 44.71 -43.04 -38.98
CA LEU G 11 46.03 -42.66 -39.45
C LEU G 11 45.89 -42.32 -40.93
N VAL G 12 45.93 -41.03 -41.26
CA VAL G 12 45.79 -40.54 -42.62
C VAL G 12 46.91 -39.56 -42.92
N LYS G 13 47.06 -39.25 -44.21
CA LYS G 13 48.04 -38.27 -44.64
C LYS G 13 47.57 -36.86 -44.27
N PRO G 14 48.51 -35.93 -44.03
CA PRO G 14 48.11 -34.54 -43.79
C PRO G 14 47.50 -33.91 -45.04
N GLY G 15 46.59 -32.97 -44.82
CA GLY G 15 45.86 -32.33 -45.89
C GLY G 15 44.59 -33.04 -46.29
N ALA G 16 44.29 -34.20 -45.71
CA ALA G 16 43.08 -34.94 -46.02
C ALA G 16 42.01 -34.63 -44.98
N SER G 17 40.90 -35.37 -45.02
CA SER G 17 39.82 -35.24 -44.06
C SER G 17 39.51 -36.60 -43.46
N VAL G 18 39.07 -36.59 -42.20
CA VAL G 18 38.78 -37.82 -41.46
C VAL G 18 37.39 -37.69 -40.82
N LYS G 19 36.65 -38.79 -40.84
CA LYS G 19 35.36 -38.86 -40.16
C LYS G 19 35.53 -39.57 -38.83
N LEU G 20 35.10 -38.90 -37.76
CA LEU G 20 35.26 -39.43 -36.40
C LEU G 20 33.91 -39.37 -35.70
N SER G 21 33.64 -40.36 -34.87
CA SER G 21 32.30 -40.52 -34.33
C SER G 21 32.35 -41.21 -32.97
N CYS G 22 31.28 -41.02 -32.20
CA CYS G 22 31.09 -41.75 -30.95
C CYS G 22 29.60 -41.91 -30.70
N THR G 23 29.22 -43.06 -30.15
CA THR G 23 27.83 -43.43 -29.97
C THR G 23 27.50 -43.51 -28.48
N ALA G 24 26.42 -42.85 -28.08
CA ALA G 24 25.96 -42.85 -26.70
C ALA G 24 24.82 -43.85 -26.53
N SER G 25 24.94 -44.70 -25.51
CA SER G 25 23.95 -45.73 -25.23
C SER G 25 23.51 -45.61 -23.78
N GLY G 26 22.31 -46.13 -23.51
CA GLY G 26 21.73 -46.07 -22.19
C GLY G 26 20.91 -44.83 -21.91
N PHE G 27 20.91 -43.86 -22.82
CA PHE G 27 20.11 -42.65 -22.68
C PHE G 27 19.88 -42.08 -24.09
N ASN G 28 19.38 -40.86 -24.15
CA ASN G 28 19.27 -40.12 -25.40
C ASN G 28 20.05 -38.81 -25.31
N ILE G 29 20.62 -38.39 -26.45
CA ILE G 29 21.44 -37.19 -26.47
C ILE G 29 20.62 -35.92 -26.65
N LYS G 30 19.30 -36.05 -26.79
CA LYS G 30 18.44 -34.88 -26.93
C LYS G 30 18.30 -34.10 -25.62
N ASP G 31 18.58 -34.73 -24.48
CA ASP G 31 18.42 -34.06 -23.20
C ASP G 31 19.65 -33.22 -22.86
N THR G 32 20.83 -33.83 -22.90
CA THR G 32 22.06 -33.17 -22.49
C THR G 32 22.91 -32.79 -23.70
N TYR G 33 23.71 -31.73 -23.53
CA TYR G 33 24.60 -31.28 -24.57
C TYR G 33 25.75 -32.28 -24.76
N MET G 34 26.31 -32.30 -25.96
CA MET G 34 27.44 -33.15 -26.29
C MET G 34 28.66 -32.27 -26.52
N TYR G 35 29.73 -32.52 -25.78
CA TYR G 35 30.93 -31.72 -25.78
C TYR G 35 32.06 -32.50 -26.43
N TRP G 36 32.87 -31.83 -27.24
CA TRP G 36 34.06 -32.42 -27.84
C TRP G 36 35.31 -31.76 -27.28
N VAL G 37 36.33 -32.56 -27.01
CA VAL G 37 37.54 -32.08 -26.34
C VAL G 37 38.76 -32.69 -27.03
N LYS G 38 39.87 -31.96 -27.01
CA LYS G 38 41.13 -32.39 -27.59
C LYS G 38 42.18 -32.52 -26.49
N GLN G 39 42.89 -33.64 -26.47
CA GLN G 39 43.95 -33.90 -25.50
C GLN G 39 45.23 -34.19 -26.27
N ARG G 40 46.12 -33.20 -26.32
CA ARG G 40 47.44 -33.42 -26.89
C ARG G 40 48.27 -34.26 -25.92
N PRO G 41 49.14 -35.14 -26.42
CA PRO G 41 49.99 -35.93 -25.51
C PRO G 41 50.95 -35.07 -24.71
N GLU G 42 51.05 -35.39 -23.41
CA GLU G 42 51.80 -34.64 -22.40
C GLU G 42 51.41 -33.18 -22.34
N GLN G 43 50.12 -32.88 -22.55
CA GLN G 43 49.59 -31.54 -22.51
C GLN G 43 48.23 -31.55 -21.81
N GLY G 44 47.65 -30.36 -21.66
CA GLY G 44 46.33 -30.24 -21.07
C GLY G 44 45.22 -30.45 -22.09
N LEU G 45 44.00 -30.48 -21.57
CA LEU G 45 42.82 -30.66 -22.40
C LEU G 45 42.47 -29.35 -23.10
N GLU G 46 41.92 -29.47 -24.32
CA GLU G 46 41.52 -28.31 -25.11
C GLU G 46 40.13 -28.58 -25.68
N TRP G 47 39.22 -27.62 -25.49
CA TRP G 47 37.84 -27.81 -25.89
C TRP G 47 37.67 -27.53 -27.38
N ILE G 48 36.90 -28.39 -28.06
CA ILE G 48 36.71 -28.30 -29.51
C ILE G 48 35.43 -27.54 -29.82
N GLY G 49 34.30 -28.04 -29.35
CA GLY G 49 33.04 -27.43 -29.71
C GLY G 49 31.88 -27.96 -28.89
N ARG G 50 30.70 -27.46 -29.21
CA ARG G 50 29.46 -27.78 -28.52
C ARG G 50 28.42 -28.12 -29.58
N ILE G 51 27.48 -29.00 -29.24
CA ILE G 51 26.31 -29.24 -30.08
C ILE G 51 25.10 -29.52 -29.17
N ASP G 52 23.96 -28.97 -29.56
CA ASP G 52 22.68 -29.30 -28.94
C ASP G 52 21.89 -30.16 -29.92
N PRO G 53 21.77 -31.48 -29.69
CA PRO G 53 21.07 -32.32 -30.67
C PRO G 53 19.57 -32.07 -30.75
N ALA G 54 18.94 -31.58 -29.68
CA ALA G 54 17.51 -31.30 -29.75
C ALA G 54 17.23 -30.04 -30.56
N ASN G 55 18.15 -29.08 -30.52
CA ASN G 55 17.96 -27.80 -31.18
C ASN G 55 18.74 -27.66 -32.49
N GLY G 56 19.82 -28.41 -32.66
CA GLY G 56 20.66 -28.28 -33.83
C GLY G 56 21.69 -27.17 -33.75
N ASP G 57 21.74 -26.42 -32.65
CA ASP G 57 22.68 -25.33 -32.51
C ASP G 57 24.06 -25.87 -32.20
N THR G 58 25.08 -25.26 -32.81
CA THR G 58 26.47 -25.62 -32.58
C THR G 58 27.26 -24.39 -32.19
N LYS G 59 28.21 -24.56 -31.28
CA LYS G 59 29.09 -23.49 -30.87
C LYS G 59 30.51 -24.04 -30.75
N TYR G 60 31.48 -23.31 -31.28
CA TYR G 60 32.84 -23.82 -31.42
C TYR G 60 33.85 -22.88 -30.79
N ASP G 61 35.04 -23.45 -30.55
CA ASP G 61 36.19 -22.66 -30.15
C ASP G 61 36.61 -21.75 -31.31
N PRO G 62 36.81 -20.45 -31.05
CA PRO G 62 37.23 -19.54 -32.15
C PRO G 62 38.57 -19.90 -32.79
N LYS G 63 39.48 -20.54 -32.06
CA LYS G 63 40.69 -21.05 -32.70
C LYS G 63 40.46 -22.35 -33.45
N PHE G 64 39.33 -23.00 -33.24
CA PHE G 64 38.94 -24.21 -33.97
C PHE G 64 37.79 -23.97 -34.93
N GLN G 65 37.48 -22.71 -35.24
CA GLN G 65 36.33 -22.41 -36.09
C GLN G 65 36.69 -22.68 -37.55
N GLY G 66 35.82 -23.38 -38.25
CA GLY G 66 36.03 -23.72 -39.66
C GLY G 66 36.69 -25.05 -39.93
N LYS G 67 37.80 -25.33 -39.25
CA LYS G 67 38.53 -26.58 -39.45
C LYS G 67 37.82 -27.77 -38.80
N ALA G 68 36.89 -27.53 -37.89
CA ALA G 68 36.14 -28.59 -37.24
C ALA G 68 34.68 -28.20 -37.13
N THR G 69 33.79 -29.16 -37.39
CA THR G 69 32.37 -28.95 -37.20
C THR G 69 31.74 -30.25 -36.70
N ILE G 70 30.65 -30.11 -35.97
CA ILE G 70 30.02 -31.23 -35.26
C ILE G 70 28.60 -31.40 -35.79
N THR G 71 28.26 -32.62 -36.17
CA THR G 71 26.93 -32.98 -36.65
C THR G 71 26.36 -34.11 -35.78
N THR G 72 25.06 -34.36 -35.93
CA THR G 72 24.38 -35.36 -35.14
C THR G 72 23.17 -35.89 -35.90
N ASP G 73 22.64 -37.00 -35.40
CA ASP G 73 21.40 -37.57 -35.92
C ASP G 73 20.56 -38.08 -34.76
N THR G 74 19.27 -38.28 -35.03
CA THR G 74 18.30 -38.63 -33.99
C THR G 74 18.10 -40.13 -33.86
N PHE G 75 18.00 -40.85 -34.98
CA PHE G 75 17.63 -42.26 -34.95
C PHE G 75 18.77 -43.13 -34.41
N SER G 76 20.01 -42.80 -34.78
CA SER G 76 21.15 -43.61 -34.34
C SER G 76 21.72 -43.17 -33.00
N ASN G 77 21.32 -41.99 -32.50
CA ASN G 77 21.77 -41.40 -31.23
C ASN G 77 23.30 -41.27 -31.19
N THR G 78 23.82 -40.55 -32.18
CA THR G 78 25.25 -40.54 -32.45
C THR G 78 25.73 -39.11 -32.71
N ALA G 79 26.92 -38.80 -32.22
CA ALA G 79 27.58 -37.52 -32.47
C ALA G 79 28.78 -37.73 -33.40
N TYR G 80 28.92 -36.84 -34.39
CA TYR G 80 29.92 -36.99 -35.42
C TYR G 80 30.86 -35.79 -35.44
N LEU G 81 32.08 -36.03 -35.94
CA LEU G 81 33.06 -34.97 -36.15
C LEU G 81 33.46 -34.91 -37.62
N GLN G 82 33.78 -33.70 -38.07
CA GLN G 82 34.36 -33.47 -39.39
C GLN G 82 35.64 -32.66 -39.21
N LEU G 83 36.78 -33.27 -39.51
CA LEU G 83 38.08 -32.62 -39.39
C LEU G 83 38.63 -32.37 -40.79
N SER G 84 39.07 -31.14 -41.04
CA SER G 84 39.54 -30.73 -42.35
C SER G 84 40.93 -30.12 -42.24
N SER G 85 41.75 -30.38 -43.26
CA SER G 85 43.12 -29.87 -43.41
C SER G 85 43.99 -30.27 -42.21
N LEU G 86 44.21 -31.58 -42.09
CA LEU G 86 44.97 -32.13 -40.96
C LEU G 86 46.44 -31.75 -41.06
N THR G 87 47.02 -31.36 -39.93
CA THR G 87 48.42 -30.94 -39.87
C THR G 87 49.15 -31.68 -38.76
N SER G 88 50.39 -31.27 -38.47
CA SER G 88 51.19 -31.96 -37.46
C SER G 88 50.71 -31.67 -36.04
N GLU G 89 50.10 -30.50 -35.82
CA GLU G 89 49.62 -30.13 -34.49
C GLU G 89 48.25 -30.73 -34.17
N ASP G 90 47.63 -31.44 -35.10
CA ASP G 90 46.35 -32.08 -34.87
C ASP G 90 46.48 -33.51 -34.37
N THR G 91 47.70 -33.99 -34.12
CA THR G 91 47.91 -35.32 -33.56
C THR G 91 47.53 -35.29 -32.08
N ALA G 92 46.37 -35.82 -31.75
CA ALA G 92 45.86 -35.80 -30.39
C ALA G 92 44.81 -36.90 -30.24
N VAL G 93 44.34 -37.11 -29.01
CA VAL G 93 43.30 -38.08 -28.72
C VAL G 93 42.02 -37.30 -28.38
N TYR G 94 40.90 -37.74 -28.96
CA TYR G 94 39.64 -37.02 -28.89
C TYR G 94 38.65 -37.79 -28.04
N TYR G 95 38.02 -37.10 -27.09
CA TYR G 95 36.93 -37.65 -26.30
C TYR G 95 35.67 -36.84 -26.56
N CYS G 96 34.52 -37.50 -26.48
CA CYS G 96 33.24 -36.81 -26.44
C CYS G 96 32.69 -36.89 -25.02
N ALA G 97 32.30 -35.74 -24.49
CA ALA G 97 31.91 -35.62 -23.08
C ALA G 97 30.44 -35.24 -22.97
N ARG G 98 29.71 -35.98 -22.16
CA ARG G 98 28.31 -35.66 -21.88
C ARG G 98 28.20 -34.59 -20.81
N LYS G 99 27.34 -33.60 -21.04
CA LYS G 99 27.03 -32.61 -20.03
C LYS G 99 26.30 -33.27 -18.87
N GLY G 100 26.73 -32.96 -17.65
CA GLY G 100 26.16 -33.60 -16.48
C GLY G 100 25.54 -32.65 -15.47
N LEU G 101 25.62 -33.02 -14.19
CA LEU G 101 25.00 -32.25 -13.13
C LEU G 101 25.86 -31.03 -12.81
N ARG G 102 25.25 -29.84 -12.90
CA ARG G 102 25.89 -28.54 -12.70
C ARG G 102 27.06 -28.33 -13.66
N TRP G 103 26.87 -28.75 -14.92
CA TRP G 103 27.75 -28.46 -16.07
C TRP G 103 29.17 -28.98 -15.83
N ALA G 104 29.28 -30.31 -15.81
CA ALA G 104 30.42 -30.96 -15.20
C ALA G 104 31.21 -31.92 -16.08
N MET G 105 30.76 -32.17 -17.32
CA MET G 105 31.35 -33.16 -18.24
C MET G 105 31.36 -34.56 -17.60
N ASP G 106 30.14 -35.08 -17.41
CA ASP G 106 29.88 -36.29 -16.63
C ASP G 106 30.54 -37.56 -17.17
N TYR G 107 30.12 -38.00 -18.35
CA TYR G 107 30.65 -39.22 -18.95
C TYR G 107 31.69 -38.89 -20.01
N TRP G 108 32.59 -39.83 -20.24
CA TRP G 108 33.66 -39.67 -21.21
C TRP G 108 33.81 -40.94 -22.03
N GLY G 109 34.23 -40.78 -23.28
CA GLY G 109 34.51 -41.91 -24.13
C GLY G 109 35.90 -42.47 -23.90
N GLN G 110 36.20 -43.58 -24.59
CA GLN G 110 37.48 -44.24 -24.41
C GLN G 110 38.64 -43.51 -25.08
N GLY G 111 38.38 -42.77 -26.17
CA GLY G 111 39.43 -42.00 -26.81
C GLY G 111 39.85 -42.51 -28.17
N THR G 112 39.86 -41.60 -29.14
CA THR G 112 40.31 -41.89 -30.50
C THR G 112 41.53 -41.03 -30.81
N SER G 113 42.66 -41.67 -31.04
CA SER G 113 43.91 -40.98 -31.34
C SER G 113 44.08 -40.90 -32.84
N VAL G 114 44.28 -39.69 -33.35
CA VAL G 114 44.55 -39.46 -34.76
C VAL G 114 46.03 -39.16 -34.94
N THR G 115 46.58 -39.60 -36.06
CA THR G 115 47.99 -39.39 -36.35
C THR G 115 48.14 -39.02 -37.81
N VAL G 116 49.00 -38.05 -38.09
CA VAL G 116 49.34 -37.66 -39.45
C VAL G 116 50.76 -38.13 -39.75
N SER G 117 51.10 -38.12 -41.03
CA SER G 117 52.42 -38.57 -41.46
C SER G 117 52.92 -37.77 -42.65
N VAL H 2 -47.84 -13.66 24.43
CA VAL H 2 -49.28 -13.49 24.30
C VAL H 2 -49.91 -13.30 25.68
N GLN H 3 -49.86 -14.34 26.50
CA GLN H 3 -50.43 -14.32 27.83
C GLN H 3 -49.33 -14.50 28.86
N LEU H 4 -49.32 -13.62 29.87
CA LEU H 4 -48.40 -13.72 30.99
C LEU H 4 -49.23 -13.93 32.25
N GLN H 5 -48.91 -14.98 32.99
CA GLN H 5 -49.63 -15.33 34.22
C GLN H 5 -48.66 -15.34 35.38
N GLN H 6 -49.16 -14.93 36.55
CA GLN H 6 -48.37 -14.91 37.77
C GLN H 6 -49.12 -15.67 38.86
N SER H 7 -48.48 -15.81 40.02
CA SER H 7 -49.08 -16.51 41.14
C SER H 7 -50.17 -15.65 41.79
N GLY H 8 -50.96 -16.28 42.66
CA GLY H 8 -51.98 -15.57 43.40
C GLY H 8 -51.40 -14.76 44.55
N ALA H 9 -52.23 -13.85 45.05
CA ALA H 9 -51.82 -13.01 46.17
C ALA H 9 -51.66 -13.84 47.45
N GLU H 10 -50.63 -13.51 48.22
CA GLU H 10 -50.21 -14.33 49.34
C GLU H 10 -49.97 -13.46 50.58
N LEU H 11 -49.98 -14.11 51.73
CA LEU H 11 -49.70 -13.47 53.02
C LEU H 11 -48.49 -14.15 53.63
N VAL H 12 -47.48 -13.37 53.99
CA VAL H 12 -46.23 -13.90 54.53
C VAL H 12 -45.84 -13.09 55.77
N LYS H 13 -45.33 -13.79 56.78
CA LYS H 13 -44.82 -13.13 57.97
C LYS H 13 -43.49 -12.42 57.65
N PRO H 14 -43.15 -11.35 58.37
CA PRO H 14 -41.84 -10.73 58.18
C PRO H 14 -40.71 -11.63 58.63
N GLY H 15 -39.60 -11.57 57.91
CA GLY H 15 -38.43 -12.39 58.18
C GLY H 15 -38.39 -13.70 57.43
N ALA H 16 -39.49 -14.12 56.82
CA ALA H 16 -39.55 -15.38 56.10
C ALA H 16 -39.18 -15.15 54.64
N SER H 17 -39.42 -16.16 53.80
CA SER H 17 -39.14 -16.09 52.38
C SER H 17 -40.42 -16.29 51.58
N VAL H 18 -40.33 -16.04 50.28
CA VAL H 18 -41.48 -16.18 49.38
C VAL H 18 -40.95 -16.53 47.99
N LYS H 19 -41.70 -17.37 47.27
CA LYS H 19 -41.41 -17.71 45.89
C LYS H 19 -42.64 -17.42 45.04
N LEU H 20 -42.48 -16.55 44.04
CA LEU H 20 -43.58 -16.12 43.18
C LEU H 20 -43.25 -16.50 41.75
N SER H 21 -44.13 -17.25 41.11
CA SER H 21 -43.91 -17.73 39.76
C SER H 21 -44.50 -16.77 38.74
N CYS H 22 -43.89 -16.73 37.56
CA CYS H 22 -44.41 -15.97 36.43
C CYS H 22 -44.46 -16.90 35.21
N THR H 23 -45.67 -17.24 34.79
CA THR H 23 -45.86 -18.15 33.67
C THR H 23 -46.07 -17.35 32.39
N ALA H 24 -45.31 -17.68 31.35
CA ALA H 24 -45.43 -17.06 30.04
C ALA H 24 -45.87 -18.12 29.04
N SER H 25 -46.87 -17.77 28.23
CA SER H 25 -47.40 -18.67 27.23
C SER H 25 -47.54 -17.93 25.91
N GLY H 26 -47.47 -18.71 24.82
CA GLY H 26 -47.53 -18.16 23.48
C GLY H 26 -46.19 -17.96 22.82
N PHE H 27 -45.11 -17.95 23.58
CA PHE H 27 -43.77 -17.74 23.06
C PHE H 27 -42.76 -18.29 24.05
N ASN H 28 -41.67 -18.85 23.52
CA ASN H 28 -40.54 -19.26 24.34
C ASN H 28 -39.79 -18.03 24.86
N ILE H 29 -39.14 -18.20 26.02
CA ILE H 29 -38.46 -17.08 26.64
C ILE H 29 -36.98 -17.03 26.21
N LYS H 30 -36.56 -17.90 25.29
CA LYS H 30 -35.15 -17.99 24.93
C LYS H 30 -34.69 -16.80 24.10
N ASP H 31 -35.63 -16.07 23.47
CA ASP H 31 -35.26 -14.96 22.60
C ASP H 31 -35.54 -13.58 23.19
N THR H 32 -36.31 -13.50 24.29
CA THR H 32 -36.63 -12.22 24.90
C THR H 32 -36.29 -12.25 26.38
N TYR H 33 -35.92 -11.10 26.92
CA TYR H 33 -35.61 -10.98 28.34
C TYR H 33 -36.89 -10.81 29.14
N MET H 34 -36.83 -11.18 30.41
CA MET H 34 -37.91 -10.92 31.34
C MET H 34 -37.55 -9.75 32.24
N TYR H 35 -38.56 -9.00 32.65
CA TYR H 35 -38.38 -7.88 33.55
C TYR H 35 -39.39 -8.00 34.68
N TRP H 36 -38.93 -7.72 35.90
CA TRP H 36 -39.80 -7.66 37.07
C TRP H 36 -39.75 -6.27 37.68
N VAL H 37 -40.92 -5.72 37.92
CA VAL H 37 -41.09 -4.31 38.28
C VAL H 37 -41.70 -4.22 39.67
N LYS H 38 -41.04 -3.50 40.56
CA LYS H 38 -41.60 -3.18 41.87
C LYS H 38 -42.51 -1.96 41.75
N GLN H 39 -43.76 -2.11 42.18
CA GLN H 39 -44.75 -1.04 42.10
C GLN H 39 -45.35 -0.84 43.49
N ARG H 40 -44.90 0.21 44.18
CA ARG H 40 -45.45 0.55 45.47
C ARG H 40 -46.88 1.09 45.30
N PRO H 41 -47.73 0.96 46.33
CA PRO H 41 -49.09 1.49 46.23
C PRO H 41 -49.10 3.01 46.17
N GLU H 42 -49.78 3.55 45.15
CA GLU H 42 -49.88 4.98 44.85
C GLU H 42 -48.50 5.61 44.68
N GLN H 43 -47.70 5.01 43.80
CA GLN H 43 -46.32 5.42 43.60
C GLN H 43 -45.90 4.93 42.21
N GLY H 44 -44.73 5.38 41.74
CA GLY H 44 -44.24 5.03 40.42
C GLY H 44 -43.66 3.64 40.34
N LEU H 45 -43.15 3.31 39.17
CA LEU H 45 -42.61 1.98 38.86
C LEU H 45 -41.12 1.95 39.19
N GLU H 46 -40.67 0.81 39.73
CA GLU H 46 -39.26 0.59 40.03
C GLU H 46 -38.82 -0.75 39.48
N TRP H 47 -37.68 -0.77 38.80
CA TRP H 47 -37.17 -1.96 38.15
C TRP H 47 -36.32 -2.77 39.12
N ILE H 48 -36.50 -4.09 39.11
CA ILE H 48 -35.79 -4.97 40.03
C ILE H 48 -34.64 -5.67 39.32
N GLY H 49 -34.96 -6.47 38.31
CA GLY H 49 -33.91 -7.24 37.66
C GLY H 49 -34.37 -7.82 36.35
N ARG H 50 -33.43 -8.51 35.69
CA ARG H 50 -33.64 -9.11 34.38
C ARG H 50 -33.01 -10.48 34.36
N ILE H 51 -33.27 -11.22 33.28
CA ILE H 51 -32.62 -12.51 33.06
C ILE H 51 -32.55 -12.78 31.55
N ASP H 52 -31.46 -13.41 31.12
CA ASP H 52 -31.37 -14.01 29.81
C ASP H 52 -31.52 -15.52 29.99
N PRO H 53 -32.66 -16.11 29.61
CA PRO H 53 -32.85 -17.56 29.79
C PRO H 53 -31.96 -18.41 28.88
N ALA H 54 -31.39 -17.85 27.82
CA ALA H 54 -30.48 -18.61 26.99
C ALA H 54 -29.10 -18.76 27.63
N ASN H 55 -28.82 -17.95 28.65
CA ASN H 55 -27.53 -18.00 29.33
C ASN H 55 -27.63 -18.05 30.85
N GLY H 56 -28.76 -17.65 31.44
CA GLY H 56 -28.85 -17.57 32.88
C GLY H 56 -28.26 -16.31 33.48
N ASP H 57 -27.84 -15.35 32.65
CA ASP H 57 -27.23 -14.13 33.14
C ASP H 57 -28.29 -13.21 33.74
N THR H 58 -28.03 -12.76 34.97
CA THR H 58 -28.95 -11.88 35.69
C THR H 58 -28.23 -10.61 36.12
N LYS H 59 -28.89 -9.48 35.94
CA LYS H 59 -28.40 -8.19 36.40
C LYS H 59 -29.49 -7.53 37.24
N TYR H 60 -29.06 -6.80 38.27
CA TYR H 60 -29.98 -6.32 39.30
C TYR H 60 -29.83 -4.82 39.51
N ASP H 61 -30.90 -4.23 40.03
CA ASP H 61 -30.83 -2.88 40.56
C ASP H 61 -29.90 -2.88 41.78
N PRO H 62 -29.06 -1.86 41.94
CA PRO H 62 -28.19 -1.80 43.13
C PRO H 62 -28.93 -1.73 44.46
N LYS H 63 -30.12 -1.12 44.50
CA LYS H 63 -30.89 -1.09 45.74
C LYS H 63 -31.67 -2.36 45.99
N PHE H 64 -31.75 -3.27 45.01
CA PHE H 64 -32.32 -4.59 45.20
C PHE H 64 -31.27 -5.68 45.23
N GLN H 65 -30.00 -5.32 45.42
CA GLN H 65 -28.93 -6.30 45.39
C GLN H 65 -28.93 -7.12 46.69
N GLY H 66 -28.96 -8.44 46.55
CA GLY H 66 -28.99 -9.33 47.68
C GLY H 66 -30.37 -9.59 48.25
N LYS H 67 -31.40 -8.92 47.74
CA LYS H 67 -32.77 -9.10 48.18
C LYS H 67 -33.54 -10.07 47.29
N ALA H 68 -33.39 -9.94 45.98
CA ALA H 68 -34.08 -10.79 45.02
C ALA H 68 -33.06 -11.63 44.26
N THR H 69 -33.50 -12.83 43.86
CA THR H 69 -32.69 -13.75 43.05
C THR H 69 -33.59 -14.27 41.94
N ILE H 70 -33.09 -14.28 40.71
CA ILE H 70 -33.93 -14.50 39.54
C ILE H 70 -33.70 -15.91 39.02
N THR H 71 -34.78 -16.70 38.92
CA THR H 71 -34.69 -18.08 38.46
C THR H 71 -35.72 -18.33 37.38
N THR H 72 -35.28 -19.00 36.31
CA THR H 72 -36.12 -19.34 35.17
C THR H 72 -36.00 -20.84 34.89
N ASP H 73 -37.13 -21.53 34.84
CA ASP H 73 -37.16 -22.93 34.45
C ASP H 73 -37.35 -23.03 32.94
N THR H 74 -36.48 -23.81 32.29
CA THR H 74 -36.52 -23.92 30.83
C THR H 74 -37.69 -24.79 30.38
N PHE H 75 -37.93 -25.92 31.06
CA PHE H 75 -38.95 -26.86 30.63
C PHE H 75 -40.36 -26.36 30.91
N SER H 76 -40.60 -25.80 32.09
CA SER H 76 -41.94 -25.40 32.48
C SER H 76 -42.34 -24.03 31.96
N ASN H 77 -41.42 -23.34 31.27
CA ASN H 77 -41.67 -22.07 30.56
C ASN H 77 -42.13 -21.00 31.55
N THR H 78 -41.41 -20.90 32.67
CA THR H 78 -41.79 -20.06 33.80
C THR H 78 -40.56 -19.37 34.37
N ALA H 79 -40.81 -18.32 35.17
CA ALA H 79 -39.78 -17.62 35.91
C ALA H 79 -40.25 -17.41 37.35
N TYR H 80 -39.34 -17.56 38.31
CA TYR H 80 -39.68 -17.62 39.73
C TYR H 80 -38.98 -16.52 40.51
N LEU H 81 -39.74 -15.81 41.35
CA LEU H 81 -39.14 -14.89 42.31
C LEU H 81 -38.47 -15.66 43.43
N GLN H 82 -37.37 -15.12 43.95
CA GLN H 82 -36.72 -15.64 45.15
C GLN H 82 -36.33 -14.46 46.03
N LEU H 83 -37.12 -14.23 47.09
CA LEU H 83 -36.85 -13.17 48.05
C LEU H 83 -36.53 -13.81 49.40
N SER H 84 -35.39 -13.45 49.98
CA SER H 84 -34.85 -14.17 51.13
C SER H 84 -35.29 -13.54 52.46
N SER H 85 -34.93 -12.28 52.69
CA SER H 85 -35.16 -11.62 53.97
C SER H 85 -36.15 -10.47 53.74
N LEU H 86 -37.44 -10.78 53.86
CA LEU H 86 -38.47 -9.77 53.66
C LEU H 86 -38.63 -8.92 54.91
N THR H 87 -38.85 -7.62 54.70
CA THR H 87 -39.12 -6.70 55.79
C THR H 87 -40.60 -6.33 55.79
N SER H 88 -41.00 -5.55 56.80
CA SER H 88 -42.37 -5.09 56.90
C SER H 88 -42.71 -4.01 55.87
N GLU H 89 -41.70 -3.35 55.31
CA GLU H 89 -41.93 -2.35 54.27
C GLU H 89 -42.27 -2.98 52.94
N ASP H 90 -41.88 -4.24 52.72
CA ASP H 90 -41.98 -4.90 51.41
C ASP H 90 -43.40 -5.41 51.15
N THR H 91 -44.35 -4.48 51.09
CA THR H 91 -45.76 -4.77 50.82
C THR H 91 -46.15 -3.98 49.57
N ALA H 92 -46.13 -4.64 48.41
CA ALA H 92 -46.43 -3.97 47.16
C ALA H 92 -46.95 -5.01 46.16
N VAL H 93 -47.08 -4.60 44.91
CA VAL H 93 -47.49 -5.47 43.82
C VAL H 93 -46.31 -5.67 42.88
N TYR H 94 -46.22 -6.88 42.34
CA TYR H 94 -45.08 -7.29 41.52
C TYR H 94 -45.56 -7.60 40.11
N TYR H 95 -44.87 -7.06 39.12
CA TYR H 95 -45.33 -7.04 37.74
C TYR H 95 -44.35 -7.81 36.86
N CYS H 96 -44.86 -8.68 36.01
CA CYS H 96 -44.03 -9.49 35.12
C CYS H 96 -44.16 -8.99 33.70
N ALA H 97 -43.03 -8.62 33.11
CA ALA H 97 -43.01 -8.02 31.78
C ALA H 97 -41.86 -8.60 30.95
N ARG H 98 -41.99 -8.51 29.64
CA ARG H 98 -41.01 -9.03 28.71
C ARG H 98 -40.58 -7.92 27.75
N LYS H 99 -39.36 -8.07 27.22
CA LYS H 99 -38.79 -7.07 26.33
C LYS H 99 -39.48 -7.11 24.97
N GLY H 100 -39.77 -5.93 24.42
CA GLY H 100 -40.44 -5.85 23.14
C GLY H 100 -39.56 -5.43 21.98
N LEU H 101 -40.09 -4.58 21.10
CA LEU H 101 -39.43 -4.27 19.84
C LEU H 101 -38.29 -3.27 20.00
N ARG H 102 -38.44 -2.29 20.89
CA ARG H 102 -37.43 -1.26 21.06
C ARG H 102 -36.97 -1.18 22.50
N TRP H 103 -36.68 -2.36 23.09
CA TRP H 103 -36.29 -2.52 24.50
C TRP H 103 -37.37 -2.00 25.45
N ALA H 104 -38.62 -2.11 25.02
CA ALA H 104 -39.75 -1.57 25.75
C ALA H 104 -40.67 -2.70 26.18
N MET H 105 -41.05 -2.68 27.46
CA MET H 105 -41.86 -3.75 28.05
C MET H 105 -43.28 -3.62 27.53
N ASP H 106 -43.64 -4.48 26.55
CA ASP H 106 -44.93 -4.37 25.90
C ASP H 106 -45.98 -5.31 26.48
N TYR H 107 -45.61 -6.56 26.76
CA TYR H 107 -46.53 -7.53 27.31
C TYR H 107 -46.28 -7.67 28.80
N TRP H 108 -47.32 -7.44 29.59
CA TRP H 108 -47.21 -7.44 31.04
C TRP H 108 -48.12 -8.51 31.64
N GLY H 109 -47.77 -8.95 32.85
CA GLY H 109 -48.57 -9.90 33.59
C GLY H 109 -49.69 -9.23 34.35
N GLN H 110 -50.56 -10.06 34.93
CA GLN H 110 -51.72 -9.55 35.64
C GLN H 110 -51.40 -8.97 37.00
N GLY H 111 -50.21 -9.23 37.53
CA GLY H 111 -49.82 -8.64 38.80
C GLY H 111 -50.20 -9.50 39.99
N THR H 112 -49.39 -9.39 41.04
CA THR H 112 -49.61 -10.14 42.28
C THR H 112 -49.17 -9.27 43.44
N SER H 113 -50.11 -8.96 44.34
CA SER H 113 -49.83 -8.11 45.48
C SER H 113 -49.36 -8.96 46.65
N VAL H 114 -48.13 -8.75 47.09
CA VAL H 114 -47.63 -9.37 48.30
C VAL H 114 -48.00 -8.47 49.47
N THR H 115 -48.15 -9.06 50.65
CA THR H 115 -48.51 -8.32 51.85
C THR H 115 -47.78 -8.90 53.04
N VAL H 116 -47.06 -8.04 53.76
CA VAL H 116 -46.34 -8.42 54.97
C VAL H 116 -47.00 -7.69 56.12
N SER H 117 -47.72 -8.43 56.96
CA SER H 117 -48.44 -7.86 58.10
C SER H 117 -48.64 -8.97 59.13
N THR H 118 -49.46 -8.69 60.13
CA THR H 118 -49.76 -9.65 61.18
C THR H 118 -51.24 -9.99 61.21
N ASN I 20 -26.63 5.39 36.57
CA ASN I 20 -28.05 5.51 36.86
C ASN I 20 -28.64 6.75 36.21
N ILE I 21 -29.76 6.58 35.51
CA ILE I 21 -30.43 7.67 34.82
C ILE I 21 -31.82 7.81 35.42
N VAL I 22 -32.14 9.01 35.92
CA VAL I 22 -33.42 9.27 36.55
C VAL I 22 -34.33 10.01 35.57
N MET I 23 -35.62 9.75 35.67
CA MET I 23 -36.63 10.36 34.80
C MET I 23 -37.54 11.24 35.65
N THR I 24 -37.72 12.49 35.23
CA THR I 24 -38.56 13.44 35.93
C THR I 24 -39.73 13.83 35.05
N GLN I 25 -40.94 13.73 35.58
CA GLN I 25 -42.15 14.07 34.86
C GLN I 25 -42.85 15.24 35.56
N SER I 26 -43.34 16.18 34.76
CA SER I 26 -44.01 17.36 35.26
C SER I 26 -45.11 17.75 34.28
N PRO I 27 -46.24 18.32 34.75
CA PRO I 27 -46.66 18.55 36.14
C PRO I 27 -47.16 17.28 36.82
N LYS I 28 -47.41 17.32 38.13
CA LYS I 28 -47.83 16.12 38.85
C LYS I 28 -49.25 15.71 38.49
N SER I 29 -50.16 16.66 38.36
CA SER I 29 -51.54 16.34 37.99
C SER I 29 -52.18 17.55 37.33
N MET I 30 -53.25 17.27 36.56
CA MET I 30 -54.07 18.32 35.97
C MET I 30 -55.48 17.77 35.77
N SER I 31 -56.46 18.67 35.81
CA SER I 31 -57.87 18.32 35.63
C SER I 31 -58.40 19.12 34.45
N MET I 32 -58.52 18.47 33.30
CA MET I 32 -58.98 19.10 32.07
C MET I 32 -60.25 18.44 31.58
N SER I 33 -61.03 19.20 30.81
CA SER I 33 -62.29 18.70 30.28
C SER I 33 -62.05 17.74 29.10
N VAL I 34 -63.12 17.04 28.74
CA VAL I 34 -63.06 16.05 27.66
C VAL I 34 -63.04 16.79 26.32
N GLY I 35 -62.04 16.52 25.50
CA GLY I 35 -61.97 17.04 24.15
C GLY I 35 -60.91 18.09 23.87
N GLU I 36 -60.03 18.39 24.82
CA GLU I 36 -59.03 19.43 24.64
C GLU I 36 -57.62 18.85 24.67
N ARG I 37 -56.68 19.66 24.19
CA ARG I 37 -55.29 19.24 24.06
C ARG I 37 -54.61 19.19 25.42
N VAL I 38 -53.94 18.08 25.70
CA VAL I 38 -53.17 17.90 26.92
C VAL I 38 -51.76 17.49 26.54
N THR I 39 -50.77 18.28 26.95
CA THR I 39 -49.37 17.97 26.75
C THR I 39 -48.77 17.48 28.06
N LEU I 40 -47.63 16.79 27.96
CA LEU I 40 -47.02 16.17 29.12
C LEU I 40 -45.53 16.01 28.83
N SER I 41 -44.70 16.21 29.85
CA SER I 41 -43.27 16.32 29.66
C SER I 41 -42.51 15.30 30.52
N CYS I 42 -41.45 14.74 29.93
CA CYS I 42 -40.51 13.87 30.63
C CYS I 42 -39.09 14.30 30.29
N LYS I 43 -38.17 14.15 31.23
CA LYS I 43 -36.80 14.57 31.03
C LYS I 43 -35.85 13.55 31.64
N ALA I 44 -34.69 13.40 31.01
CA ALA I 44 -33.69 12.43 31.44
C ALA I 44 -32.43 13.14 31.93
N SER I 45 -31.79 12.55 32.93
CA SER I 45 -30.60 13.17 33.51
C SER I 45 -29.41 13.05 32.57
N GLU I 46 -29.23 11.87 31.97
CA GLU I 46 -28.14 11.57 31.06
C GLU I 46 -28.76 11.35 29.68
N TYR I 47 -27.93 11.20 28.66
CA TYR I 47 -28.39 10.95 27.29
C TYR I 47 -29.10 9.61 27.18
N VAL I 48 -30.32 9.65 26.66
CA VAL I 48 -31.00 8.48 26.11
C VAL I 48 -31.35 8.83 24.67
N GLY I 49 -31.09 7.91 23.75
CA GLY I 49 -31.18 8.27 22.35
C GLY I 49 -32.58 8.51 21.84
N THR I 50 -33.33 7.43 21.67
CA THR I 50 -34.75 7.48 21.41
C THR I 50 -35.50 6.46 22.24
N TYR I 51 -34.81 5.78 23.16
CA TYR I 51 -35.37 4.65 23.89
C TYR I 51 -36.12 5.12 25.13
N VAL I 52 -37.23 5.82 24.89
CA VAL I 52 -38.11 6.31 25.95
C VAL I 52 -39.52 5.82 25.68
N SER I 53 -40.10 5.13 26.66
CA SER I 53 -41.38 4.46 26.50
C SER I 53 -42.44 5.15 27.35
N TRP I 54 -43.69 5.01 26.93
CA TRP I 54 -44.82 5.56 27.65
C TRP I 54 -45.82 4.45 27.95
N TYR I 55 -46.42 4.50 29.13
CA TYR I 55 -47.27 3.42 29.61
C TYR I 55 -48.62 3.94 30.07
N GLN I 56 -49.61 3.06 30.01
CA GLN I 56 -51.01 3.36 30.32
C GLN I 56 -51.41 2.56 31.55
N GLN I 57 -51.47 3.22 32.71
CA GLN I 57 -51.75 2.57 33.97
C GLN I 57 -53.17 2.94 34.41
N LYS I 58 -54.13 2.12 34.00
CA LYS I 58 -55.49 2.27 34.51
C LYS I 58 -55.57 1.69 35.93
N PRO I 59 -56.42 2.26 36.80
CA PRO I 59 -56.44 1.80 38.20
C PRO I 59 -57.01 0.39 38.34
N GLU I 60 -56.26 -0.44 39.08
CA GLU I 60 -56.45 -1.89 39.22
C GLU I 60 -56.36 -2.62 37.88
N GLN I 61 -55.51 -2.13 36.97
CA GLN I 61 -55.03 -2.92 35.85
C GLN I 61 -53.54 -2.71 35.67
N SER I 62 -52.92 -3.65 34.97
CA SER I 62 -51.50 -3.62 34.66
C SER I 62 -51.21 -2.53 33.63
N PRO I 63 -49.97 -2.00 33.58
CA PRO I 63 -49.63 -1.01 32.56
C PRO I 63 -49.68 -1.59 31.15
N LYS I 64 -50.10 -0.75 30.21
CA LYS I 64 -50.12 -1.07 28.79
C LYS I 64 -49.24 -0.07 28.06
N LEU I 65 -48.44 -0.56 27.11
CA LEU I 65 -47.54 0.31 26.37
C LEU I 65 -48.33 1.19 25.40
N LEU I 66 -47.89 2.43 25.26
CA LEU I 66 -48.51 3.38 24.35
C LEU I 66 -47.59 3.80 23.21
N ILE I 67 -46.36 4.20 23.53
CA ILE I 67 -45.38 4.59 22.53
C ILE I 67 -44.05 3.89 22.87
N TYR I 68 -43.60 3.01 21.99
CA TYR I 68 -42.29 2.40 22.12
C TYR I 68 -41.31 3.19 21.27
N GLY I 69 -40.15 3.51 21.84
CA GLY I 69 -39.24 4.44 21.21
C GLY I 69 -39.75 5.87 21.32
N ALA I 70 -38.96 6.80 20.80
CA ALA I 70 -39.36 8.20 20.80
C ALA I 70 -40.12 8.47 19.51
N SER I 71 -41.39 8.84 19.65
CA SER I 71 -42.31 9.18 18.55
C SER I 71 -42.48 8.01 17.58
N ASN I 72 -43.05 6.92 18.10
CA ASN I 72 -43.33 5.73 17.30
C ASN I 72 -44.51 5.01 17.93
N ARG I 73 -45.68 5.13 17.33
CA ARG I 73 -46.92 4.69 17.95
C ARG I 73 -47.03 3.17 17.95
N TYR I 74 -47.61 2.63 19.02
CA TYR I 74 -47.82 1.20 19.16
C TYR I 74 -49.08 0.77 18.41
N THR I 75 -49.18 -0.54 18.13
CA THR I 75 -50.36 -1.09 17.50
C THR I 75 -51.46 -1.32 18.53
N GLY I 76 -52.68 -1.00 18.16
CA GLY I 76 -53.83 -1.18 19.04
C GLY I 76 -54.15 -0.01 19.94
N VAL I 77 -53.49 1.13 19.77
CA VAL I 77 -53.80 2.32 20.55
C VAL I 77 -54.40 3.35 19.59
N PRO I 78 -55.19 4.32 20.08
CA PRO I 78 -55.77 5.31 19.17
C PRO I 78 -54.72 6.25 18.59
N ASP I 79 -55.10 6.89 17.48
CA ASP I 79 -54.22 7.79 16.75
C ASP I 79 -53.97 9.11 17.48
N ARG I 80 -54.80 9.44 18.48
CA ARG I 80 -54.67 10.72 19.17
C ARG I 80 -53.43 10.81 20.05
N PHE I 81 -52.80 9.69 20.38
CA PHE I 81 -51.59 9.68 21.19
C PHE I 81 -50.39 9.91 20.28
N THR I 82 -49.73 11.05 20.42
CA THR I 82 -48.57 11.40 19.63
C THR I 82 -47.37 11.61 20.55
N GLY I 83 -46.26 10.94 20.25
CA GLY I 83 -45.03 11.11 20.98
C GLY I 83 -44.10 12.08 20.30
N SER I 84 -43.14 12.59 21.06
CA SER I 84 -42.13 13.50 20.54
C SER I 84 -40.85 13.28 21.33
N GLY I 85 -39.72 13.23 20.62
CA GLY I 85 -38.48 12.80 21.23
C GLY I 85 -37.30 13.65 20.80
N SER I 86 -36.29 13.66 21.65
CA SER I 86 -35.02 14.35 21.42
C SER I 86 -33.94 13.53 22.12
N ALA I 87 -32.80 14.17 22.40
CA ALA I 87 -31.78 13.53 23.22
C ALA I 87 -32.14 13.56 24.70
N THR I 88 -32.80 14.62 25.16
CA THR I 88 -33.13 14.77 26.57
C THR I 88 -34.59 15.09 26.81
N ASP I 89 -35.21 15.89 25.94
CA ASP I 89 -36.59 16.33 26.13
C ASP I 89 -37.55 15.38 25.40
N PHE I 90 -38.55 14.89 26.12
CA PHE I 90 -39.53 13.97 25.55
C PHE I 90 -40.94 14.44 25.93
N THR I 91 -41.82 14.48 24.94
CA THR I 91 -43.14 15.06 25.11
C THR I 91 -44.21 14.09 24.60
N LEU I 92 -45.23 13.86 25.42
CA LEU I 92 -46.41 13.09 25.02
C LEU I 92 -47.60 14.03 25.02
N THR I 93 -48.31 14.09 23.90
CA THR I 93 -49.46 14.96 23.72
C THR I 93 -50.67 14.15 23.29
N ILE I 94 -51.85 14.59 23.74
CA ILE I 94 -53.12 14.01 23.34
C ILE I 94 -53.93 15.09 22.65
N GLY I 95 -54.38 14.80 21.43
CA GLY I 95 -55.12 15.80 20.66
C GLY I 95 -56.50 16.10 21.23
N SER I 96 -57.18 15.06 21.71
CA SER I 96 -58.52 15.24 22.30
C SER I 96 -58.70 14.14 23.35
N VAL I 97 -58.75 14.53 24.62
CA VAL I 97 -58.91 13.57 25.69
C VAL I 97 -60.36 13.11 25.76
N GLN I 98 -60.56 11.79 25.81
CA GLN I 98 -61.88 11.21 26.03
C GLN I 98 -62.02 10.75 27.48
N ALA I 99 -63.15 10.12 27.79
CA ALA I 99 -63.45 9.70 29.15
C ALA I 99 -62.73 8.42 29.56
N GLU I 100 -62.12 7.71 28.62
CA GLU I 100 -61.37 6.50 28.92
C GLU I 100 -59.90 6.77 29.20
N ASP I 101 -59.49 8.03 29.21
CA ASP I 101 -58.10 8.41 29.44
C ASP I 101 -57.84 8.81 30.89
N LEU I 102 -58.72 8.43 31.82
CA LEU I 102 -58.57 8.77 33.23
C LEU I 102 -57.60 7.77 33.86
N ALA I 103 -56.31 8.01 33.62
CA ALA I 103 -55.26 7.10 34.07
C ALA I 103 -53.95 7.86 34.13
N ASP I 104 -53.00 7.33 34.88
CA ASP I 104 -51.70 7.98 35.04
C ASP I 104 -50.67 7.37 34.11
N TYR I 105 -49.78 8.22 33.61
CA TYR I 105 -48.81 7.87 32.57
C TYR I 105 -47.41 7.83 33.15
N HIS I 106 -46.63 6.86 32.69
CA HIS I 106 -45.27 6.64 33.16
C HIS I 106 -44.28 6.74 32.02
N CYS I 107 -43.17 7.41 32.28
CA CYS I 107 -42.09 7.58 31.32
C CYS I 107 -40.91 6.72 31.75
N GLY I 108 -40.47 5.83 30.87
CA GLY I 108 -39.38 4.93 31.20
C GLY I 108 -38.36 4.86 30.08
N GLN I 109 -37.09 4.81 30.48
CA GLN I 109 -35.98 4.79 29.54
C GLN I 109 -35.42 3.38 29.44
N SER I 110 -34.75 3.10 28.31
CA SER I 110 -34.19 1.78 28.08
C SER I 110 -32.81 1.82 27.42
N TYR I 111 -32.18 2.99 27.30
CA TYR I 111 -30.83 3.07 26.76
C TYR I 111 -29.82 2.39 27.69
N SER I 112 -30.09 2.41 28.99
CA SER I 112 -29.30 1.72 29.99
C SER I 112 -30.22 0.70 30.64
N TYR I 113 -29.83 0.16 31.79
CA TYR I 113 -30.77 -0.60 32.60
C TYR I 113 -31.98 0.28 32.93
N PRO I 114 -33.19 -0.25 32.81
CA PRO I 114 -34.38 0.63 32.76
C PRO I 114 -34.72 1.24 34.10
N THR I 115 -35.10 2.51 34.06
CA THR I 115 -35.65 3.24 35.18
C THR I 115 -36.94 3.92 34.72
N PHE I 116 -37.64 4.55 35.66
CA PHE I 116 -38.94 5.13 35.36
C PHE I 116 -39.05 6.51 35.99
N GLY I 117 -40.17 7.18 35.71
CA GLY I 117 -40.50 8.44 36.33
C GLY I 117 -41.35 8.24 37.58
N ALA I 118 -42.09 9.30 37.93
CA ALA I 118 -42.94 9.24 39.10
C ALA I 118 -44.38 8.86 38.73
N GLY I 119 -44.87 9.36 37.61
CA GLY I 119 -46.24 9.10 37.19
C GLY I 119 -47.15 10.29 37.43
N THR I 120 -47.86 10.73 36.40
CA THR I 120 -48.69 11.92 36.46
C THR I 120 -50.14 11.52 36.25
N LYS I 121 -50.99 11.80 37.25
CA LYS I 121 -52.37 11.37 37.21
C LYS I 121 -53.22 12.28 36.32
N LEU I 122 -54.35 11.74 35.86
CA LEU I 122 -55.31 12.47 35.06
C LEU I 122 -56.70 12.29 35.66
N GLU I 123 -57.51 13.34 35.57
CA GLU I 123 -58.87 13.30 36.07
C GLU I 123 -59.74 14.28 35.29
N LEU I 124 -61.05 14.10 35.41
CA LEU I 124 -62.03 14.91 34.69
C LEU I 124 -62.89 15.67 35.70
N LYS I 125 -63.10 16.95 35.43
CA LYS I 125 -63.97 17.79 36.24
C LYS I 125 -65.43 17.36 36.09
#